data_1C9T
#
_entry.id   1C9T
#
_cell.length_a   95.22
_cell.length_b   108.78
_cell.length_c   95.71
_cell.angle_alpha   90
_cell.angle_beta   93.7
_cell.angle_gamma   90
#
_symmetry.space_group_name_H-M   'P 1 21 1'
#
loop_
_entity.id
_entity.type
_entity.pdbx_description
1 polymer TRYPSIN
2 polymer BDELLASTASIN
3 water water
#
loop_
_entity_poly.entity_id
_entity_poly.type
_entity_poly.pdbx_seq_one_letter_code
_entity_poly.pdbx_strand_id
1 'polypeptide(L)'
;IVGGYTCGANTVPYQVSLNSGYHFCGGSLINSQWVVSAAHCYKSGIQVRLGEDNINVVEGNEQFISASKSIVHPSYNSNT
LNNDIMLIKLKSAASLNSRVASISLPTSCASAGTQCLISGWGNTKSSGTSYPDVLKCLKAPILSDSSCKSAYPGQITSNM
FCAGYLEGGKDSCQGDSGGPVVCSGKLQGIVSWGSGCAQKNKPGVYTKVCNYVSWIKQTIASN
;
A,B,C,D,E,F
2 'polypeptide(L)' FDVNSHTTPCGPVTCSGAQMCEVDKCVCSDLHCKVKCEHGFKKDDNGCEYACICADAPQ G,H,I,J,K,L
#
# COMPACT_ATOMS: atom_id res chain seq x y z
N ILE A 1 -51.65 30.13 7.33
CA ILE A 1 -51.70 31.60 7.49
C ILE A 1 -51.06 31.85 8.82
N VAL A 2 -49.84 32.39 8.80
CA VAL A 2 -49.11 32.70 10.02
C VAL A 2 -49.72 33.93 10.69
N GLY A 3 -50.17 33.73 11.92
CA GLY A 3 -50.78 34.79 12.70
C GLY A 3 -52.10 35.26 12.16
N GLY A 4 -53.07 34.36 12.11
CA GLY A 4 -54.39 34.73 11.61
C GLY A 4 -55.49 34.32 12.54
N TYR A 5 -56.72 34.49 12.10
CA TYR A 5 -57.85 34.12 12.92
C TYR A 5 -58.72 33.12 12.18
N THR A 6 -59.38 32.21 12.90
CA THR A 6 -60.24 31.24 12.24
C THR A 6 -61.34 32.03 11.55
N CYS A 7 -61.62 31.74 10.29
CA CYS A 7 -62.66 32.45 9.57
C CYS A 7 -64.02 32.04 10.14
N GLY A 8 -64.15 30.76 10.48
CA GLY A 8 -65.39 30.25 11.05
C GLY A 8 -66.60 30.31 10.14
N ALA A 9 -67.63 29.55 10.50
CA ALA A 9 -68.88 29.49 9.73
C ALA A 9 -68.60 29.36 8.24
N ASN A 10 -68.80 30.45 7.50
CA ASN A 10 -68.55 30.46 6.04
C ASN A 10 -68.67 31.88 5.47
N THR A 11 -67.52 32.55 5.43
CA THR A 11 -67.44 33.92 4.95
C THR A 11 -66.44 33.99 3.81
N VAL A 12 -65.87 32.84 3.48
CA VAL A 12 -64.91 32.69 2.39
C VAL A 12 -65.45 31.53 1.57
N PRO A 13 -66.64 31.71 0.94
CA PRO A 13 -67.34 30.75 0.11
C PRO A 13 -66.57 30.41 -1.18
N TYR A 14 -65.85 31.40 -1.70
CA TYR A 14 -65.09 31.21 -2.91
C TYR A 14 -63.79 30.48 -2.69
N GLN A 15 -63.52 30.07 -1.46
CA GLN A 15 -62.27 29.36 -1.20
C GLN A 15 -62.37 27.90 -1.63
N VAL A 16 -61.28 27.35 -2.15
CA VAL A 16 -61.24 25.93 -2.52
C VAL A 16 -59.86 25.34 -2.20
N SER A 17 -59.85 24.04 -1.92
CA SER A 17 -58.66 23.33 -1.57
C SER A 17 -58.26 22.41 -2.71
N LEU A 18 -57.00 22.48 -3.15
CA LEU A 18 -56.50 21.62 -4.21
C LEU A 18 -55.85 20.44 -3.54
N ASN A 19 -56.40 19.27 -3.79
CA ASN A 19 -55.94 18.02 -3.22
C ASN A 19 -55.28 17.11 -4.24
N SER A 20 -54.24 16.40 -3.81
CA SER A 20 -53.53 15.46 -4.66
C SER A 20 -53.11 14.36 -3.72
N GLY A 21 -54.10 13.82 -3.01
CA GLY A 21 -53.83 12.78 -2.06
C GLY A 21 -53.94 13.46 -0.72
N TYR A 22 -53.55 14.73 -0.69
CA TYR A 22 -53.57 15.56 0.52
C TYR A 22 -53.65 17.00 0.06
N HIS A 23 -53.96 17.92 0.98
CA HIS A 23 -54.05 19.34 0.61
C HIS A 23 -52.66 19.86 0.31
N PHE A 24 -52.54 20.65 -0.75
CA PHE A 24 -51.24 21.19 -1.10
C PHE A 24 -51.33 22.61 -1.61
N CYS A 25 -52.53 23.12 -1.82
CA CYS A 25 -52.68 24.48 -2.29
C CYS A 25 -54.13 24.90 -2.11
N GLY A 26 -54.40 26.16 -2.41
CA GLY A 26 -55.75 26.69 -2.32
C GLY A 26 -56.07 27.23 -3.69
N GLY A 27 -57.17 27.96 -3.81
CA GLY A 27 -57.53 28.52 -5.10
C GLY A 27 -58.83 29.26 -4.95
N SER A 28 -59.19 30.08 -5.93
CA SER A 28 -60.45 30.81 -5.85
C SER A 28 -61.41 30.38 -6.94
N LEU A 29 -62.70 30.30 -6.59
CA LEU A 29 -63.74 29.93 -7.56
C LEU A 29 -64.18 31.19 -8.28
N ILE A 30 -63.88 31.26 -9.59
CA ILE A 30 -64.21 32.41 -10.43
C ILE A 30 -65.64 32.30 -10.95
N ASN A 31 -66.14 31.07 -11.05
CA ASN A 31 -67.52 30.83 -11.49
C ASN A 31 -67.70 29.33 -11.56
N SER A 32 -68.92 28.87 -11.38
CA SER A 32 -69.28 27.46 -11.40
C SER A 32 -68.27 26.44 -11.91
N GLN A 33 -67.71 26.67 -13.09
CA GLN A 33 -66.78 25.70 -13.64
C GLN A 33 -65.30 25.97 -13.61
N TRP A 34 -64.89 27.20 -13.31
CA TRP A 34 -63.46 27.53 -13.28
C TRP A 34 -62.89 27.97 -11.92
N VAL A 35 -61.64 27.60 -11.68
CA VAL A 35 -60.93 27.91 -10.45
C VAL A 35 -59.59 28.53 -10.81
N VAL A 36 -59.28 29.70 -10.28
CA VAL A 36 -57.99 30.35 -10.56
C VAL A 36 -57.02 29.99 -9.43
N SER A 37 -55.74 29.82 -9.76
CA SER A 37 -54.74 29.44 -8.78
C SER A 37 -53.31 29.78 -9.17
N ALA A 38 -52.37 29.40 -8.31
CA ALA A 38 -50.95 29.66 -8.54
C ALA A 38 -50.42 28.63 -9.51
N ALA A 39 -49.83 29.06 -10.61
CA ALA A 39 -49.31 28.13 -11.61
C ALA A 39 -48.35 27.11 -11.03
N HIS A 40 -47.64 27.48 -9.96
CA HIS A 40 -46.70 26.54 -9.32
C HIS A 40 -47.39 25.44 -8.49
N CYS A 41 -48.71 25.55 -8.39
CA CYS A 41 -49.53 24.57 -7.69
C CYS A 41 -49.93 23.49 -8.68
N TYR A 42 -49.60 23.70 -9.96
CA TYR A 42 -49.91 22.72 -10.99
C TYR A 42 -49.39 21.35 -10.58
N LYS A 43 -50.19 20.34 -10.82
CA LYS A 43 -49.87 18.96 -10.54
C LYS A 43 -50.73 18.14 -11.52
N SER A 44 -50.29 16.92 -11.83
CA SER A 44 -51.07 16.07 -12.72
C SER A 44 -52.31 15.55 -11.99
N GLY A 45 -53.49 15.80 -12.54
CA GLY A 45 -54.71 15.32 -11.91
C GLY A 45 -55.02 15.82 -10.51
N ILE A 46 -55.37 17.10 -10.42
CA ILE A 46 -55.71 17.75 -9.17
C ILE A 46 -57.19 17.56 -8.88
N GLN A 47 -57.57 17.51 -7.62
CA GLN A 47 -58.97 17.35 -7.27
C GLN A 47 -59.30 18.54 -6.41
N VAL A 48 -60.34 19.27 -6.79
CA VAL A 48 -60.76 20.44 -6.05
C VAL A 48 -61.80 20.16 -4.96
N ARG A 49 -61.55 20.58 -3.72
CA ARG A 49 -62.53 20.43 -2.64
C ARG A 49 -63.08 21.83 -2.38
N LEU A 50 -64.37 22.03 -2.65
CA LEU A 50 -64.99 23.33 -2.45
C LEU A 50 -65.76 23.38 -1.14
N GLY A 51 -66.27 24.54 -0.78
CA GLY A 51 -67.06 24.68 0.43
C GLY A 51 -66.53 23.95 1.65
N GLU A 52 -65.22 23.96 1.83
CA GLU A 52 -64.58 23.31 2.96
C GLU A 52 -64.55 24.21 4.18
N ASP A 53 -64.60 23.60 5.34
CA ASP A 53 -64.53 24.31 6.61
C ASP A 53 -63.32 23.65 7.24
N ASN A 54 -63.49 22.37 7.56
CA ASN A 54 -62.41 21.58 8.13
C ASN A 54 -61.98 20.67 6.97
N ILE A 55 -60.69 20.68 6.63
CA ILE A 55 -60.22 19.84 5.53
C ILE A 55 -59.87 18.42 5.97
N ASN A 56 -60.72 17.83 6.81
CA ASN A 56 -60.52 16.47 7.29
C ASN A 56 -61.87 15.85 7.64
N VAL A 57 -62.78 16.65 8.19
CA VAL A 57 -64.10 16.16 8.55
C VAL A 57 -65.15 16.73 7.58
N VAL A 58 -66.22 15.97 7.32
CA VAL A 58 -67.29 16.42 6.42
C VAL A 58 -68.16 17.50 7.08
N GLU A 59 -67.70 18.74 7.03
CA GLU A 59 -68.43 19.84 7.64
C GLU A 59 -69.57 20.34 6.75
N GLY A 60 -70.58 19.49 6.59
CA GLY A 60 -71.73 19.84 5.77
C GLY A 60 -71.42 19.93 4.29
N ASN A 61 -70.84 21.06 3.89
CA ASN A 61 -70.49 21.28 2.49
C ASN A 61 -69.26 20.45 2.14
N GLU A 62 -69.44 19.48 1.25
CA GLU A 62 -68.36 18.61 0.83
C GLU A 62 -68.47 18.38 -0.68
N GLN A 63 -67.51 18.90 -1.43
CA GLN A 63 -67.52 18.76 -2.89
C GLN A 63 -66.14 18.48 -3.45
N PHE A 64 -65.88 17.22 -3.79
CA PHE A 64 -64.60 16.84 -4.38
C PHE A 64 -64.89 16.68 -5.90
N ILE A 65 -64.31 17.54 -6.72
CA ILE A 65 -64.52 17.48 -8.16
C ILE A 65 -63.17 17.36 -8.86
N SER A 66 -63.08 16.47 -9.84
CA SER A 66 -61.84 16.31 -10.57
C SER A 66 -61.65 17.50 -11.53
N ALA A 67 -60.41 17.81 -11.89
CA ALA A 67 -60.17 18.91 -12.82
C ALA A 67 -60.04 18.41 -14.26
N SER A 68 -60.85 18.95 -15.19
CA SER A 68 -60.78 18.54 -16.60
C SER A 68 -59.51 19.09 -17.21
N LYS A 69 -59.43 20.39 -17.40
CA LYS A 69 -58.24 21.03 -17.98
C LYS A 69 -57.55 21.87 -16.89
N SER A 70 -56.23 21.75 -16.75
CA SER A 70 -55.45 22.53 -15.79
C SER A 70 -54.50 23.39 -16.65
N ILE A 71 -54.98 24.55 -17.08
CA ILE A 71 -54.24 25.47 -17.95
C ILE A 71 -53.32 26.45 -17.23
N VAL A 72 -52.02 26.21 -17.34
CA VAL A 72 -50.97 27.06 -16.70
C VAL A 72 -50.68 28.27 -17.58
N HIS A 73 -50.36 29.42 -17.02
CA HIS A 73 -50.05 30.57 -17.88
C HIS A 73 -48.82 30.30 -18.73
N PRO A 74 -48.89 30.56 -20.05
CA PRO A 74 -47.88 30.38 -21.10
C PRO A 74 -46.55 31.11 -20.95
N SER A 75 -46.36 31.83 -19.85
CA SER A 75 -45.13 32.55 -19.65
C SER A 75 -44.67 32.41 -18.24
N TYR A 76 -45.36 31.58 -17.47
CA TYR A 76 -44.98 31.38 -16.09
C TYR A 76 -43.53 30.89 -16.07
N ASN A 77 -42.68 31.55 -15.29
CA ASN A 77 -41.29 31.14 -15.21
C ASN A 77 -41.09 30.45 -13.87
N SER A 78 -40.88 29.15 -13.91
CA SER A 78 -40.67 28.36 -12.71
C SER A 78 -39.53 28.86 -11.83
N ASN A 79 -38.66 29.68 -12.39
CA ASN A 79 -37.56 30.20 -11.60
C ASN A 79 -37.95 31.49 -10.92
N THR A 80 -38.23 32.52 -11.71
CA THR A 80 -38.59 33.81 -11.14
C THR A 80 -39.97 33.86 -10.50
N LEU A 81 -40.78 32.86 -10.81
CA LEU A 81 -42.16 32.79 -10.34
C LEU A 81 -42.93 33.98 -10.91
N ASN A 82 -42.53 34.44 -12.09
CA ASN A 82 -43.23 35.54 -12.72
C ASN A 82 -44.36 34.90 -13.45
N ASN A 83 -45.52 35.55 -13.46
CA ASN A 83 -46.68 35.01 -14.12
C ASN A 83 -47.14 33.74 -13.43
N ASP A 84 -47.07 33.72 -12.10
CA ASP A 84 -47.52 32.58 -11.33
C ASP A 84 -49.06 32.60 -11.30
N ILE A 85 -49.71 32.12 -12.36
CA ILE A 85 -51.18 32.06 -12.45
C ILE A 85 -51.61 30.87 -13.33
N MET A 86 -52.63 30.13 -12.89
CA MET A 86 -53.09 28.96 -13.62
C MET A 86 -54.59 28.85 -13.48
N LEU A 87 -55.28 28.39 -14.51
CA LEU A 87 -56.72 28.24 -14.49
C LEU A 87 -57.08 26.77 -14.50
N ILE A 88 -58.03 26.41 -13.66
CA ILE A 88 -58.48 25.03 -13.54
C ILE A 88 -59.94 24.95 -13.98
N LYS A 89 -60.26 23.93 -14.78
CA LYS A 89 -61.62 23.73 -15.21
C LYS A 89 -62.09 22.45 -14.55
N LEU A 90 -63.20 22.55 -13.83
CA LEU A 90 -63.75 21.43 -13.12
C LEU A 90 -64.49 20.54 -14.07
N LYS A 91 -64.24 19.23 -13.92
CA LYS A 91 -64.87 18.20 -14.73
C LYS A 91 -66.36 18.47 -14.76
N SER A 92 -66.92 18.84 -13.61
CA SER A 92 -68.34 19.14 -13.49
C SER A 92 -68.44 20.54 -12.91
N ALA A 93 -69.51 21.28 -13.21
CA ALA A 93 -69.64 22.63 -12.69
C ALA A 93 -70.01 22.53 -11.23
N ALA A 94 -69.38 23.38 -10.43
CA ALA A 94 -69.61 23.46 -8.98
C ALA A 94 -70.98 24.10 -8.76
N SER A 95 -71.61 23.70 -7.66
CA SER A 95 -72.93 24.18 -7.27
C SER A 95 -72.90 25.54 -6.58
N LEU A 96 -73.10 26.61 -7.32
CA LEU A 96 -73.12 27.93 -6.71
C LEU A 96 -74.32 28.07 -5.77
N ASN A 97 -74.16 28.90 -4.75
CA ASN A 97 -75.21 29.17 -3.78
C ASN A 97 -74.65 29.99 -2.63
N SER A 98 -75.37 30.02 -1.52
CA SER A 98 -74.95 30.76 -0.34
C SER A 98 -73.71 30.15 0.31
N ARG A 99 -73.48 28.87 0.03
CA ARG A 99 -72.33 28.17 0.59
C ARG A 99 -71.11 28.39 -0.28
N VAL A 100 -71.10 27.79 -1.47
CA VAL A 100 -69.99 27.94 -2.39
C VAL A 100 -70.43 29.07 -3.30
N ALA A 101 -69.61 30.09 -3.43
CA ALA A 101 -69.96 31.23 -4.28
C ALA A 101 -68.70 31.70 -4.96
N SER A 102 -68.84 32.27 -6.14
CA SER A 102 -67.68 32.75 -6.87
C SER A 102 -67.24 34.11 -6.38
N ILE A 103 -65.96 34.42 -6.54
CA ILE A 103 -65.42 35.73 -6.16
C ILE A 103 -65.29 36.49 -7.47
N SER A 104 -65.42 37.82 -7.45
CA SER A 104 -65.33 38.59 -8.68
C SER A 104 -63.91 38.93 -9.10
N LEU A 105 -63.68 39.06 -10.41
CA LEU A 105 -62.38 39.45 -10.94
C LEU A 105 -62.37 40.95 -10.87
N PRO A 106 -61.19 41.56 -10.67
CA PRO A 106 -61.05 43.00 -10.58
C PRO A 106 -61.11 43.69 -11.94
N THR A 107 -61.43 44.98 -11.92
CA THR A 107 -61.47 45.75 -13.16
C THR A 107 -60.30 46.72 -13.17
N SER A 108 -59.81 47.03 -11.98
CA SER A 108 -58.69 47.93 -11.83
C SER A 108 -57.90 47.45 -10.63
N CYS A 109 -56.59 47.57 -10.71
CA CYS A 109 -55.70 47.15 -9.63
C CYS A 109 -55.86 47.95 -8.33
N ALA A 110 -55.64 47.26 -7.21
CA ALA A 110 -55.76 47.90 -5.89
C ALA A 110 -54.57 48.81 -5.66
N SER A 111 -54.87 50.03 -5.21
CA SER A 111 -53.84 51.01 -4.92
C SER A 111 -53.18 50.59 -3.62
N ALA A 112 -51.91 50.91 -3.44
CA ALA A 112 -51.20 50.52 -2.22
C ALA A 112 -51.96 51.10 -1.04
N GLY A 113 -52.03 50.33 0.03
CA GLY A 113 -52.76 50.82 1.18
C GLY A 113 -54.07 50.08 1.34
N THR A 114 -54.59 49.54 0.24
CA THR A 114 -55.86 48.79 0.27
C THR A 114 -55.81 47.60 1.24
N GLN A 115 -56.86 47.47 2.04
CA GLN A 115 -56.92 46.38 3.01
C GLN A 115 -57.59 45.18 2.32
N CYS A 116 -56.95 44.01 2.41
CA CYS A 116 -57.43 42.79 1.78
C CYS A 116 -57.55 41.63 2.76
N LEU A 117 -58.17 40.54 2.30
CA LEU A 117 -58.37 39.33 3.09
C LEU A 117 -57.69 38.18 2.40
N ILE A 118 -56.68 37.62 3.07
CA ILE A 118 -55.93 36.48 2.57
C ILE A 118 -56.45 35.31 3.38
N SER A 119 -56.62 34.14 2.78
CA SER A 119 -57.15 32.99 3.51
C SER A 119 -56.58 31.67 3.04
N GLY A 120 -56.56 30.69 3.93
CA GLY A 120 -56.01 29.40 3.58
C GLY A 120 -55.88 28.44 4.75
N TRP A 121 -55.42 27.23 4.48
CA TRP A 121 -55.27 26.20 5.50
C TRP A 121 -53.82 25.86 5.71
N GLY A 122 -52.96 26.75 5.23
CA GLY A 122 -51.53 26.56 5.33
C GLY A 122 -51.02 26.68 6.74
N ASN A 123 -49.73 26.41 6.90
CA ASN A 123 -49.06 26.47 8.20
C ASN A 123 -49.39 27.75 8.97
N THR A 124 -49.51 27.64 10.29
CA THR A 124 -49.78 28.79 11.16
C THR A 124 -48.52 29.27 11.87
N LYS A 125 -47.63 28.33 12.20
CA LYS A 125 -46.40 28.66 12.89
C LYS A 125 -45.31 29.24 11.99
N SER A 126 -44.59 30.21 12.54
CA SER A 126 -43.49 30.88 11.83
C SER A 126 -42.32 29.92 11.79
N SER A 127 -42.02 29.35 12.95
CA SER A 127 -40.94 28.37 13.11
C SER A 127 -41.61 27.06 13.52
N GLY A 128 -41.57 26.08 12.61
CA GLY A 128 -42.19 24.79 12.89
C GLY A 128 -43.46 24.65 12.08
N THR A 129 -43.90 23.42 11.87
CA THR A 129 -45.10 23.16 11.08
C THR A 129 -46.31 22.84 11.95
N SER A 130 -47.37 23.64 11.80
CA SER A 130 -48.62 23.45 12.53
C SER A 130 -49.72 23.74 11.50
N TYR A 131 -50.08 22.74 10.74
CA TYR A 131 -51.09 22.92 9.72
C TYR A 131 -52.50 22.80 10.29
N PRO A 132 -53.25 23.91 10.28
CA PRO A 132 -54.63 23.96 10.79
C PRO A 132 -55.64 23.13 10.05
N ASP A 133 -56.69 22.72 10.77
CA ASP A 133 -57.78 21.93 10.20
C ASP A 133 -58.83 22.84 9.62
N VAL A 134 -58.99 23.99 10.25
CA VAL A 134 -59.95 24.97 9.81
C VAL A 134 -59.32 26.11 9.03
N LEU A 135 -60.15 26.76 8.22
CA LEU A 135 -59.73 27.87 7.39
C LEU A 135 -59.38 29.05 8.26
N LYS A 136 -58.23 29.64 7.98
CA LYS A 136 -57.75 30.79 8.70
C LYS A 136 -57.82 32.00 7.80
N CYS A 137 -58.10 33.15 8.37
CA CYS A 137 -58.19 34.39 7.63
C CYS A 137 -57.16 35.39 8.15
N LEU A 138 -56.78 36.34 7.30
CA LEU A 138 -55.81 37.37 7.68
C LEU A 138 -56.08 38.67 6.92
N LYS A 139 -56.40 39.74 7.66
CA LYS A 139 -56.61 41.05 7.08
C LYS A 139 -55.17 41.56 6.87
N ALA A 140 -54.88 42.17 5.75
CA ALA A 140 -53.54 42.68 5.49
C ALA A 140 -53.62 43.73 4.38
N PRO A 141 -52.81 44.79 4.47
CA PRO A 141 -52.85 45.83 3.43
C PRO A 141 -51.86 45.52 2.33
N ILE A 142 -52.04 46.22 1.24
CA ILE A 142 -51.19 46.06 0.09
C ILE A 142 -50.06 47.04 0.29
N LEU A 143 -48.82 46.55 0.37
CA LEU A 143 -47.67 47.44 0.59
C LEU A 143 -47.33 48.18 -0.68
N SER A 144 -46.50 49.20 -0.55
CA SER A 144 -46.10 50.01 -1.69
C SER A 144 -45.04 49.32 -2.56
N ASP A 145 -45.27 49.30 -3.87
CA ASP A 145 -44.34 48.67 -4.82
C ASP A 145 -42.88 48.93 -4.42
N SER A 146 -42.66 50.09 -3.79
CA SER A 146 -41.34 50.53 -3.32
C SER A 146 -40.81 49.70 -2.14
N SER A 147 -41.62 49.53 -1.10
CA SER A 147 -41.21 48.74 0.05
C SER A 147 -41.08 47.29 -0.40
N CYS A 148 -41.87 46.92 -1.40
CA CYS A 148 -41.85 45.57 -1.96
C CYS A 148 -40.50 45.31 -2.64
N LYS A 149 -40.22 46.13 -3.65
CA LYS A 149 -39.00 45.99 -4.38
C LYS A 149 -37.80 46.08 -3.47
N SER A 150 -37.85 46.95 -2.47
CA SER A 150 -36.74 47.11 -1.54
C SER A 150 -36.49 45.84 -0.73
N ALA A 151 -37.57 45.14 -0.37
CA ALA A 151 -37.49 43.90 0.39
C ALA A 151 -36.92 42.77 -0.43
N TYR A 152 -37.33 42.71 -1.68
CA TYR A 152 -36.85 41.67 -2.58
C TYR A 152 -36.34 42.37 -3.83
N PRO A 153 -35.13 42.91 -3.75
CA PRO A 153 -34.43 43.64 -4.81
C PRO A 153 -34.53 43.08 -6.20
N GLY A 154 -35.15 43.83 -7.11
CA GLY A 154 -35.28 43.42 -8.50
C GLY A 154 -36.22 42.23 -8.77
N GLN A 155 -36.25 41.28 -7.85
CA GLN A 155 -37.10 40.09 -7.97
C GLN A 155 -38.56 40.43 -8.13
N ILE A 156 -39.00 41.51 -7.52
CA ILE A 156 -40.38 41.93 -7.62
C ILE A 156 -40.67 42.45 -9.03
N THR A 157 -41.51 41.72 -9.76
CA THR A 157 -41.90 42.10 -11.11
C THR A 157 -43.17 42.95 -11.08
N SER A 158 -43.62 43.34 -12.27
CA SER A 158 -44.83 44.15 -12.43
C SER A 158 -46.04 43.28 -12.25
N ASN A 159 -45.82 41.98 -12.18
CA ASN A 159 -46.90 41.04 -12.00
C ASN A 159 -46.95 40.54 -10.56
N MET A 160 -46.23 41.22 -9.69
CA MET A 160 -46.16 40.86 -8.28
C MET A 160 -46.45 42.08 -7.39
N PHE A 161 -46.95 41.81 -6.20
CA PHE A 161 -47.21 42.87 -5.24
C PHE A 161 -47.03 42.30 -3.85
N CYS A 162 -46.50 43.11 -2.93
CA CYS A 162 -46.30 42.69 -1.53
C CYS A 162 -47.49 43.05 -0.66
N ALA A 163 -47.79 42.20 0.30
CA ALA A 163 -48.91 42.44 1.21
C ALA A 163 -48.54 41.82 2.54
N GLY A 164 -48.97 42.48 3.61
CA GLY A 164 -48.66 42.01 4.95
C GLY A 164 -48.19 43.13 5.86
N TYR A 165 -47.27 42.82 6.77
CA TYR A 165 -46.77 43.79 7.72
C TYR A 165 -45.28 43.74 7.73
N LEU A 166 -44.66 44.86 7.43
CA LEU A 166 -43.21 44.93 7.39
C LEU A 166 -42.60 44.52 8.75
N GLU A 167 -43.38 44.67 9.82
CA GLU A 167 -42.92 44.29 11.16
C GLU A 167 -42.85 42.78 11.29
N GLY A 168 -43.80 42.09 10.66
CA GLY A 168 -43.84 40.65 10.72
C GLY A 168 -44.91 40.16 11.69
N GLY A 169 -44.98 38.85 11.88
CA GLY A 169 -45.98 38.31 12.78
C GLY A 169 -47.24 37.81 12.13
N LYS A 170 -47.59 38.40 10.99
CA LYS A 170 -48.80 38.02 10.26
C LYS A 170 -48.42 37.95 8.78
N ASP A 171 -48.68 36.80 8.15
CA ASP A 171 -48.31 36.55 6.74
C ASP A 171 -48.84 35.18 6.35
N SER A 172 -48.91 34.93 5.03
CA SER A 172 -49.37 33.64 4.46
C SER A 172 -48.20 32.68 4.53
N CYS A 173 -48.47 31.39 4.48
CA CYS A 173 -47.40 30.43 4.60
C CYS A 173 -47.64 29.13 3.84
N GLN A 174 -46.56 28.34 3.72
CA GLN A 174 -46.56 27.05 3.01
C GLN A 174 -47.84 26.30 3.27
N GLY A 175 -48.59 26.09 2.18
CA GLY A 175 -49.88 25.45 2.21
C GLY A 175 -50.92 26.47 1.78
N ASP A 176 -50.53 27.73 1.72
CA ASP A 176 -51.43 28.80 1.34
C ASP A 176 -51.36 29.18 -0.12
N SER A 177 -50.36 28.65 -0.84
CA SER A 177 -50.18 28.95 -2.27
C SER A 177 -51.48 28.83 -3.05
N GLY A 178 -51.63 29.72 -4.04
CA GLY A 178 -52.81 29.68 -4.87
C GLY A 178 -54.04 30.26 -4.23
N GLY A 179 -54.01 30.46 -2.91
CA GLY A 179 -55.16 31.03 -2.23
C GLY A 179 -55.50 32.43 -2.69
N PRO A 180 -56.70 32.92 -2.33
CA PRO A 180 -57.18 34.26 -2.69
C PRO A 180 -56.68 35.42 -1.85
N VAL A 181 -56.61 36.59 -2.46
CA VAL A 181 -56.26 37.84 -1.77
C VAL A 181 -57.37 38.74 -2.28
N VAL A 182 -58.45 38.85 -1.51
CA VAL A 182 -59.58 39.64 -1.91
C VAL A 182 -59.54 41.02 -1.28
N CYS A 183 -59.76 42.04 -2.10
CA CYS A 183 -59.77 43.43 -1.62
C CYS A 183 -61.05 44.03 -2.18
N SER A 184 -61.93 44.46 -1.29
CA SER A 184 -63.19 45.06 -1.69
C SER A 184 -64.03 44.16 -2.61
N GLY A 185 -64.12 42.88 -2.24
CA GLY A 185 -64.92 41.94 -3.02
C GLY A 185 -64.36 41.47 -4.35
N LYS A 186 -63.14 41.87 -4.68
CA LYS A 186 -62.52 41.45 -5.93
C LYS A 186 -61.33 40.57 -5.64
N LEU A 187 -60.97 39.74 -6.59
CA LEU A 187 -59.83 38.86 -6.44
C LEU A 187 -58.62 39.65 -6.92
N GLN A 188 -57.79 40.17 -6.01
CA GLN A 188 -56.64 40.97 -6.39
C GLN A 188 -55.34 40.24 -6.55
N GLY A 189 -55.14 39.20 -5.76
CA GLY A 189 -53.88 38.48 -5.86
C GLY A 189 -53.90 37.04 -5.40
N ILE A 190 -52.90 36.30 -5.82
CA ILE A 190 -52.82 34.89 -5.46
C ILE A 190 -51.59 34.72 -4.58
N VAL A 191 -51.77 34.02 -3.45
CA VAL A 191 -50.67 33.75 -2.55
C VAL A 191 -49.58 33.03 -3.38
N SER A 192 -48.40 33.65 -3.50
CA SER A 192 -47.32 33.11 -4.30
C SER A 192 -46.07 32.72 -3.50
N TRP A 193 -45.18 33.67 -3.25
CA TRP A 193 -43.95 33.37 -2.51
C TRP A 193 -43.50 34.46 -1.51
N GLY A 194 -42.36 34.20 -0.86
CA GLY A 194 -41.79 35.14 0.09
C GLY A 194 -40.64 34.46 0.81
N SER A 195 -40.04 35.12 1.79
CA SER A 195 -38.95 34.49 2.53
C SER A 195 -39.56 34.00 3.82
N GLY A 196 -39.43 32.70 4.08
CA GLY A 196 -40.01 32.13 5.29
C GLY A 196 -41.44 32.59 5.46
N CYS A 197 -41.87 32.81 6.71
CA CYS A 197 -43.23 33.27 6.96
C CYS A 197 -43.29 34.24 8.10
N ALA A 198 -43.95 35.38 7.86
CA ALA A 198 -44.12 36.44 8.86
C ALA A 198 -42.80 37.05 9.30
N GLN A 199 -41.74 36.81 8.52
CA GLN A 199 -40.42 37.31 8.82
C GLN A 199 -40.39 38.81 8.62
N LYS A 200 -39.75 39.51 9.54
CA LYS A 200 -39.65 40.95 9.50
C LYS A 200 -39.00 41.38 8.22
N ASN A 201 -39.51 42.47 7.64
CA ASN A 201 -38.99 43.03 6.40
C ASN A 201 -39.01 42.05 5.19
N LYS A 202 -39.77 40.97 5.30
CA LYS A 202 -39.92 40.00 4.23
C LYS A 202 -41.42 39.73 4.14
N PRO A 203 -42.16 40.64 3.50
CA PRO A 203 -43.60 40.54 3.35
C PRO A 203 -43.96 39.45 2.37
N GLY A 204 -45.19 38.95 2.45
CA GLY A 204 -45.62 37.94 1.50
C GLY A 204 -45.75 38.59 0.12
N VAL A 205 -45.33 37.85 -0.93
CA VAL A 205 -45.44 38.33 -2.30
C VAL A 205 -46.64 37.65 -2.96
N TYR A 206 -47.38 38.38 -3.78
CA TYR A 206 -48.57 37.84 -4.41
C TYR A 206 -48.65 38.20 -5.89
N THR A 207 -49.38 37.39 -6.65
CA THR A 207 -49.57 37.60 -8.09
C THR A 207 -50.61 38.67 -8.35
N LYS A 208 -50.26 39.66 -9.17
CA LYS A 208 -51.18 40.73 -9.49
C LYS A 208 -52.25 40.21 -10.46
N VAL A 209 -53.36 39.74 -9.92
CA VAL A 209 -54.42 39.18 -10.76
C VAL A 209 -55.01 40.18 -11.76
N CYS A 210 -54.97 41.47 -11.41
CA CYS A 210 -55.51 42.49 -12.28
C CYS A 210 -54.85 42.53 -13.65
N ASN A 211 -53.56 42.18 -13.69
CA ASN A 211 -52.82 42.17 -14.95
C ASN A 211 -53.22 40.97 -15.84
N TYR A 212 -53.90 39.99 -15.25
CA TYR A 212 -54.27 38.79 -15.99
C TYR A 212 -55.74 38.63 -16.31
N VAL A 213 -56.56 39.60 -15.94
CA VAL A 213 -58.00 39.54 -16.18
C VAL A 213 -58.33 39.19 -17.64
N SER A 214 -57.69 39.87 -18.59
CA SER A 214 -57.96 39.59 -20.01
C SER A 214 -57.71 38.12 -20.31
N TRP A 215 -56.48 37.67 -20.05
CA TRP A 215 -56.10 36.29 -20.26
C TRP A 215 -57.12 35.36 -19.66
N ILE A 216 -57.47 35.59 -18.41
CA ILE A 216 -58.45 34.75 -17.73
C ILE A 216 -59.70 34.71 -18.57
N LYS A 217 -60.22 35.87 -18.91
CA LYS A 217 -61.44 35.93 -19.67
C LYS A 217 -61.33 35.17 -21.02
N GLN A 218 -60.26 35.37 -21.75
CA GLN A 218 -60.13 34.70 -23.04
C GLN A 218 -60.05 33.18 -22.86
N THR A 219 -59.24 32.71 -21.92
CA THR A 219 -59.06 31.28 -21.67
C THR A 219 -60.37 30.55 -21.37
N ILE A 220 -61.20 31.19 -20.58
CA ILE A 220 -62.49 30.63 -20.21
C ILE A 220 -63.41 30.55 -21.41
N ALA A 221 -63.46 31.61 -22.23
CA ALA A 221 -64.33 31.65 -23.41
C ALA A 221 -64.01 30.65 -24.52
N SER A 222 -62.75 30.21 -24.56
CA SER A 222 -62.31 29.28 -25.58
C SER A 222 -62.20 27.83 -25.12
N ASN A 223 -62.15 27.61 -23.81
CA ASN A 223 -62.03 26.26 -23.29
C ASN A 223 -63.28 25.74 -22.59
N ILE B 1 -21.77 1.20 35.73
CA ILE B 1 -23.04 1.76 35.22
C ILE B 1 -24.11 1.02 35.99
N VAL B 2 -24.73 1.69 36.95
CA VAL B 2 -25.77 1.07 37.75
C VAL B 2 -27.03 0.99 36.89
N GLY B 3 -27.52 -0.24 36.73
CA GLY B 3 -28.73 -0.49 35.96
C GLY B 3 -28.58 -0.28 34.47
N GLY B 4 -27.63 -0.99 33.88
CA GLY B 4 -27.43 -0.82 32.46
C GLY B 4 -27.52 -2.14 31.69
N TYR B 5 -27.12 -2.07 30.42
CA TYR B 5 -27.13 -3.24 29.56
C TYR B 5 -25.76 -3.39 28.98
N THR B 6 -25.34 -4.62 28.74
CA THR B 6 -24.04 -4.88 28.14
C THR B 6 -24.10 -4.29 26.75
N CYS B 7 -23.10 -3.50 26.38
CA CYS B 7 -23.11 -2.90 25.06
C CYS B 7 -22.86 -3.99 24.01
N GLY B 8 -22.00 -4.94 24.35
CA GLY B 8 -21.71 -6.04 23.46
C GLY B 8 -21.02 -5.66 22.16
N ALA B 9 -20.45 -6.67 21.49
CA ALA B 9 -19.75 -6.47 20.22
C ALA B 9 -18.83 -5.26 20.29
N ASN B 10 -19.23 -4.16 19.64
CA ASN B 10 -18.45 -2.92 19.65
C ASN B 10 -19.29 -1.79 19.04
N THR B 11 -19.94 -1.01 19.90
CA THR B 11 -20.76 0.11 19.49
C THR B 11 -20.35 1.35 20.23
N VAL B 12 -19.27 1.22 21.01
CA VAL B 12 -18.69 2.34 21.77
C VAL B 12 -17.18 2.24 21.49
N PRO B 13 -16.79 2.40 20.22
CA PRO B 13 -15.41 2.33 19.75
C PRO B 13 -14.50 3.40 20.36
N TYR B 14 -15.09 4.56 20.65
CA TYR B 14 -14.36 5.69 21.22
C TYR B 14 -14.06 5.53 22.74
N GLN B 15 -14.64 4.51 23.38
CA GLN B 15 -14.43 4.28 24.80
C GLN B 15 -13.03 3.83 25.05
N VAL B 16 -12.42 4.27 26.15
CA VAL B 16 -11.06 3.80 26.51
C VAL B 16 -11.00 3.62 28.02
N SER B 17 -10.10 2.75 28.46
CA SER B 17 -9.91 2.49 29.90
C SER B 17 -8.59 3.12 30.41
N LEU B 18 -8.66 3.84 31.54
CA LEU B 18 -7.46 4.41 32.10
C LEU B 18 -7.06 3.43 33.14
N ASN B 19 -5.84 2.93 33.00
CA ASN B 19 -5.30 1.96 33.92
C ASN B 19 -4.08 2.52 34.62
N SER B 20 -3.95 2.16 35.90
CA SER B 20 -2.83 2.56 36.74
C SER B 20 -2.61 1.32 37.59
N GLY B 21 -2.36 0.21 36.92
CA GLY B 21 -2.16 -1.06 37.61
C GLY B 21 -3.48 -1.77 37.59
N TYR B 22 -4.55 -1.00 37.50
CA TYR B 22 -5.90 -1.54 37.47
C TYR B 22 -6.77 -0.48 36.83
N HIS B 23 -8.00 -0.84 36.49
CA HIS B 23 -8.91 0.11 35.87
C HIS B 23 -9.36 1.07 36.97
N PHE B 24 -9.33 2.37 36.68
CA PHE B 24 -9.79 3.34 37.64
C PHE B 24 -10.63 4.45 37.01
N CYS B 25 -10.62 4.55 35.68
CA CYS B 25 -11.41 5.57 35.02
C CYS B 25 -11.59 5.21 33.56
N GLY B 26 -12.48 5.93 32.88
CA GLY B 26 -12.71 5.73 31.48
C GLY B 26 -12.22 6.98 30.81
N GLY B 27 -12.61 7.21 29.56
CA GLY B 27 -12.17 8.40 28.84
C GLY B 27 -12.60 8.20 27.40
N SER B 28 -12.68 9.29 26.63
CA SER B 28 -13.10 9.19 25.24
C SER B 28 -12.01 9.61 24.29
N LEU B 29 -11.87 8.86 23.20
CA LEU B 29 -10.87 9.14 22.18
C LEU B 29 -11.38 10.27 21.29
N ILE B 30 -10.70 11.40 21.29
CA ILE B 30 -11.11 12.55 20.51
C ILE B 30 -10.49 12.52 19.13
N ASN B 31 -9.43 11.73 18.98
CA ASN B 31 -8.71 11.57 17.71
C ASN B 31 -7.43 10.79 17.96
N SER B 32 -6.94 10.09 16.96
CA SER B 32 -5.75 9.27 17.07
C SER B 32 -4.84 9.41 18.29
N GLN B 33 -4.39 10.64 18.58
CA GLN B 33 -3.48 10.86 19.72
C GLN B 33 -4.04 11.44 21.02
N TRP B 34 -5.22 12.02 21.04
CA TRP B 34 -5.71 12.58 22.29
C TRP B 34 -6.91 11.89 22.90
N VAL B 35 -6.96 11.87 24.23
CA VAL B 35 -8.06 11.27 24.99
C VAL B 35 -8.55 12.30 25.97
N VAL B 36 -9.86 12.54 26.03
CA VAL B 36 -10.43 13.53 26.97
C VAL B 36 -10.99 12.73 28.14
N SER B 37 -10.85 13.27 29.34
CA SER B 37 -11.35 12.59 30.54
C SER B 37 -11.64 13.54 31.71
N ALA B 38 -12.04 12.97 32.83
CA ALA B 38 -12.31 13.73 34.04
C ALA B 38 -10.93 14.07 34.66
N ALA B 39 -10.72 15.36 34.95
CA ALA B 39 -9.48 15.84 35.57
C ALA B 39 -9.23 15.16 36.91
N HIS B 40 -10.27 14.77 37.63
CA HIS B 40 -10.05 14.07 38.89
C HIS B 40 -9.55 12.64 38.64
N CYS B 41 -9.48 12.24 37.37
CA CYS B 41 -8.97 10.92 36.98
C CYS B 41 -7.48 11.04 36.72
N TYR B 42 -6.91 12.21 37.01
CA TYR B 42 -5.49 12.43 36.82
C TYR B 42 -4.69 11.57 37.83
N LYS B 43 -3.63 10.94 37.33
CA LYS B 43 -2.77 10.11 38.13
C LYS B 43 -1.44 10.20 37.42
N SER B 44 -0.36 9.90 38.13
CA SER B 44 0.95 9.96 37.51
C SER B 44 1.12 8.72 36.66
N GLY B 45 1.56 8.90 35.42
CA GLY B 45 1.76 7.76 34.52
C GLY B 45 0.55 6.85 34.33
N ILE B 46 -0.44 7.35 33.59
CA ILE B 46 -1.66 6.60 33.30
C ILE B 46 -1.39 5.84 32.01
N GLN B 47 -2.01 4.66 31.85
CA GLN B 47 -1.86 3.86 30.64
C GLN B 47 -3.25 3.71 30.08
N VAL B 48 -3.42 4.04 28.81
CA VAL B 48 -4.72 3.98 28.14
C VAL B 48 -4.98 2.65 27.41
N ARG B 49 -6.10 2.01 27.72
CA ARG B 49 -6.49 0.75 27.07
C ARG B 49 -7.67 1.07 26.18
N LEU B 50 -7.44 1.05 24.87
CA LEU B 50 -8.49 1.34 23.89
C LEU B 50 -9.10 0.04 23.35
N GLY B 51 -10.17 0.18 22.58
CA GLY B 51 -10.83 -0.96 21.98
C GLY B 51 -11.03 -2.16 22.90
N GLU B 52 -11.33 -1.87 24.15
CA GLU B 52 -11.58 -2.90 25.14
C GLU B 52 -13.01 -3.44 25.05
N ASP B 53 -13.17 -4.70 25.40
CA ASP B 53 -14.49 -5.32 25.44
C ASP B 53 -14.56 -5.78 26.89
N ASN B 54 -13.73 -6.77 27.21
CA ASN B 54 -13.66 -7.28 28.55
C ASN B 54 -12.33 -6.68 29.04
N ILE B 55 -12.35 -6.04 30.20
CA ILE B 55 -11.13 -5.46 30.73
C ILE B 55 -10.33 -6.44 31.58
N ASN B 56 -10.15 -7.67 31.09
CA ASN B 56 -9.40 -8.70 31.79
C ASN B 56 -8.87 -9.73 30.79
N VAL B 57 -9.65 -9.96 29.74
CA VAL B 57 -9.26 -10.91 28.69
C VAL B 57 -8.97 -10.16 27.37
N VAL B 58 -8.03 -10.69 26.59
CA VAL B 58 -7.68 -10.08 25.29
C VAL B 58 -8.81 -10.36 24.27
N GLU B 59 -9.82 -9.50 24.27
CA GLU B 59 -10.94 -9.65 23.35
C GLU B 59 -10.62 -9.03 21.98
N GLY B 60 -9.68 -9.65 21.28
CA GLY B 60 -9.29 -9.18 19.97
C GLY B 60 -8.55 -7.86 20.00
N ASN B 61 -9.31 -6.77 20.12
CA ASN B 61 -8.72 -5.43 20.16
C ASN B 61 -8.07 -5.20 21.51
N GLU B 62 -6.75 -5.04 21.51
CA GLU B 62 -6.00 -4.82 22.73
C GLU B 62 -4.92 -3.78 22.45
N GLN B 63 -5.05 -2.61 23.07
CA GLN B 63 -4.09 -1.53 22.88
C GLN B 63 -3.76 -0.81 24.18
N PHE B 64 -2.60 -1.11 24.76
CA PHE B 64 -2.15 -0.46 25.99
C PHE B 64 -1.13 0.60 25.58
N ILE B 65 -1.50 1.87 25.67
CA ILE B 65 -0.59 2.94 25.31
C ILE B 65 -0.26 3.87 26.48
N SER B 66 1.01 4.20 26.61
CA SER B 66 1.43 5.11 27.67
C SER B 66 0.93 6.52 27.30
N ALA B 67 0.72 7.38 28.28
CA ALA B 67 0.27 8.74 28.03
C ALA B 67 1.46 9.68 28.09
N SER B 68 1.74 10.42 27.02
CA SER B 68 2.86 11.36 27.00
C SER B 68 2.60 12.58 27.89
N LYS B 69 1.60 13.39 27.57
CA LYS B 69 1.30 14.56 28.40
C LYS B 69 -0.08 14.33 28.97
N SER B 70 -0.28 14.53 30.27
CA SER B 70 -1.62 14.41 30.86
C SER B 70 -1.91 15.82 31.35
N ILE B 71 -2.60 16.59 30.51
CA ILE B 71 -2.93 17.99 30.80
C ILE B 71 -4.29 18.26 31.49
N VAL B 72 -4.24 18.58 32.78
CA VAL B 72 -5.43 18.90 33.59
C VAL B 72 -5.92 20.35 33.33
N HIS B 73 -7.23 20.59 33.39
CA HIS B 73 -7.73 21.94 33.16
C HIS B 73 -7.23 22.87 34.26
N PRO B 74 -6.62 24.01 33.88
CA PRO B 74 -6.04 25.05 34.75
C PRO B 74 -6.93 25.71 35.81
N SER B 75 -8.17 25.28 35.94
CA SER B 75 -9.05 25.91 36.92
C SER B 75 -9.88 24.82 37.57
N TYR B 76 -9.49 23.57 37.34
CA TYR B 76 -10.22 22.46 37.91
C TYR B 76 -10.10 22.66 39.40
N ASN B 77 -11.23 22.64 40.11
CA ASN B 77 -11.19 22.80 41.56
C ASN B 77 -11.44 21.46 42.24
N SER B 78 -10.41 20.91 42.86
CA SER B 78 -10.52 19.60 43.51
C SER B 78 -11.61 19.49 44.55
N ASN B 79 -12.15 20.62 44.98
CA ASN B 79 -13.20 20.61 45.98
C ASN B 79 -14.58 20.62 45.36
N THR B 80 -14.88 21.66 44.59
CA THR B 80 -16.18 21.80 43.93
C THR B 80 -16.37 20.81 42.77
N LEU B 81 -15.24 20.43 42.16
CA LEU B 81 -15.18 19.55 41.00
C LEU B 81 -15.68 20.38 39.84
N ASN B 82 -15.44 21.68 39.89
CA ASN B 82 -15.85 22.54 38.80
C ASN B 82 -14.71 22.45 37.79
N ASN B 83 -15.04 22.40 36.50
CA ASN B 83 -14.06 22.28 35.44
C ASN B 83 -13.37 20.92 35.55
N ASP B 84 -14.14 19.88 35.84
CA ASP B 84 -13.57 18.53 35.93
C ASP B 84 -13.32 18.07 34.47
N ILE B 85 -12.19 18.46 33.87
CA ILE B 85 -11.85 18.08 32.51
C ILE B 85 -10.32 18.04 32.33
N MET B 86 -9.84 16.98 31.71
CA MET B 86 -8.42 16.75 31.48
C MET B 86 -8.22 16.16 30.10
N LEU B 87 -7.10 16.48 29.46
CA LEU B 87 -6.74 15.96 28.16
C LEU B 87 -5.47 15.13 28.27
N ILE B 88 -5.51 13.93 27.73
CA ILE B 88 -4.39 13.01 27.72
C ILE B 88 -3.85 12.86 26.31
N LYS B 89 -2.54 12.88 26.15
CA LYS B 89 -1.92 12.69 24.85
C LYS B 89 -1.22 11.33 24.90
N LEU B 90 -1.53 10.47 23.95
CA LEU B 90 -0.93 9.15 23.90
C LEU B 90 0.49 9.21 23.36
N LYS B 91 1.38 8.47 24.01
CA LYS B 91 2.76 8.40 23.61
C LYS B 91 2.78 8.18 22.13
N SER B 92 1.99 7.20 21.68
CA SER B 92 1.88 6.82 20.27
C SER B 92 0.46 7.02 19.84
N ALA B 93 0.24 7.41 18.59
CA ALA B 93 -1.14 7.63 18.10
C ALA B 93 -1.88 6.32 17.99
N ALA B 94 -3.11 6.32 18.51
CA ALA B 94 -3.97 5.15 18.49
C ALA B 94 -4.36 4.86 17.06
N SER B 95 -4.60 3.59 16.80
CA SER B 95 -4.96 3.13 15.46
C SER B 95 -6.44 3.28 15.15
N LEU B 96 -6.80 4.38 14.50
CA LEU B 96 -8.21 4.56 14.16
C LEU B 96 -8.63 3.50 13.15
N ASN B 97 -9.92 3.17 13.18
CA ASN B 97 -10.53 2.20 12.27
C ASN B 97 -11.95 1.89 12.71
N SER B 98 -12.51 0.78 12.20
CA SER B 98 -13.86 0.36 12.56
C SER B 98 -13.95 -0.09 14.01
N ARG B 99 -12.82 -0.45 14.60
CA ARG B 99 -12.77 -0.92 15.98
C ARG B 99 -12.63 0.28 16.93
N VAL B 100 -11.47 0.89 16.94
CA VAL B 100 -11.22 2.06 17.78
C VAL B 100 -11.53 3.26 16.91
N ALA B 101 -12.47 4.10 17.34
CA ALA B 101 -12.79 5.27 16.55
C ALA B 101 -12.98 6.46 17.46
N SER B 102 -12.72 7.65 16.95
CA SER B 102 -12.86 8.87 17.72
C SER B 102 -14.29 9.34 17.73
N ILE B 103 -14.70 10.00 18.83
CA ILE B 103 -16.04 10.56 19.00
C ILE B 103 -15.90 12.04 18.66
N SER B 104 -16.94 12.67 18.17
CA SER B 104 -16.83 14.06 17.79
C SER B 104 -17.14 15.01 18.92
N LEU B 105 -16.50 16.18 18.89
CA LEU B 105 -16.75 17.21 19.90
C LEU B 105 -18.01 17.92 19.46
N PRO B 106 -18.74 18.49 20.41
CA PRO B 106 -19.98 19.21 20.11
C PRO B 106 -19.71 20.64 19.63
N THR B 107 -20.69 21.22 18.95
CA THR B 107 -20.58 22.59 18.47
C THR B 107 -21.56 23.46 19.24
N SER B 108 -22.60 22.81 19.77
CA SER B 108 -23.63 23.48 20.58
C SER B 108 -24.03 22.51 21.68
N CYS B 109 -24.38 23.05 22.85
CA CYS B 109 -24.77 22.24 24.00
C CYS B 109 -26.11 21.57 23.85
N ALA B 110 -26.22 20.36 24.36
CA ALA B 110 -27.46 19.60 24.27
C ALA B 110 -28.56 20.22 25.13
N SER B 111 -29.72 20.42 24.53
CA SER B 111 -30.86 21.01 25.23
C SER B 111 -31.42 19.95 26.17
N ALA B 112 -31.91 20.38 27.32
CA ALA B 112 -32.48 19.43 28.28
C ALA B 112 -33.52 18.59 27.56
N GLY B 113 -33.57 17.31 27.89
CA GLY B 113 -34.51 16.44 27.22
C GLY B 113 -33.79 15.53 26.25
N THR B 114 -32.61 15.94 25.76
CA THR B 114 -31.84 15.12 24.84
C THR B 114 -31.49 13.75 25.44
N GLN B 115 -31.63 12.71 24.62
CA GLN B 115 -31.31 11.35 25.06
C GLN B 115 -29.85 11.05 24.71
N CYS B 116 -29.08 10.53 25.65
CA CYS B 116 -27.67 10.24 25.45
C CYS B 116 -27.27 8.83 25.89
N LEU B 117 -26.06 8.44 25.55
CA LEU B 117 -25.54 7.13 25.92
C LEU B 117 -24.31 7.31 26.82
N ILE B 118 -24.43 6.82 28.05
CA ILE B 118 -23.36 6.87 29.07
C ILE B 118 -22.80 5.44 29.10
N SER B 119 -21.49 5.29 29.23
CA SER B 119 -20.92 3.95 29.23
C SER B 119 -19.71 3.81 30.12
N GLY B 120 -19.42 2.59 30.55
CA GLY B 120 -18.25 2.40 31.40
C GLY B 120 -18.15 0.99 31.96
N TRP B 121 -17.09 0.73 32.73
CA TRP B 121 -16.89 -0.58 33.34
C TRP B 121 -17.04 -0.46 34.83
N GLY B 122 -17.62 0.64 35.27
CA GLY B 122 -17.81 0.88 36.69
C GLY B 122 -18.78 -0.07 37.34
N ASN B 123 -18.85 0.04 38.66
CA ASN B 123 -19.74 -0.76 39.48
C ASN B 123 -21.13 -0.76 38.89
N THR B 124 -21.82 -1.88 39.05
CA THR B 124 -23.19 -2.02 38.57
C THR B 124 -24.22 -1.91 39.72
N LYS B 125 -23.88 -2.49 40.87
CA LYS B 125 -24.78 -2.48 42.03
C LYS B 125 -24.90 -1.15 42.72
N SER B 126 -26.09 -0.83 43.16
CA SER B 126 -26.37 0.41 43.86
C SER B 126 -25.77 0.32 45.29
N SER B 127 -26.04 -0.81 45.95
CA SER B 127 -25.53 -1.09 47.30
C SER B 127 -24.63 -2.32 47.15
N GLY B 128 -23.33 -2.10 47.27
CA GLY B 128 -22.39 -3.20 47.12
C GLY B 128 -21.56 -2.99 45.87
N THR B 129 -20.38 -3.60 45.83
CA THR B 129 -19.53 -3.45 44.67
C THR B 129 -19.57 -4.71 43.81
N SER B 130 -19.94 -4.54 42.54
CA SER B 130 -19.99 -5.62 41.57
C SER B 130 -19.43 -4.97 40.32
N TYR B 131 -18.11 -4.99 40.16
CA TYR B 131 -17.49 -4.40 38.99
C TYR B 131 -17.49 -5.34 37.77
N PRO B 132 -18.25 -4.97 36.72
CA PRO B 132 -18.37 -5.76 35.49
C PRO B 132 -17.10 -5.90 34.69
N ASP B 133 -17.03 -6.99 33.93
CA ASP B 133 -15.88 -7.28 33.08
C ASP B 133 -16.11 -6.64 31.72
N VAL B 134 -17.38 -6.62 31.31
CA VAL B 134 -17.75 -6.09 30.01
C VAL B 134 -18.28 -4.68 30.08
N LEU B 135 -18.13 -3.96 28.98
CA LEU B 135 -18.59 -2.58 28.89
C LEU B 135 -20.09 -2.57 28.95
N LYS B 136 -20.64 -1.71 29.80
CA LYS B 136 -22.08 -1.53 30.00
C LYS B 136 -22.51 -0.19 29.40
N CYS B 137 -23.72 -0.13 28.89
CA CYS B 137 -24.25 1.08 28.30
C CYS B 137 -25.53 1.47 29.03
N LEU B 138 -25.85 2.75 28.97
CA LEU B 138 -27.06 3.25 29.61
C LEU B 138 -27.59 4.43 28.83
N LYS B 139 -28.86 4.33 28.42
CA LYS B 139 -29.53 5.40 27.69
C LYS B 139 -30.09 6.25 28.81
N ALA B 140 -29.94 7.57 28.71
CA ALA B 140 -30.43 8.50 29.74
C ALA B 140 -30.60 9.90 29.16
N PRO B 141 -31.60 10.63 29.63
CA PRO B 141 -31.79 11.97 29.10
C PRO B 141 -31.05 13.01 29.89
N ILE B 142 -30.93 14.18 29.31
CA ILE B 142 -30.30 15.31 29.98
C ILE B 142 -31.39 16.02 30.80
N LEU B 143 -31.22 16.08 32.12
CA LEU B 143 -32.23 16.72 32.97
C LEU B 143 -32.14 18.23 32.84
N SER B 144 -33.18 18.91 33.31
CA SER B 144 -33.24 20.35 33.27
C SER B 144 -32.35 20.97 34.35
N ASP B 145 -31.56 21.95 33.94
CA ASP B 145 -30.65 22.66 34.85
C ASP B 145 -31.34 22.92 36.18
N SER B 146 -32.66 23.07 36.12
CA SER B 146 -33.49 23.33 37.30
C SER B 146 -33.53 22.11 38.24
N SER B 147 -33.98 20.97 37.72
CA SER B 147 -34.06 19.76 38.52
C SER B 147 -32.65 19.45 39.03
N CYS B 148 -31.67 19.76 38.22
CA CYS B 148 -30.29 19.53 38.59
C CYS B 148 -29.98 20.32 39.84
N LYS B 149 -30.03 21.64 39.70
CA LYS B 149 -29.75 22.56 40.80
C LYS B 149 -30.58 22.27 42.06
N SER B 150 -31.84 21.91 41.86
CA SER B 150 -32.68 21.59 43.00
C SER B 150 -32.13 20.37 43.72
N ALA B 151 -31.70 19.37 42.97
CA ALA B 151 -31.16 18.15 43.56
C ALA B 151 -29.85 18.42 44.32
N TYR B 152 -28.99 19.23 43.71
CA TYR B 152 -27.70 19.60 44.29
C TYR B 152 -27.60 21.14 44.42
N PRO B 153 -28.29 21.69 45.41
CA PRO B 153 -28.36 23.12 45.72
C PRO B 153 -27.06 23.93 45.58
N GLY B 154 -27.05 24.85 44.62
CA GLY B 154 -25.90 25.69 44.38
C GLY B 154 -24.66 25.01 43.86
N GLN B 155 -24.45 23.77 44.27
CA GLN B 155 -23.30 22.98 43.86
C GLN B 155 -23.20 22.82 42.35
N ILE B 156 -24.35 22.76 41.68
CA ILE B 156 -24.37 22.62 40.24
C ILE B 156 -23.91 23.91 39.56
N THR B 157 -22.72 23.89 38.95
CA THR B 157 -22.19 25.06 38.25
C THR B 157 -22.68 25.10 36.79
N SER B 158 -22.28 26.14 36.05
CA SER B 158 -22.66 26.25 34.65
C SER B 158 -21.90 25.22 33.81
N ASN B 159 -20.88 24.61 34.41
CA ASN B 159 -20.06 23.60 33.73
C ASN B 159 -20.47 22.19 34.08
N MET B 160 -21.66 22.06 34.67
CA MET B 160 -22.16 20.75 35.05
C MET B 160 -23.60 20.59 34.52
N PHE B 161 -24.02 19.34 34.34
CA PHE B 161 -25.39 19.05 33.89
C PHE B 161 -25.79 17.69 34.40
N CYS B 162 -27.02 17.59 34.88
CA CYS B 162 -27.53 16.34 35.45
C CYS B 162 -28.10 15.51 34.34
N ALA B 163 -27.92 14.19 34.44
CA ALA B 163 -28.44 13.24 33.45
C ALA B 163 -28.81 11.96 34.15
N GLY B 164 -29.94 11.37 33.76
CA GLY B 164 -30.37 10.13 34.39
C GLY B 164 -31.85 10.12 34.68
N TYR B 165 -32.24 9.50 35.79
CA TYR B 165 -33.66 9.38 36.15
C TYR B 165 -33.91 9.79 37.60
N LEU B 166 -34.66 10.86 37.80
CA LEU B 166 -34.95 11.33 39.14
C LEU B 166 -35.56 10.21 39.99
N GLU B 167 -36.19 9.23 39.35
CA GLU B 167 -36.76 8.11 40.09
C GLU B 167 -35.62 7.26 40.65
N GLY B 168 -34.57 7.07 39.84
CA GLY B 168 -33.44 6.27 40.26
C GLY B 168 -33.47 4.90 39.57
N GLY B 169 -32.50 4.06 39.90
CA GLY B 169 -32.45 2.72 39.32
C GLY B 169 -31.43 2.59 38.20
N LYS B 170 -31.17 3.71 37.53
CA LYS B 170 -30.21 3.73 36.41
C LYS B 170 -29.34 4.99 36.55
N ASP B 171 -28.02 4.79 36.63
CA ASP B 171 -27.10 5.90 36.81
C ASP B 171 -25.68 5.37 36.66
N SER B 172 -24.71 6.27 36.42
CA SER B 172 -23.30 5.88 36.30
C SER B 172 -22.81 5.63 37.74
N CYS B 173 -21.58 5.15 37.89
CA CYS B 173 -21.11 4.85 39.22
C CYS B 173 -19.59 4.74 39.29
N GLN B 174 -19.07 4.68 40.51
CA GLN B 174 -17.63 4.59 40.77
C GLN B 174 -16.95 3.62 39.81
N GLY B 175 -15.96 4.11 39.09
CA GLY B 175 -15.29 3.33 38.09
C GLY B 175 -15.71 3.84 36.71
N ASP B 176 -16.73 4.71 36.69
CA ASP B 176 -17.23 5.26 35.44
C ASP B 176 -16.75 6.68 35.19
N SER B 177 -16.04 7.27 36.15
CA SER B 177 -15.51 8.62 36.01
C SER B 177 -14.72 8.78 34.72
N GLY B 178 -14.81 9.94 34.08
CA GLY B 178 -14.06 10.15 32.86
C GLY B 178 -14.69 9.54 31.62
N GLY B 179 -15.69 8.69 31.83
CA GLY B 179 -16.40 8.05 30.74
C GLY B 179 -17.18 9.06 29.93
N PRO B 180 -17.58 8.71 28.68
CA PRO B 180 -18.34 9.56 27.76
C PRO B 180 -19.85 9.63 27.96
N VAL B 181 -20.41 10.74 27.53
CA VAL B 181 -21.86 10.96 27.53
C VAL B 181 -22.09 11.47 26.10
N VAL B 182 -22.37 10.55 25.20
CA VAL B 182 -22.57 10.94 23.82
C VAL B 182 -24.05 11.17 23.54
N CYS B 183 -24.36 12.29 22.92
CA CYS B 183 -25.73 12.62 22.57
C CYS B 183 -25.68 12.94 21.10
N SER B 184 -26.43 12.21 20.29
CA SER B 184 -26.50 12.44 18.85
C SER B 184 -25.13 12.46 18.19
N GLY B 185 -24.27 11.53 18.59
CA GLY B 185 -22.94 11.43 18.01
C GLY B 185 -21.87 12.40 18.49
N LYS B 186 -22.22 13.22 19.46
CA LYS B 186 -21.26 14.17 19.97
C LYS B 186 -20.93 13.87 21.42
N LEU B 187 -19.73 14.28 21.84
CA LEU B 187 -19.30 14.07 23.21
C LEU B 187 -19.83 15.24 24.06
N GLN B 188 -20.98 15.03 24.70
CA GLN B 188 -21.59 16.09 25.50
C GLN B 188 -21.08 16.29 26.91
N GLY B 189 -20.74 15.20 27.59
CA GLY B 189 -20.26 15.33 28.94
C GLY B 189 -19.38 14.19 29.41
N ILE B 190 -18.72 14.41 30.54
CA ILE B 190 -17.86 13.41 31.09
C ILE B 190 -18.45 13.03 32.44
N VAL B 191 -18.46 11.73 32.73
CA VAL B 191 -18.98 11.18 33.99
C VAL B 191 -18.16 11.80 35.09
N SER B 192 -18.81 12.52 36.00
CA SER B 192 -18.12 13.22 37.08
C SER B 192 -18.42 12.74 38.49
N TRP B 193 -19.48 13.29 39.08
CA TRP B 193 -19.85 12.95 40.46
C TRP B 193 -21.36 12.85 40.68
N GLY B 194 -21.72 12.59 41.93
CA GLY B 194 -23.12 12.48 42.29
C GLY B 194 -23.18 11.83 43.65
N SER B 195 -24.39 11.68 44.19
CA SER B 195 -24.53 11.07 45.49
C SER B 195 -24.85 9.60 45.37
N GLY B 196 -23.93 8.76 45.81
CA GLY B 196 -24.14 7.33 45.75
C GLY B 196 -24.36 6.98 44.31
N CYS B 197 -25.23 6.01 44.06
CA CYS B 197 -25.53 5.62 42.69
C CYS B 197 -26.99 5.18 42.45
N ALA B 198 -27.60 5.79 41.44
CA ALA B 198 -28.99 5.49 41.10
C ALA B 198 -29.92 5.81 42.27
N GLN B 199 -29.46 6.69 43.15
CA GLN B 199 -30.27 7.09 44.29
C GLN B 199 -31.32 8.05 43.77
N LYS B 200 -32.55 7.85 44.24
CA LYS B 200 -33.70 8.67 43.88
C LYS B 200 -33.38 10.14 44.13
N ASN B 201 -33.84 11.01 43.25
CA ASN B 201 -33.62 12.45 43.38
C ASN B 201 -32.15 12.88 43.51
N LYS B 202 -31.24 11.99 43.11
CA LYS B 202 -29.79 12.26 43.15
C LYS B 202 -29.29 11.71 41.82
N PRO B 203 -29.48 12.48 40.74
CA PRO B 203 -29.07 12.12 39.39
C PRO B 203 -27.57 12.27 39.22
N GLY B 204 -26.98 11.51 38.31
CA GLY B 204 -25.55 11.64 38.08
C GLY B 204 -25.25 13.02 37.52
N VAL B 205 -24.13 13.61 37.91
CA VAL B 205 -23.74 14.94 37.43
C VAL B 205 -22.59 14.77 36.47
N TYR B 206 -22.63 15.50 35.36
CA TYR B 206 -21.61 15.43 34.30
C TYR B 206 -21.02 16.78 33.87
N THR B 207 -19.81 16.73 33.35
CA THR B 207 -19.15 17.95 32.91
C THR B 207 -19.66 18.36 31.55
N LYS B 208 -20.03 19.63 31.43
CA LYS B 208 -20.54 20.17 30.17
C LYS B 208 -19.40 20.34 29.14
N VAL B 209 -19.06 19.27 28.42
CA VAL B 209 -17.99 19.31 27.42
C VAL B 209 -18.11 20.45 26.41
N CYS B 210 -19.33 20.87 26.13
CA CYS B 210 -19.54 21.95 25.18
C CYS B 210 -18.87 23.28 25.59
N ASN B 211 -18.74 23.54 26.89
CA ASN B 211 -18.13 24.77 27.36
C ASN B 211 -16.61 24.76 27.17
N TYR B 212 -16.04 23.57 27.07
CA TYR B 212 -14.59 23.43 26.93
C TYR B 212 -14.06 23.10 25.53
N VAL B 213 -14.94 23.08 24.52
CA VAL B 213 -14.52 22.77 23.15
C VAL B 213 -13.33 23.61 22.70
N SER B 214 -13.38 24.91 22.95
CA SER B 214 -12.31 25.84 22.58
C SER B 214 -10.98 25.44 23.25
N TRP B 215 -11.00 25.31 24.58
CA TRP B 215 -9.84 24.94 25.36
C TRP B 215 -9.26 23.69 24.76
N ILE B 216 -10.12 22.68 24.61
CA ILE B 216 -9.70 21.40 24.03
C ILE B 216 -8.92 21.68 22.73
N LYS B 217 -9.59 22.35 21.79
CA LYS B 217 -8.98 22.66 20.50
C LYS B 217 -7.66 23.40 20.63
N GLN B 218 -7.60 24.42 21.46
CA GLN B 218 -6.34 25.14 21.59
C GLN B 218 -5.24 24.25 22.16
N THR B 219 -5.53 23.48 23.22
CA THR B 219 -4.55 22.60 23.86
C THR B 219 -3.90 21.58 22.90
N ILE B 220 -4.74 20.97 22.08
CA ILE B 220 -4.28 19.98 21.09
C ILE B 220 -3.37 20.59 19.99
N ALA B 221 -3.69 21.80 19.54
CA ALA B 221 -2.90 22.46 18.52
C ALA B 221 -1.54 22.93 19.03
N SER B 222 -1.41 23.06 20.34
CA SER B 222 -0.18 23.56 20.90
C SER B 222 0.67 22.52 21.52
N ASN B 223 0.09 21.39 21.86
CA ASN B 223 0.88 20.35 22.48
C ASN B 223 1.08 19.19 21.54
N ILE C 1 41.26 -0.38 6.52
CA ILE C 1 42.58 0.11 7.00
C ILE C 1 43.62 -0.67 6.21
N VAL C 2 44.27 -0.01 5.27
CA VAL C 2 45.28 -0.65 4.45
C VAL C 2 46.54 -0.83 5.27
N GLY C 3 46.98 -2.08 5.38
CA GLY C 3 48.16 -2.40 6.15
C GLY C 3 48.00 -2.12 7.64
N GLY C 4 47.08 -2.86 8.26
CA GLY C 4 46.86 -2.68 9.69
C GLY C 4 46.89 -3.99 10.45
N TYR C 5 46.46 -3.95 11.71
CA TYR C 5 46.41 -5.14 12.54
C TYR C 5 45.02 -5.25 13.11
N THR C 6 44.56 -6.46 13.36
CA THR C 6 43.25 -6.65 13.92
C THR C 6 43.31 -6.09 15.30
N CYS C 7 42.35 -5.23 15.67
CA CYS C 7 42.33 -4.66 17.01
C CYS C 7 42.05 -5.77 18.02
N GLY C 8 41.12 -6.65 17.68
CA GLY C 8 40.78 -7.76 18.56
C GLY C 8 40.13 -7.37 19.87
N ALA C 9 39.52 -8.35 20.53
CA ALA C 9 38.84 -8.13 21.80
C ALA C 9 37.99 -6.86 21.76
N ASN C 10 38.46 -5.80 22.40
CA ASN C 10 37.76 -4.52 22.41
C ASN C 10 38.62 -3.45 23.08
N THR C 11 39.33 -2.71 22.24
CA THR C 11 40.21 -1.64 22.69
C THR C 11 39.87 -0.34 21.99
N VAL C 12 38.82 -0.40 21.19
CA VAL C 12 38.30 0.75 20.45
C VAL C 12 36.80 0.66 20.71
N PRO C 13 36.37 0.91 21.96
CA PRO C 13 35.00 0.89 22.46
C PRO C 13 34.18 2.03 21.90
N TYR C 14 34.86 3.13 21.61
CA TYR C 14 34.18 4.30 21.07
C TYR C 14 33.86 4.22 19.57
N GLN C 15 34.32 3.15 18.91
CA GLN C 15 34.09 2.97 17.47
C GLN C 15 32.64 2.59 17.21
N VAL C 16 32.07 3.06 16.10
CA VAL C 16 30.69 2.69 15.73
C VAL C 16 30.62 2.55 14.23
N SER C 17 29.70 1.72 13.75
CA SER C 17 29.50 1.53 12.30
C SER C 17 28.25 2.26 11.82
N LEU C 18 28.36 2.95 10.69
CA LEU C 18 27.22 3.64 10.14
C LEU C 18 26.71 2.71 9.08
N ASN C 19 25.47 2.25 9.24
CA ASN C 19 24.84 1.33 8.31
C ASN C 19 23.63 1.94 7.60
N SER C 20 23.49 1.63 6.32
CA SER C 20 22.38 2.10 5.49
C SER C 20 22.12 0.90 4.59
N GLY C 21 21.79 -0.21 5.23
CA GLY C 21 21.54 -1.43 4.51
C GLY C 21 22.83 -2.21 4.60
N TYR C 22 23.95 -1.49 4.56
CA TYR C 22 25.26 -2.10 4.65
C TYR C 22 26.19 -1.07 5.32
N HIS C 23 27.39 -1.51 5.70
CA HIS C 23 28.34 -0.62 6.34
C HIS C 23 28.89 0.31 5.29
N PHE C 24 28.85 1.61 5.54
CA PHE C 24 29.39 2.55 4.59
C PHE C 24 30.33 3.60 5.22
N CYS C 25 30.39 3.65 6.55
CA CYS C 25 31.24 4.60 7.24
C CYS C 25 31.39 4.20 8.70
N GLY C 26 32.30 4.88 9.39
CA GLY C 26 32.51 4.65 10.79
C GLY C 26 32.06 5.91 11.50
N GLY C 27 32.34 5.99 12.79
CA GLY C 27 31.99 7.16 13.57
C GLY C 27 32.48 6.97 14.98
N SER C 28 32.59 8.05 15.74
CA SER C 28 33.06 7.96 17.11
C SER C 28 31.98 8.39 18.08
N LEU C 29 31.86 7.64 19.17
CA LEU C 29 30.87 7.95 20.19
C LEU C 29 31.44 9.03 21.10
N ILE C 30 30.81 10.19 21.11
CA ILE C 30 31.28 11.31 21.92
C ILE C 30 30.63 11.28 23.29
N ASN C 31 29.51 10.59 23.40
CA ASN C 31 28.79 10.44 24.68
C ASN C 31 27.49 9.76 24.43
N SER C 32 26.97 9.03 25.39
CA SER C 32 25.71 8.29 25.28
C SER C 32 24.80 8.49 24.06
N GLN C 33 24.43 9.73 23.77
CA GLN C 33 23.53 10.02 22.65
C GLN C 33 24.11 10.62 21.37
N TRP C 34 25.34 11.10 21.36
CA TRP C 34 25.86 11.71 20.13
C TRP C 34 27.02 10.96 19.50
N VAL C 35 27.10 11.00 18.17
CA VAL C 35 28.16 10.32 17.42
C VAL C 35 28.71 11.35 16.45
N VAL C 36 30.02 11.52 16.40
CA VAL C 36 30.61 12.48 15.46
C VAL C 36 31.15 11.70 14.28
N SER C 37 30.99 12.21 13.06
CA SER C 37 31.49 11.51 11.87
C SER C 37 31.76 12.45 10.69
N ALA C 38 32.23 11.90 9.57
CA ALA C 38 32.50 12.68 8.36
C ALA C 38 31.17 13.14 7.74
N ALA C 39 31.03 14.43 7.47
CA ALA C 39 29.81 14.97 6.84
C ALA C 39 29.50 14.31 5.51
N HIS C 40 30.51 13.89 4.77
CA HIS C 40 30.25 13.20 3.51
C HIS C 40 29.70 11.78 3.76
N CYS C 41 29.56 11.37 5.02
CA CYS C 41 28.97 10.08 5.32
C CYS C 41 27.49 10.29 5.61
N TYR C 42 27.02 11.52 5.35
CA TYR C 42 25.62 11.82 5.55
C TYR C 42 24.79 11.04 4.54
N LYS C 43 23.68 10.47 5.01
CA LYS C 43 22.76 9.71 4.20
C LYS C 43 21.47 9.87 4.94
N SER C 44 20.36 9.65 4.24
CA SER C 44 19.04 9.77 4.85
C SER C 44 18.82 8.53 5.72
N GLY C 45 18.33 8.72 6.93
CA GLY C 45 18.09 7.60 7.83
C GLY C 45 19.24 6.61 8.00
N ILE C 46 20.26 7.00 8.75
CA ILE C 46 21.42 6.14 9.02
C ILE C 46 21.15 5.34 10.30
N GLN C 47 21.74 4.16 10.42
CA GLN C 47 21.56 3.35 11.62
C GLN C 47 22.96 3.09 12.16
N VAL C 48 23.13 3.38 13.45
CA VAL C 48 24.42 3.23 14.12
C VAL C 48 24.57 1.87 14.80
N ARG C 49 25.66 1.18 14.50
CA ARG C 49 25.96 -0.11 15.12
C ARG C 49 27.15 0.15 16.03
N LEU C 50 26.91 0.10 17.33
CA LEU C 50 27.98 0.33 18.32
C LEU C 50 28.52 -0.99 18.87
N GLY C 51 29.62 -0.92 19.61
CA GLY C 51 30.21 -2.11 20.20
C GLY C 51 30.39 -3.29 19.26
N GLU C 52 30.71 -3.00 18.00
CA GLU C 52 30.91 -4.03 16.99
C GLU C 52 32.31 -4.64 17.07
N ASP C 53 32.40 -5.91 16.71
CA ASP C 53 33.68 -6.61 16.66
C ASP C 53 33.73 -7.06 15.21
N ASN C 54 32.80 -7.93 14.86
CA ASN C 54 32.68 -8.42 13.49
C ASN C 54 31.40 -7.75 13.00
N ILE C 55 31.46 -7.11 11.83
CA ILE C 55 30.26 -6.46 11.31
C ILE C 55 29.40 -7.38 10.46
N ASN C 56 29.20 -8.60 10.95
CA ASN C 56 28.38 -9.59 10.25
C ASN C 56 27.79 -10.59 11.25
N VAL C 57 28.58 -10.91 12.28
CA VAL C 57 28.14 -11.87 13.30
C VAL C 57 27.88 -11.16 14.63
N VAL C 58 26.90 -11.65 15.41
CA VAL C 58 26.59 -11.04 16.71
C VAL C 58 27.69 -11.33 17.75
N GLU C 59 28.76 -10.55 17.71
CA GLU C 59 29.86 -10.75 18.65
C GLU C 59 29.58 -10.15 20.02
N GLY C 60 28.61 -10.74 20.71
CA GLY C 60 28.24 -10.26 22.04
C GLY C 60 27.58 -8.90 22.02
N ASN C 61 28.39 -7.86 21.92
CA ASN C 61 27.89 -6.49 21.91
C ASN C 61 27.24 -6.20 20.57
N GLU C 62 25.93 -5.98 20.57
CA GLU C 62 25.19 -5.69 19.36
C GLU C 62 24.17 -4.60 19.65
N GLN C 63 24.38 -3.43 19.05
CA GLN C 63 23.47 -2.31 19.26
C GLN C 63 23.18 -1.53 17.99
N PHE C 64 22.03 -1.81 17.38
CA PHE C 64 21.60 -1.08 16.18
C PHE C 64 20.62 0.02 16.62
N ILE C 65 21.05 1.28 16.54
CA ILE C 65 20.20 2.40 16.92
C ILE C 65 19.92 3.36 15.77
N SER C 66 18.67 3.76 15.63
CA SER C 66 18.34 4.69 14.57
C SER C 66 18.87 6.08 14.95
N ALA C 67 19.13 6.92 13.96
CA ALA C 67 19.63 8.28 14.22
C ALA C 67 18.50 9.30 14.18
N SER C 68 18.28 10.01 15.28
CA SER C 68 17.22 11.03 15.34
C SER C 68 17.55 12.25 14.45
N LYS C 69 18.57 13.01 14.79
CA LYS C 69 18.96 14.17 14.00
C LYS C 69 20.33 13.86 13.42
N SER C 70 20.55 14.14 12.14
CA SER C 70 21.89 13.94 11.54
C SER C 70 22.25 15.35 11.06
N ILE C 71 22.98 16.05 11.94
CA ILE C 71 23.38 17.44 11.70
C ILE C 71 24.75 17.63 11.03
N VAL C 72 24.72 17.99 9.75
CA VAL C 72 25.92 18.21 8.96
C VAL C 72 26.47 19.63 9.27
N HIS C 73 27.78 19.82 9.19
CA HIS C 73 28.35 21.13 9.44
C HIS C 73 27.89 22.12 8.36
N PRO C 74 27.37 23.29 8.77
CA PRO C 74 26.86 24.38 7.91
C PRO C 74 27.77 25.00 6.85
N SER C 75 28.98 24.49 6.71
CA SER C 75 29.88 25.06 5.71
C SER C 75 30.64 23.96 5.04
N TYR C 76 30.21 22.73 5.28
CA TYR C 76 30.87 21.60 4.68
C TYR C 76 30.76 21.84 3.20
N ASN C 77 31.88 21.81 2.49
CA ASN C 77 31.85 22.00 1.03
C ASN C 77 32.05 20.64 0.35
N SER C 78 30.99 20.16 -0.32
CA SER C 78 31.04 18.86 -0.99
C SER C 78 32.14 18.73 -2.02
N ASN C 79 32.69 19.87 -2.42
CA ASN C 79 33.74 19.82 -3.42
C ASN C 79 35.12 19.72 -2.82
N THR C 80 35.47 20.70 -1.99
CA THR C 80 36.78 20.72 -1.36
C THR C 80 36.90 19.74 -0.22
N LEU C 81 35.76 19.38 0.35
CA LEU C 81 35.69 18.50 1.49
C LEU C 81 36.25 19.26 2.71
N ASN C 82 36.05 20.58 2.72
CA ASN C 82 36.51 21.40 3.83
C ASN C 82 35.37 21.39 4.85
N ASN C 83 35.69 21.25 6.13
CA ASN C 83 34.67 21.18 7.17
C ASN C 83 33.91 19.87 7.09
N ASP C 84 34.61 18.80 6.72
CA ASP C 84 34.00 17.48 6.62
C ASP C 84 33.69 16.97 8.03
N ILE C 85 32.62 17.49 8.64
CA ILE C 85 32.22 17.10 9.99
C ILE C 85 30.71 17.12 10.15
N MET C 86 30.20 16.07 10.78
CA MET C 86 28.78 15.89 10.99
C MET C 86 28.55 15.24 12.35
N LEU C 87 27.45 15.61 12.99
CA LEU C 87 27.08 15.08 14.28
C LEU C 87 25.77 14.33 14.13
N ILE C 88 25.72 13.14 14.72
CA ILE C 88 24.56 12.28 14.67
C ILE C 88 24.03 12.11 16.09
N LYS C 89 22.71 12.22 16.23
CA LYS C 89 22.07 12.02 17.53
C LYS C 89 21.28 10.73 17.44
N LEU C 90 21.55 9.83 18.36
CA LEU C 90 20.86 8.55 18.38
C LEU C 90 19.44 8.70 18.89
N LYS C 91 18.51 8.02 18.24
CA LYS C 91 17.13 8.04 18.68
C LYS C 91 17.12 7.79 20.18
N SER C 92 17.83 6.74 20.61
CA SER C 92 17.95 6.35 22.00
C SER C 92 19.42 6.50 22.41
N ALA C 93 19.67 6.82 23.68
CA ALA C 93 21.05 6.95 24.18
C ALA C 93 21.70 5.61 24.29
N ALA C 94 22.93 5.53 23.78
CA ALA C 94 23.72 4.32 23.79
C ALA C 94 24.11 3.99 25.21
N SER C 95 24.26 2.69 25.47
CA SER C 95 24.60 2.17 26.78
C SER C 95 26.09 2.23 27.11
N LEU C 96 26.51 3.32 27.73
CA LEU C 96 27.92 3.44 28.08
C LEU C 96 28.27 2.34 29.07
N ASN C 97 29.54 1.91 29.05
CA ASN C 97 30.09 0.89 29.93
C ASN C 97 31.50 0.50 29.48
N SER C 98 32.00 -0.63 29.98
CA SER C 98 33.32 -1.13 29.62
C SER C 98 33.39 -1.56 28.15
N ARG C 99 32.23 -1.85 27.57
CA ARG C 99 32.16 -2.28 26.18
C ARG C 99 32.06 -1.07 25.26
N VAL C 100 30.92 -0.38 25.29
CA VAL C 100 30.73 0.80 24.47
C VAL C 100 31.10 1.97 25.37
N ALA C 101 32.09 2.75 24.96
CA ALA C 101 32.50 3.90 25.75
C ALA C 101 32.73 5.11 24.85
N SER C 102 32.59 6.31 25.39
CA SER C 102 32.79 7.51 24.60
C SER C 102 34.24 7.89 24.60
N ILE C 103 34.69 8.55 23.53
CA ILE C 103 36.07 9.03 23.38
C ILE C 103 36.00 10.50 23.76
N SER C 104 37.09 11.07 24.26
CA SER C 104 37.03 12.47 24.66
C SER C 104 37.38 13.43 23.55
N LEU C 105 36.78 14.62 23.58
CA LEU C 105 37.09 15.64 22.58
C LEU C 105 38.40 16.31 23.02
N PRO C 106 39.18 16.83 22.09
CA PRO C 106 40.43 17.48 22.41
C PRO C 106 40.23 18.89 22.92
N THR C 107 41.28 19.43 23.55
CA THR C 107 41.24 20.79 24.08
C THR C 107 42.25 21.60 23.29
N SER C 108 43.26 20.90 22.79
CA SER C 108 44.33 21.51 22.02
C SER C 108 44.72 20.52 20.93
N CYS C 109 45.00 21.05 19.74
CA CYS C 109 45.38 20.26 18.58
C CYS C 109 46.70 19.53 18.75
N ALA C 110 46.76 18.32 18.18
CA ALA C 110 47.96 17.47 18.25
C ALA C 110 49.08 18.06 17.42
N SER C 111 50.26 18.20 18.03
CA SER C 111 51.41 18.75 17.33
C SER C 111 51.92 17.71 16.37
N ALA C 112 52.39 18.13 15.21
CA ALA C 112 52.92 17.19 14.22
C ALA C 112 53.92 16.27 14.93
N GLY C 113 53.89 14.99 14.57
CA GLY C 113 54.77 14.03 15.20
C GLY C 113 54.03 13.13 16.16
N THR C 114 52.87 13.60 16.63
CA THR C 114 52.04 12.83 17.56
C THR C 114 51.60 11.51 16.94
N GLN C 115 51.74 10.42 17.70
CA GLN C 115 51.33 9.10 17.25
C GLN C 115 49.86 8.90 17.62
N CYS C 116 49.06 8.42 16.68
CA CYS C 116 47.64 8.23 16.90
C CYS C 116 47.20 6.86 16.44
N LEU C 117 45.95 6.51 16.75
CA LEU C 117 45.40 5.23 16.36
C LEU C 117 44.16 5.47 15.50
N ILE C 118 44.25 5.03 14.24
CA ILE C 118 43.15 5.14 13.27
C ILE C 118 42.55 3.75 13.19
N SER C 119 41.23 3.66 13.08
CA SER C 119 40.58 2.36 13.03
C SER C 119 39.37 2.34 12.11
N GLY C 120 39.00 1.15 11.64
CA GLY C 120 37.85 1.03 10.75
C GLY C 120 37.65 -0.38 10.21
N TRP C 121 36.59 -0.54 9.43
CA TRP C 121 36.28 -1.82 8.83
C TRP C 121 36.51 -1.71 7.33
N GLY C 122 37.03 -0.57 6.90
CA GLY C 122 37.25 -0.37 5.48
C GLY C 122 38.17 -1.37 4.82
N ASN C 123 38.28 -1.22 3.51
CA ASN C 123 39.12 -2.06 2.67
C ASN C 123 40.54 -2.17 3.24
N THR C 124 41.15 -3.33 3.06
CA THR C 124 42.50 -3.59 3.54
C THR C 124 43.54 -3.56 2.40
N LYS C 125 43.14 -3.99 1.21
CA LYS C 125 44.04 -4.01 0.05
C LYS C 125 44.24 -2.67 -0.63
N SER C 126 45.46 -2.42 -1.06
CA SER C 126 45.83 -1.18 -1.74
C SER C 126 45.26 -1.20 -3.13
N SER C 127 45.43 -2.35 -3.80
CA SER C 127 44.92 -2.56 -5.15
C SER C 127 43.94 -3.71 -5.00
N GLY C 128 42.65 -3.40 -5.11
CA GLY C 128 41.64 -4.42 -4.97
C GLY C 128 40.83 -4.22 -3.71
N THR C 129 39.63 -4.80 -3.67
CA THR C 129 38.75 -4.65 -2.54
C THR C 129 38.70 -5.92 -1.70
N SER C 130 39.11 -5.81 -0.44
CA SER C 130 39.08 -6.91 0.49
C SER C 130 38.57 -6.26 1.76
N TYR C 131 37.26 -6.12 1.90
CA TYR C 131 36.69 -5.52 3.10
C TYR C 131 36.63 -6.51 4.27
N PRO C 132 37.38 -6.23 5.35
CA PRO C 132 37.47 -7.06 6.56
C PRO C 132 36.21 -7.12 7.41
N ASP C 133 36.06 -8.25 8.09
CA ASP C 133 34.92 -8.48 8.95
C ASP C 133 35.16 -7.89 10.33
N VAL C 134 36.41 -7.93 10.76
CA VAL C 134 36.81 -7.44 12.06
C VAL C 134 37.44 -6.06 11.98
N LEU C 135 37.35 -5.33 13.09
CA LEU C 135 37.89 -4.01 13.18
C LEU C 135 39.39 -4.11 13.10
N LYS C 136 39.96 -3.23 12.28
CA LYS C 136 41.40 -3.11 12.09
C LYS C 136 41.90 -1.81 12.76
N CYS C 137 43.14 -1.85 13.24
CA CYS C 137 43.75 -0.70 13.89
C CYS C 137 45.05 -0.39 13.19
N LEU C 138 45.43 0.89 13.24
CA LEU C 138 46.66 1.34 12.61
C LEU C 138 47.24 2.50 13.40
N LYS C 139 48.50 2.34 13.85
CA LYS C 139 49.24 3.35 14.59
C LYS C 139 49.86 4.16 13.48
N ALA C 140 49.77 5.47 13.57
CA ALA C 140 50.32 6.36 12.54
C ALA C 140 50.55 7.74 13.15
N PRO C 141 51.59 8.43 12.71
CA PRO C 141 51.85 9.76 13.26
C PRO C 141 51.17 10.85 12.46
N ILE C 142 51.09 12.03 13.06
CA ILE C 142 50.52 13.20 12.41
C ILE C 142 51.67 13.83 11.61
N LEU C 143 51.50 13.98 10.30
CA LEU C 143 52.54 14.58 9.47
C LEU C 143 52.51 16.10 9.60
N SER C 144 53.61 16.72 9.22
CA SER C 144 53.75 18.16 9.29
C SER C 144 52.89 18.83 8.20
N ASP C 145 52.15 19.86 8.62
CA ASP C 145 51.28 20.62 7.71
C ASP C 145 51.98 20.87 6.38
N SER C 146 53.30 20.93 6.43
CA SER C 146 54.14 21.16 5.27
C SER C 146 54.11 19.97 4.32
N SER C 147 54.53 18.81 4.82
CA SER C 147 54.55 17.59 3.99
C SER C 147 53.14 17.38 3.42
N CYS C 148 52.16 17.72 4.26
CA CYS C 148 50.78 17.58 3.87
C CYS C 148 50.54 18.44 2.65
N LYS C 149 50.67 19.76 2.81
CA LYS C 149 50.42 20.70 1.72
C LYS C 149 51.23 20.38 0.47
N SER C 150 52.46 19.95 0.65
CA SER C 150 53.27 19.61 -0.51
C SER C 150 52.61 18.46 -1.28
N ALA C 151 52.20 17.42 -0.54
CA ALA C 151 51.55 16.25 -1.12
C ALA C 151 50.25 16.63 -1.85
N TYR C 152 49.45 17.48 -1.21
CA TYR C 152 48.19 17.92 -1.78
C TYR C 152 48.16 19.45 -1.87
N PRO C 153 48.91 19.99 -2.86
CA PRO C 153 49.05 21.43 -3.13
C PRO C 153 47.79 22.30 -2.95
N GLY C 154 47.84 23.19 -1.97
CA GLY C 154 46.73 24.10 -1.72
C GLY C 154 45.44 23.46 -1.24
N GLN C 155 45.17 22.23 -1.66
CA GLN C 155 43.95 21.52 -1.29
C GLN C 155 43.83 21.34 0.23
N ILE C 156 44.98 21.24 0.90
CA ILE C 156 45.02 21.06 2.34
C ILE C 156 44.65 22.37 3.03
N THR C 157 43.46 22.41 3.65
CA THR C 157 43.00 23.59 4.36
C THR C 157 43.45 23.54 5.82
N SER C 158 43.09 24.58 6.56
CA SER C 158 43.45 24.66 7.97
C SER C 158 42.64 23.67 8.80
N ASN C 159 41.62 23.08 8.17
CA ASN C 159 40.74 22.12 8.82
C ASN C 159 41.08 20.69 8.42
N MET C 160 42.26 20.51 7.87
CA MET C 160 42.71 19.20 7.43
C MET C 160 44.14 18.91 7.95
N PHE C 161 44.47 17.64 8.09
CA PHE C 161 45.81 17.29 8.55
C PHE C 161 46.13 15.94 8.00
N CYS C 162 47.36 15.75 7.56
CA CYS C 162 47.77 14.48 7.00
C CYS C 162 48.25 13.60 8.12
N ALA C 163 48.14 12.30 7.95
CA ALA C 163 48.63 11.35 8.94
C ALA C 163 48.94 10.07 8.20
N GLY C 164 49.95 9.34 8.66
CA GLY C 164 50.31 8.10 7.99
C GLY C 164 51.78 7.99 7.70
N TYR C 165 52.14 7.46 6.54
CA TYR C 165 53.53 7.26 6.16
C TYR C 165 53.81 7.68 4.74
N LEU C 166 54.65 8.69 4.55
CA LEU C 166 54.98 9.16 3.21
C LEU C 166 55.48 8.03 2.33
N GLU C 167 56.09 7.02 2.96
CA GLU C 167 56.61 5.87 2.21
C GLU C 167 55.46 5.08 1.63
N GLY C 168 54.38 4.96 2.40
CA GLY C 168 53.20 4.22 1.99
C GLY C 168 53.15 2.84 2.65
N GLY C 169 52.14 2.05 2.32
CA GLY C 169 52.01 0.72 2.89
C GLY C 169 50.99 0.61 4.02
N LYS C 170 50.76 1.72 4.72
CA LYS C 170 49.80 1.78 5.83
C LYS C 170 49.00 3.09 5.72
N ASP C 171 47.68 2.96 5.61
CA ASP C 171 46.82 4.13 5.45
C ASP C 171 45.38 3.68 5.57
N SER C 172 44.48 4.63 5.87
CA SER C 172 43.05 4.32 5.96
C SER C 172 42.55 4.13 4.52
N CYS C 173 41.33 3.60 4.36
CA CYS C 173 40.83 3.36 3.02
C CYS C 173 39.29 3.32 2.97
N GLN C 174 38.75 3.40 1.75
CA GLN C 174 37.32 3.40 1.48
C GLN C 174 36.60 2.45 2.42
N GLY C 175 35.65 3.03 3.16
CA GLY C 175 34.89 2.30 4.15
C GLY C 175 35.36 2.74 5.53
N ASP C 176 36.43 3.53 5.56
CA ASP C 176 36.98 4.02 6.81
C ASP C 176 36.56 5.45 7.09
N SER C 177 35.87 6.08 6.14
CA SER C 177 35.40 7.45 6.34
C SER C 177 34.63 7.63 7.66
N GLY C 178 34.74 8.82 8.24
CA GLY C 178 34.06 9.10 9.49
C GLY C 178 34.68 8.41 10.70
N GLY C 179 35.58 7.46 10.46
CA GLY C 179 36.21 6.77 11.56
C GLY C 179 37.06 7.73 12.38
N PRO C 180 37.44 7.34 13.62
CA PRO C 180 38.25 8.11 14.55
C PRO C 180 39.78 8.07 14.33
N VAL C 181 40.42 9.15 14.78
CA VAL C 181 41.88 9.28 14.78
C VAL C 181 42.10 9.73 16.23
N VAL C 182 42.46 8.79 17.08
CA VAL C 182 42.67 9.11 18.48
C VAL C 182 44.14 9.30 18.75
N CYS C 183 44.46 10.39 19.45
CA CYS C 183 45.84 10.66 19.83
C CYS C 183 45.80 10.98 21.32
N SER C 184 46.50 10.18 22.11
CA SER C 184 46.56 10.36 23.56
C SER C 184 45.19 10.43 24.21
N GLY C 185 44.33 9.49 23.84
CA GLY C 185 42.99 9.46 24.41
C GLY C 185 42.02 10.53 23.92
N LYS C 186 42.42 11.35 22.96
CA LYS C 186 41.54 12.37 22.46
C LYS C 186 41.20 12.11 21.00
N LEU C 187 40.03 12.60 20.57
CA LEU C 187 39.59 12.47 19.18
C LEU C 187 40.18 13.63 18.38
N GLN C 188 41.30 13.36 17.72
CA GLN C 188 41.97 14.41 16.94
C GLN C 188 41.46 14.64 15.52
N GLY C 189 41.08 13.57 14.82
CA GLY C 189 40.60 13.75 13.48
C GLY C 189 39.64 12.69 13.02
N ILE C 190 38.97 12.97 11.91
CA ILE C 190 38.03 12.03 11.34
C ILE C 190 38.54 11.64 9.95
N VAL C 191 38.55 10.34 9.67
CA VAL C 191 39.02 9.85 8.37
C VAL C 191 38.23 10.56 7.30
N SER C 192 38.91 11.21 6.37
CA SER C 192 38.21 11.94 5.32
C SER C 192 38.54 11.52 3.88
N TRP C 193 39.68 11.96 3.36
CA TRP C 193 40.00 11.63 1.98
C TRP C 193 41.48 11.44 1.71
N GLY C 194 41.81 11.17 0.46
CA GLY C 194 43.21 10.98 0.10
C GLY C 194 43.27 10.37 -1.28
N SER C 195 44.47 10.18 -1.81
CA SER C 195 44.60 9.59 -3.12
C SER C 195 44.80 8.10 -3.00
N GLY C 196 43.79 7.35 -3.42
CA GLY C 196 43.87 5.91 -3.36
C GLY C 196 44.11 5.54 -1.93
N CYS C 197 44.93 4.52 -1.70
CA CYS C 197 45.23 4.08 -0.35
C CYS C 197 46.68 3.57 -0.18
N ALA C 198 47.35 4.11 0.83
CA ALA C 198 48.72 3.72 1.14
C ALA C 198 49.69 4.01 0.00
N GLN C 199 49.26 4.91 -0.88
CA GLN C 199 50.06 5.31 -2.01
C GLN C 199 51.18 6.19 -1.46
N LYS C 200 52.39 5.93 -1.96
CA LYS C 200 53.59 6.70 -1.59
C LYS C 200 53.37 8.18 -1.84
N ASN C 201 53.86 9.00 -0.92
CA ASN C 201 53.75 10.45 -1.00
C ASN C 201 52.30 10.98 -1.08
N LYS C 202 51.33 10.10 -0.80
CA LYS C 202 49.91 10.46 -0.79
C LYS C 202 49.38 9.91 0.53
N PRO C 203 49.58 10.66 1.62
CA PRO C 203 49.14 10.27 2.96
C PRO C 203 47.64 10.51 3.12
N GLY C 204 47.03 9.78 4.04
CA GLY C 204 45.60 10.00 4.27
C GLY C 204 45.37 11.38 4.88
N VAL C 205 44.30 12.03 4.47
CA VAL C 205 43.95 13.34 4.99
C VAL C 205 42.81 13.21 6.00
N TYR C 206 42.87 13.96 7.08
CA TYR C 206 41.86 13.88 8.14
C TYR C 206 41.37 15.25 8.60
N THR C 207 40.13 15.29 9.10
CA THR C 207 39.54 16.53 9.57
C THR C 207 40.11 16.89 10.92
N LYS C 208 40.47 18.15 11.08
CA LYS C 208 41.03 18.65 12.33
C LYS C 208 39.89 18.85 13.36
N VAL C 209 39.58 17.81 14.12
CA VAL C 209 38.50 17.86 15.10
C VAL C 209 38.63 18.99 16.12
N CYS C 210 39.86 19.35 16.42
CA CYS C 210 40.14 20.40 17.40
C CYS C 210 39.55 21.74 17.02
N ASN C 211 39.49 22.02 15.73
CA ASN C 211 38.93 23.30 15.26
C ASN C 211 37.41 23.33 15.43
N TYR C 212 36.78 22.18 15.59
CA TYR C 212 35.33 22.13 15.69
C TYR C 212 34.78 21.82 17.06
N VAL C 213 35.63 21.73 18.08
CA VAL C 213 35.17 21.42 19.43
C VAL C 213 34.04 22.33 19.93
N SER C 214 34.18 23.62 19.66
CA SER C 214 33.17 24.57 20.07
C SER C 214 31.82 24.25 19.39
N TRP C 215 31.86 24.13 18.07
CA TRP C 215 30.65 23.83 17.28
C TRP C 215 29.99 22.55 17.82
N ILE C 216 30.80 21.52 18.00
CA ILE C 216 30.30 20.26 18.52
C ILE C 216 29.54 20.54 19.80
N LYS C 217 30.23 21.15 20.76
CA LYS C 217 29.65 21.48 22.08
C LYS C 217 28.36 22.29 22.01
N GLN C 218 28.34 23.33 21.17
CA GLN C 218 27.13 24.14 21.05
C GLN C 218 25.95 23.34 20.46
N THR C 219 26.20 22.62 19.37
CA THR C 219 25.18 21.80 18.70
C THR C 219 24.51 20.80 19.66
N ILE C 220 25.32 20.09 20.43
CA ILE C 220 24.84 19.13 21.40
C ILE C 220 23.93 19.77 22.51
N ALA C 221 24.35 20.92 23.02
CA ALA C 221 23.57 21.60 24.06
C ALA C 221 22.25 22.13 23.59
N SER C 222 22.14 22.37 22.28
CA SER C 222 20.94 22.95 21.69
C SER C 222 19.99 21.95 21.09
N ASN C 223 20.52 20.81 20.72
CA ASN C 223 19.69 19.80 20.08
C ASN C 223 19.37 18.59 20.98
N ILE D 1 41.79 -37.51 -28.44
CA ILE D 1 41.87 -36.05 -28.62
C ILE D 1 41.23 -35.75 -29.97
N VAL D 2 40.06 -35.13 -29.93
CA VAL D 2 39.32 -34.77 -31.13
C VAL D 2 40.00 -33.56 -31.77
N GLY D 3 40.44 -33.73 -33.00
CA GLY D 3 41.09 -32.65 -33.72
C GLY D 3 42.44 -32.28 -33.19
N GLY D 4 43.33 -33.27 -33.11
CA GLY D 4 44.67 -33.00 -32.63
C GLY D 4 45.76 -33.38 -33.61
N TYR D 5 47.00 -33.37 -33.16
CA TYR D 5 48.11 -33.74 -34.03
C TYR D 5 48.89 -34.82 -33.31
N THR D 6 49.60 -35.67 -34.05
CA THR D 6 50.41 -36.72 -33.42
C THR D 6 51.56 -36.02 -32.70
N CYS D 7 51.78 -36.37 -31.44
CA CYS D 7 52.86 -35.75 -30.69
C CYS D 7 54.19 -36.25 -31.27
N GLY D 8 54.24 -37.52 -31.62
CA GLY D 8 55.43 -38.10 -32.20
C GLY D 8 56.66 -38.11 -31.30
N ALA D 9 57.64 -38.91 -31.68
CA ALA D 9 58.89 -39.05 -30.93
C ALA D 9 58.59 -39.21 -29.43
N ASN D 10 58.81 -38.15 -28.67
CA ASN D 10 58.57 -38.15 -27.23
C ASN D 10 58.77 -36.76 -26.62
N THR D 11 57.67 -36.01 -26.55
CA THR D 11 57.67 -34.65 -26.01
C THR D 11 56.68 -34.55 -24.85
N VAL D 12 56.07 -35.70 -24.53
CA VAL D 12 55.11 -35.79 -23.46
C VAL D 12 55.55 -36.99 -22.62
N PRO D 13 56.78 -36.94 -22.06
CA PRO D 13 57.45 -37.95 -21.23
C PRO D 13 56.68 -38.29 -19.97
N TYR D 14 56.00 -37.28 -19.43
CA TYR D 14 55.21 -37.43 -18.21
C TYR D 14 53.87 -38.08 -18.43
N GLN D 15 53.56 -38.43 -19.66
CA GLN D 15 52.27 -39.05 -19.96
C GLN D 15 52.27 -40.55 -19.59
N VAL D 16 51.15 -41.05 -19.08
CA VAL D 16 51.04 -42.48 -18.76
C VAL D 16 49.63 -42.97 -19.10
N SER D 17 49.54 -44.25 -19.42
CA SER D 17 48.31 -44.89 -19.79
C SER D 17 47.86 -45.82 -18.67
N LEU D 18 46.61 -45.66 -18.22
CA LEU D 18 46.09 -46.50 -17.16
C LEU D 18 45.42 -47.64 -17.88
N ASN D 19 45.86 -48.87 -17.59
CA ASN D 19 45.34 -50.06 -18.22
C ASN D 19 44.62 -50.91 -17.22
N SER D 20 43.55 -51.55 -17.64
CA SER D 20 42.80 -52.48 -16.79
C SER D 20 42.32 -53.51 -17.76
N GLY D 21 43.27 -54.17 -18.42
CA GLY D 21 42.95 -55.17 -19.43
C GLY D 21 43.08 -54.44 -20.75
N TYR D 22 42.74 -53.16 -20.73
CA TYR D 22 42.81 -52.29 -21.89
C TYR D 22 42.99 -50.85 -21.41
N HIS D 23 43.38 -49.96 -22.33
CA HIS D 23 43.56 -48.55 -21.98
C HIS D 23 42.19 -47.96 -21.70
N PHE D 24 42.08 -47.26 -20.56
CA PHE D 24 40.82 -46.64 -20.22
C PHE D 24 40.96 -45.21 -19.68
N CYS D 25 42.19 -44.77 -19.44
CA CYS D 25 42.47 -43.41 -18.96
C CYS D 25 43.93 -43.11 -19.09
N GLY D 26 44.28 -41.84 -18.87
CA GLY D 26 45.66 -41.39 -18.91
C GLY D 26 46.01 -40.95 -17.51
N GLY D 27 47.15 -40.29 -17.36
CA GLY D 27 47.55 -39.80 -16.05
C GLY D 27 48.86 -39.08 -16.19
N SER D 28 49.27 -38.34 -15.18
CA SER D 28 50.54 -37.66 -15.28
C SER D 28 51.47 -38.16 -14.20
N LEU D 29 52.75 -38.30 -14.54
CA LEU D 29 53.75 -38.74 -13.60
C LEU D 29 54.27 -37.50 -12.86
N ILE D 30 53.99 -37.43 -11.57
CA ILE D 30 54.38 -36.31 -10.72
C ILE D 30 55.81 -36.49 -10.21
N ASN D 31 56.24 -37.75 -10.08
CA ASN D 31 57.60 -38.08 -9.64
C ASN D 31 57.74 -39.59 -9.62
N SER D 32 58.95 -40.08 -9.76
CA SER D 32 59.24 -41.51 -9.78
C SER D 32 58.16 -42.50 -9.33
N GLN D 33 57.59 -42.32 -8.15
CA GLN D 33 56.60 -43.26 -7.63
C GLN D 33 55.13 -42.90 -7.66
N TRP D 34 54.78 -41.64 -7.93
CA TRP D 34 53.37 -41.25 -7.95
C TRP D 34 52.84 -40.77 -9.29
N VAL D 35 51.56 -41.02 -9.54
CA VAL D 35 50.89 -40.64 -10.78
C VAL D 35 49.56 -39.97 -10.41
N VAL D 36 49.33 -38.75 -10.91
CA VAL D 36 48.08 -38.05 -10.61
C VAL D 36 47.09 -38.29 -11.74
N SER D 37 45.80 -38.43 -11.42
CA SER D 37 44.78 -38.67 -12.46
C SER D 37 43.36 -38.33 -12.01
N ALA D 38 42.40 -38.55 -12.91
CA ALA D 38 40.99 -38.27 -12.63
C ALA D 38 40.45 -39.30 -11.64
N ALA D 39 39.75 -38.83 -10.61
CA ALA D 39 39.21 -39.73 -9.59
C ALA D 39 38.27 -40.74 -10.17
N HIS D 40 37.57 -40.36 -11.25
CA HIS D 40 36.61 -41.24 -11.93
C HIS D 40 37.26 -42.33 -12.82
N CYS D 41 38.59 -42.29 -12.89
CA CYS D 41 39.36 -43.28 -13.60
C CYS D 41 39.75 -44.37 -12.61
N TYR D 42 39.29 -44.26 -11.37
CA TYR D 42 39.59 -45.24 -10.36
C TYR D 42 39.02 -46.58 -10.76
N LYS D 43 39.80 -47.63 -10.56
CA LYS D 43 39.40 -48.99 -10.87
C LYS D 43 40.22 -49.87 -9.91
N SER D 44 39.71 -51.05 -9.58
CA SER D 44 40.42 -51.97 -8.72
C SER D 44 41.59 -52.52 -9.51
N GLY D 45 42.79 -52.42 -8.93
CA GLY D 45 43.98 -52.92 -9.60
C GLY D 45 44.27 -52.35 -10.98
N ILE D 46 44.76 -51.13 -11.01
CA ILE D 46 45.12 -50.43 -12.25
C ILE D 46 46.59 -50.74 -12.56
N GLN D 47 46.95 -50.82 -13.83
CA GLN D 47 48.34 -51.05 -14.19
C GLN D 47 48.77 -49.85 -15.02
N VAL D 48 49.83 -49.19 -14.60
CA VAL D 48 50.30 -48.00 -15.28
C VAL D 48 51.32 -48.32 -16.34
N ARG D 49 51.10 -47.83 -17.58
CA ARG D 49 52.04 -48.01 -18.70
C ARG D 49 52.64 -46.65 -18.92
N LEU D 50 53.95 -46.53 -18.73
CA LEU D 50 54.63 -45.25 -18.89
C LEU D 50 55.45 -45.24 -20.17
N GLY D 51 55.98 -44.07 -20.53
CA GLY D 51 56.81 -43.94 -21.72
C GLY D 51 56.24 -44.60 -22.95
N GLU D 52 54.92 -44.53 -23.12
CA GLU D 52 54.23 -45.11 -24.25
C GLU D 52 54.24 -44.18 -25.45
N ASP D 53 54.30 -44.77 -26.62
CA ASP D 53 54.28 -44.03 -27.89
C ASP D 53 53.02 -44.61 -28.52
N ASN D 54 53.09 -45.90 -28.85
CA ASN D 54 51.97 -46.61 -29.45
C ASN D 54 51.50 -47.51 -28.31
N ILE D 55 50.21 -47.48 -28.00
CA ILE D 55 49.71 -48.30 -26.93
C ILE D 55 49.29 -49.70 -27.37
N ASN D 56 50.10 -50.30 -28.24
CA ASN D 56 49.83 -51.64 -28.74
C ASN D 56 51.14 -52.34 -29.11
N VAL D 57 52.10 -51.56 -29.61
CA VAL D 57 53.39 -52.10 -30.00
C VAL D 57 54.47 -51.61 -29.02
N VAL D 58 55.47 -52.44 -28.77
CA VAL D 58 56.59 -52.08 -27.88
C VAL D 58 57.52 -51.04 -28.54
N GLU D 59 57.14 -49.77 -28.45
CA GLU D 59 57.93 -48.69 -29.03
C GLU D 59 59.09 -48.28 -28.14
N GLY D 60 60.05 -49.19 -27.99
CA GLY D 60 61.21 -48.92 -27.18
C GLY D 60 60.90 -48.85 -25.69
N ASN D 61 60.39 -47.70 -25.26
CA ASN D 61 60.05 -47.49 -23.86
C ASN D 61 58.77 -48.26 -23.52
N GLU D 62 58.91 -49.26 -22.65
CA GLU D 62 57.77 -50.07 -22.24
C GLU D 62 57.87 -50.34 -20.76
N GLN D 63 56.95 -49.78 -19.99
CA GLN D 63 56.96 -49.96 -18.55
C GLN D 63 55.58 -50.20 -17.96
N PHE D 64 55.28 -51.45 -17.67
CA PHE D 64 54.00 -51.81 -17.07
C PHE D 64 54.23 -52.01 -15.56
N ILE D 65 53.73 -51.10 -14.72
CA ILE D 65 53.89 -51.18 -13.28
C ILE D 65 52.56 -51.24 -12.57
N SER D 66 52.41 -52.15 -11.62
CA SER D 66 51.16 -52.27 -10.87
C SER D 66 51.01 -51.11 -9.87
N ALA D 67 49.79 -50.74 -9.53
CA ALA D 67 49.60 -49.65 -8.58
C ALA D 67 49.43 -50.17 -7.14
N SER D 68 50.28 -49.70 -6.21
CA SER D 68 50.23 -50.10 -4.79
C SER D 68 49.02 -49.50 -4.11
N LYS D 69 49.00 -48.19 -3.95
CA LYS D 69 47.86 -47.51 -3.33
C LYS D 69 47.17 -46.64 -4.41
N SER D 70 45.86 -46.77 -4.56
CA SER D 70 45.13 -45.92 -5.50
C SER D 70 44.26 -45.03 -4.59
N ILE D 71 44.76 -43.83 -4.29
CA ILE D 71 44.07 -42.91 -3.38
C ILE D 71 43.23 -41.84 -4.06
N VAL D 72 41.92 -41.99 -3.95
CA VAL D 72 40.94 -41.07 -4.54
C VAL D 72 40.72 -39.88 -3.58
N HIS D 73 40.37 -38.70 -4.10
CA HIS D 73 40.14 -37.55 -3.24
C HIS D 73 38.90 -37.73 -2.41
N PRO D 74 39.01 -37.58 -1.07
CA PRO D 74 37.98 -37.72 -0.04
C PRO D 74 36.71 -36.90 -0.16
N SER D 75 36.56 -36.13 -1.24
CA SER D 75 35.35 -35.33 -1.41
C SER D 75 34.87 -35.38 -2.83
N TYR D 76 35.50 -36.23 -3.64
CA TYR D 76 35.13 -36.39 -5.04
C TYR D 76 33.66 -36.79 -5.04
N ASN D 77 32.85 -36.09 -5.81
CA ASN D 77 31.43 -36.43 -5.90
C ASN D 77 31.18 -37.11 -7.25
N SER D 78 30.88 -38.39 -7.22
CA SER D 78 30.64 -39.13 -8.44
C SER D 78 29.54 -38.55 -9.30
N ASN D 79 28.69 -37.73 -8.72
CA ASN D 79 27.63 -37.14 -9.52
C ASN D 79 28.09 -35.87 -10.20
N THR D 80 28.45 -34.87 -9.41
CA THR D 80 28.88 -33.57 -9.94
C THR D 80 30.26 -33.58 -10.55
N LEU D 81 31.01 -34.62 -10.24
CA LEU D 81 32.38 -34.73 -10.72
C LEU D 81 33.19 -33.56 -10.14
N ASN D 82 32.88 -33.20 -8.90
CA ASN D 82 33.61 -32.14 -8.23
C ASN D 82 34.71 -32.83 -7.47
N ASN D 83 35.91 -32.27 -7.55
CA ASN D 83 37.06 -32.86 -6.89
C ASN D 83 37.42 -34.13 -7.61
N ASP D 84 37.40 -34.07 -8.94
CA ASP D 84 37.78 -35.22 -9.77
C ASP D 84 39.31 -35.30 -9.78
N ILE D 85 39.90 -35.86 -8.71
CA ILE D 85 41.36 -36.03 -8.59
C ILE D 85 41.72 -37.28 -7.77
N MET D 86 42.68 -38.04 -8.27
CA MET D 86 43.09 -39.27 -7.63
C MET D 86 44.59 -39.39 -7.76
N LEU D 87 45.23 -39.98 -6.75
CA LEU D 87 46.66 -40.18 -6.75
C LEU D 87 46.90 -41.66 -6.74
N ILE D 88 47.86 -42.07 -7.57
CA ILE D 88 48.25 -43.47 -7.74
C ILE D 88 49.71 -43.65 -7.35
N LYS D 89 49.97 -44.63 -6.48
CA LYS D 89 51.34 -44.93 -6.10
C LYS D 89 51.74 -46.24 -6.78
N LEU D 90 52.81 -46.19 -7.56
CA LEU D 90 53.30 -47.36 -8.29
C LEU D 90 54.00 -48.33 -7.35
N LYS D 91 53.68 -49.61 -7.51
CA LYS D 91 54.28 -50.67 -6.72
C LYS D 91 55.76 -50.45 -6.67
N SER D 92 56.36 -50.12 -7.81
CA SER D 92 57.80 -49.88 -7.92
C SER D 92 57.99 -48.47 -8.49
N ALA D 93 59.06 -47.78 -8.11
CA ALA D 93 59.27 -46.42 -8.63
C ALA D 93 59.67 -46.50 -10.09
N ALA D 94 59.05 -45.63 -10.90
CA ALA D 94 59.30 -45.52 -12.33
C ALA D 94 60.68 -44.95 -12.55
N SER D 95 61.31 -45.36 -13.64
CA SER D 95 62.65 -44.94 -14.00
C SER D 95 62.66 -43.58 -14.68
N LEU D 96 62.97 -42.53 -13.93
CA LEU D 96 63.02 -41.20 -14.53
C LEU D 96 64.23 -41.10 -15.44
N ASN D 97 64.11 -40.24 -16.45
CA ASN D 97 65.19 -40.01 -17.42
C ASN D 97 64.67 -39.13 -18.54
N SER D 98 65.40 -39.12 -19.66
CA SER D 98 65.01 -38.33 -20.82
C SER D 98 63.74 -38.87 -21.47
N ARG D 99 63.43 -40.14 -21.21
CA ARG D 99 62.25 -40.77 -21.77
C ARG D 99 61.04 -40.53 -20.87
N VAL D 100 61.00 -41.15 -19.70
CA VAL D 100 59.91 -40.97 -18.77
C VAL D 100 60.40 -39.88 -17.83
N ALA D 101 59.66 -38.78 -17.74
CA ALA D 101 60.06 -37.67 -16.86
C ALA D 101 58.82 -37.15 -16.17
N SER D 102 58.96 -36.62 -14.97
CA SER D 102 57.82 -36.14 -14.24
C SER D 102 57.46 -34.73 -14.72
N ILE D 103 56.21 -34.34 -14.51
CA ILE D 103 55.74 -33.00 -14.85
C ILE D 103 55.64 -32.24 -13.53
N SER D 104 55.89 -30.93 -13.53
CA SER D 104 55.84 -30.13 -12.29
C SER D 104 54.46 -29.71 -11.86
N LEU D 105 54.22 -29.71 -10.54
CA LEU D 105 52.94 -29.26 -9.99
C LEU D 105 52.98 -27.73 -10.04
N PRO D 106 51.81 -27.09 -10.19
CA PRO D 106 51.75 -25.61 -10.24
C PRO D 106 51.90 -24.96 -8.89
N THR D 107 52.28 -23.69 -8.88
CA THR D 107 52.36 -22.94 -7.62
C THR D 107 51.24 -21.90 -7.62
N SER D 108 50.79 -21.52 -8.80
CA SER D 108 49.73 -20.54 -8.93
C SER D 108 48.90 -20.96 -10.12
N CYS D 109 47.60 -20.78 -10.03
CA CYS D 109 46.69 -21.15 -11.10
C CYS D 109 46.89 -20.33 -12.38
N ALA D 110 46.70 -20.99 -13.52
CA ALA D 110 46.85 -20.34 -14.82
C ALA D 110 45.70 -19.37 -15.05
N SER D 111 46.03 -18.16 -15.51
CA SER D 111 45.03 -17.14 -15.79
C SER D 111 44.36 -17.52 -17.12
N ALA D 112 43.09 -17.17 -17.28
CA ALA D 112 42.38 -17.48 -18.52
C ALA D 112 43.16 -16.87 -19.66
N GLY D 113 43.19 -17.56 -20.78
CA GLY D 113 43.95 -17.07 -21.92
C GLY D 113 45.23 -17.86 -22.08
N THR D 114 45.73 -18.46 -20.99
CA THR D 114 46.97 -19.25 -21.04
C THR D 114 46.82 -20.39 -22.02
N GLN D 115 47.87 -20.62 -22.82
CA GLN D 115 47.84 -21.71 -23.79
C GLN D 115 48.47 -22.96 -23.16
N CYS D 116 47.73 -24.07 -23.23
CA CYS D 116 48.16 -25.35 -22.65
C CYS D 116 48.19 -26.50 -23.65
N LEU D 117 48.78 -27.61 -23.23
CA LEU D 117 48.91 -28.78 -24.07
C LEU D 117 48.20 -29.93 -23.40
N ILE D 118 47.12 -30.39 -24.05
CA ILE D 118 46.32 -31.50 -23.56
C ILE D 118 46.80 -32.67 -24.39
N SER D 119 46.83 -33.86 -23.82
CA SER D 119 47.30 -35.04 -24.56
C SER D 119 46.66 -36.36 -24.15
N GLY D 120 46.55 -37.28 -25.10
CA GLY D 120 45.97 -38.57 -24.78
C GLY D 120 45.84 -39.52 -25.95
N TRP D 121 45.33 -40.71 -25.68
CA TRP D 121 45.14 -41.72 -26.72
C TRP D 121 43.66 -41.94 -26.93
N GLY D 122 42.85 -41.02 -26.43
CA GLY D 122 41.42 -41.15 -26.57
C GLY D 122 40.92 -40.97 -27.99
N ASN D 123 39.62 -41.19 -28.16
CA ASN D 123 38.95 -41.09 -29.44
C ASN D 123 39.36 -39.81 -30.16
N THR D 124 39.46 -39.89 -31.49
CA THR D 124 39.79 -38.73 -32.33
C THR D 124 38.56 -38.16 -33.04
N LYS D 125 37.59 -39.01 -33.35
CA LYS D 125 36.39 -38.59 -34.05
C LYS D 125 35.36 -37.98 -33.15
N SER D 126 34.69 -36.95 -33.68
CA SER D 126 33.64 -36.23 -32.97
C SER D 126 32.40 -37.09 -32.94
N SER D 127 32.07 -37.66 -34.11
CA SER D 127 30.93 -38.54 -34.27
C SER D 127 31.52 -39.87 -34.67
N GLY D 128 31.42 -40.84 -33.77
CA GLY D 128 31.95 -42.16 -34.05
C GLY D 128 33.23 -42.40 -33.27
N THR D 129 33.61 -43.66 -33.11
CA THR D 129 34.80 -44.01 -32.37
C THR D 129 35.98 -44.39 -33.25
N SER D 130 37.08 -43.65 -33.10
CA SER D 130 38.33 -43.90 -33.82
C SER D 130 39.46 -43.70 -32.79
N TYR D 131 39.72 -44.71 -31.98
CA TYR D 131 40.77 -44.63 -30.97
C TYR D 131 42.19 -44.86 -31.55
N PRO D 132 42.98 -43.79 -31.62
CA PRO D 132 44.35 -43.81 -32.14
C PRO D 132 45.31 -44.70 -31.38
N ASP D 133 46.36 -45.11 -32.09
CA ASP D 133 47.39 -45.98 -31.54
C ASP D 133 48.48 -45.14 -30.96
N VAL D 134 48.69 -43.97 -31.54
CA VAL D 134 49.73 -43.07 -31.08
C VAL D 134 49.18 -41.91 -30.28
N LEU D 135 50.05 -41.32 -29.47
CA LEU D 135 49.67 -40.20 -28.63
C LEU D 135 49.38 -38.99 -29.48
N LYS D 136 48.28 -38.32 -29.14
CA LYS D 136 47.86 -37.12 -29.83
C LYS D 136 48.00 -35.95 -28.90
N CYS D 137 48.31 -34.79 -29.44
CA CYS D 137 48.50 -33.58 -28.67
C CYS D 137 47.54 -32.53 -29.19
N LEU D 138 47.16 -31.60 -28.33
CA LEU D 138 46.27 -30.52 -28.70
C LEU D 138 46.63 -29.27 -27.91
N LYS D 139 46.95 -28.19 -28.61
CA LYS D 139 47.25 -26.90 -28.00
C LYS D 139 45.85 -26.30 -27.79
N ALA D 140 45.60 -25.68 -26.64
CA ALA D 140 44.29 -25.10 -26.38
C ALA D 140 44.44 -24.10 -25.25
N PRO D 141 43.71 -23.00 -25.29
CA PRO D 141 43.82 -22.02 -24.22
C PRO D 141 42.82 -22.34 -23.12
N ILE D 142 42.99 -21.63 -22.01
CA ILE D 142 42.12 -21.76 -20.86
C ILE D 142 41.02 -20.71 -21.05
N LEU D 143 39.77 -21.14 -21.12
CA LEU D 143 38.68 -20.19 -21.33
C LEU D 143 38.36 -19.47 -20.03
N SER D 144 37.66 -18.35 -20.15
CA SER D 144 37.29 -17.57 -18.98
C SER D 144 36.23 -18.28 -18.15
N ASP D 145 36.39 -18.28 -16.84
CA ASP D 145 35.45 -18.90 -15.90
C ASP D 145 34.01 -18.56 -16.30
N SER D 146 33.84 -17.37 -16.89
CA SER D 146 32.56 -16.88 -17.34
C SER D 146 31.99 -17.69 -18.51
N SER D 147 32.72 -17.78 -19.62
CA SER D 147 32.25 -18.55 -20.78
C SER D 147 32.00 -19.98 -20.35
N CYS D 148 32.86 -20.47 -19.46
CA CYS D 148 32.77 -21.81 -18.92
C CYS D 148 31.42 -21.97 -18.22
N LYS D 149 31.19 -21.18 -17.18
CA LYS D 149 29.96 -21.24 -16.42
C LYS D 149 28.75 -21.02 -17.29
N SER D 150 28.89 -20.20 -18.33
CA SER D 150 27.77 -19.95 -19.22
C SER D 150 27.46 -21.20 -20.05
N ALA D 151 28.49 -21.89 -20.51
CA ALA D 151 28.31 -23.12 -21.29
C ALA D 151 27.65 -24.23 -20.45
N TYR D 152 28.09 -24.39 -19.22
CA TYR D 152 27.56 -25.39 -18.33
C TYR D 152 27.06 -24.72 -17.04
N PRO D 153 25.92 -24.03 -17.10
CA PRO D 153 25.26 -23.29 -16.01
C PRO D 153 25.33 -23.91 -14.62
N GLY D 154 26.00 -23.23 -13.70
CA GLY D 154 26.10 -23.70 -12.33
C GLY D 154 26.97 -24.93 -12.09
N GLN D 155 26.93 -25.87 -13.03
CA GLN D 155 27.69 -27.10 -12.96
C GLN D 155 29.18 -26.89 -12.82
N ILE D 156 29.66 -25.76 -13.34
CA ILE D 156 31.08 -25.43 -13.25
C ILE D 156 31.42 -24.96 -11.84
N THR D 157 32.19 -25.76 -11.11
CA THR D 157 32.60 -25.43 -9.76
C THR D 157 33.92 -24.66 -9.77
N SER D 158 34.38 -24.27 -8.59
CA SER D 158 35.62 -23.54 -8.44
C SER D 158 36.80 -24.48 -8.64
N ASN D 159 36.51 -25.78 -8.70
CA ASN D 159 37.53 -26.80 -8.90
C ASN D 159 37.55 -27.30 -10.35
N MET D 160 36.91 -26.53 -11.22
CA MET D 160 36.80 -26.83 -12.63
C MET D 160 37.17 -25.63 -13.51
N PHE D 161 37.64 -25.90 -14.71
CA PHE D 161 37.98 -24.83 -15.63
C PHE D 161 37.78 -25.32 -17.04
N CYS D 162 37.31 -24.46 -17.94
CA CYS D 162 37.09 -24.84 -19.33
C CYS D 162 38.32 -24.53 -20.16
N ALA D 163 38.55 -25.33 -21.18
CA ALA D 163 39.68 -25.11 -22.08
C ALA D 163 39.27 -25.68 -23.43
N GLY D 164 39.74 -25.05 -24.49
CA GLY D 164 39.38 -25.51 -25.82
C GLY D 164 38.94 -24.34 -26.70
N TYR D 165 38.03 -24.61 -27.61
CA TYR D 165 37.56 -23.61 -28.54
C TYR D 165 36.05 -23.59 -28.55
N LEU D 166 35.48 -22.46 -28.21
CA LEU D 166 34.03 -22.35 -28.18
C LEU D 166 33.44 -22.67 -29.54
N GLU D 167 34.24 -22.49 -30.60
CA GLU D 167 33.77 -22.80 -31.96
C GLU D 167 33.60 -24.31 -32.10
N GLY D 168 34.56 -25.05 -31.55
CA GLY D 168 34.52 -26.50 -31.63
C GLY D 168 35.54 -27.01 -32.64
N GLY D 169 35.59 -28.33 -32.81
CA GLY D 169 36.54 -28.92 -33.76
C GLY D 169 37.74 -29.54 -33.08
N LYS D 170 38.13 -28.97 -31.96
CA LYS D 170 39.28 -29.44 -31.21
C LYS D 170 38.85 -29.53 -29.73
N ASP D 171 39.10 -30.68 -29.09
CA ASP D 171 38.71 -30.92 -27.70
C ASP D 171 39.15 -32.33 -27.31
N SER D 172 39.26 -32.61 -26.01
CA SER D 172 39.66 -33.92 -25.54
C SER D 172 38.43 -34.78 -25.67
N CYS D 173 38.58 -36.10 -25.49
CA CYS D 173 37.47 -37.01 -25.69
C CYS D 173 37.67 -38.34 -24.98
N GLN D 174 36.57 -39.09 -24.89
CA GLN D 174 36.50 -40.39 -24.22
C GLN D 174 37.75 -41.21 -24.45
N GLY D 175 38.43 -41.51 -23.35
CA GLY D 175 39.69 -42.24 -23.40
C GLY D 175 40.83 -41.32 -22.95
N ASP D 176 40.54 -40.02 -22.92
CA ASP D 176 41.49 -38.99 -22.52
C ASP D 176 41.38 -38.62 -21.03
N SER D 177 40.35 -39.12 -20.32
CA SER D 177 40.19 -38.82 -18.89
C SER D 177 41.46 -39.06 -18.08
N GLY D 178 41.71 -38.17 -17.11
CA GLY D 178 42.88 -38.33 -16.27
C GLY D 178 44.16 -37.85 -16.89
N GLY D 179 44.10 -37.52 -18.18
CA GLY D 179 45.27 -37.02 -18.86
C GLY D 179 45.67 -35.64 -18.38
N PRO D 180 46.86 -35.18 -18.74
CA PRO D 180 47.42 -33.89 -18.37
C PRO D 180 47.03 -32.68 -19.20
N VAL D 181 47.02 -31.52 -18.57
CA VAL D 181 46.75 -30.24 -19.25
C VAL D 181 47.90 -29.41 -18.74
N VAL D 182 48.98 -29.38 -19.50
CA VAL D 182 50.17 -28.65 -19.09
C VAL D 182 50.17 -27.23 -19.63
N CYS D 183 50.46 -26.26 -18.78
CA CYS D 183 50.54 -24.89 -19.20
C CYS D 183 51.84 -24.37 -18.66
N SER D 184 52.73 -23.97 -19.54
CA SER D 184 54.03 -23.46 -19.14
C SER D 184 54.80 -24.42 -18.25
N GLY D 185 54.89 -25.69 -18.67
CA GLY D 185 55.63 -26.67 -17.89
C GLY D 185 55.00 -27.14 -16.59
N LYS D 186 53.83 -26.63 -16.24
CA LYS D 186 53.19 -27.06 -15.02
C LYS D 186 51.96 -27.88 -15.32
N LEU D 187 51.56 -28.73 -14.38
CA LEU D 187 50.36 -29.55 -14.57
C LEU D 187 49.15 -28.74 -14.08
N GLN D 188 48.41 -28.10 -14.98
CA GLN D 188 47.29 -27.27 -14.56
C GLN D 188 45.96 -27.94 -14.40
N GLY D 189 45.65 -28.88 -15.27
CA GLY D 189 44.36 -29.53 -15.18
C GLY D 189 44.39 -30.97 -15.59
N ILE D 190 43.34 -31.70 -15.23
CA ILE D 190 43.22 -33.10 -15.57
C ILE D 190 41.94 -33.20 -16.40
N VAL D 191 42.07 -33.88 -17.55
CA VAL D 191 40.95 -34.11 -18.46
C VAL D 191 39.82 -34.75 -17.64
N SER D 192 38.66 -34.10 -17.58
CA SER D 192 37.55 -34.64 -16.82
C SER D 192 36.28 -34.88 -17.63
N TRP D 193 35.48 -33.87 -17.89
CA TRP D 193 34.22 -34.09 -18.62
C TRP D 193 33.80 -33.00 -19.62
N GLY D 194 32.62 -33.15 -20.18
CA GLY D 194 32.11 -32.18 -21.13
C GLY D 194 30.94 -32.81 -21.85
N SER D 195 30.36 -32.08 -22.81
CA SER D 195 29.24 -32.60 -23.59
C SER D 195 29.82 -33.09 -24.89
N GLY D 196 29.71 -34.39 -25.14
CA GLY D 196 30.23 -34.98 -26.35
C GLY D 196 31.68 -34.59 -26.53
N CYS D 197 32.09 -34.31 -27.77
CA CYS D 197 33.46 -33.91 -28.05
C CYS D 197 33.55 -32.88 -29.16
N ALA D 198 34.31 -31.82 -28.90
CA ALA D 198 34.52 -30.73 -29.86
C ALA D 198 33.23 -30.06 -30.30
N GLN D 199 32.17 -30.27 -29.53
CA GLN D 199 30.88 -29.68 -29.83
C GLN D 199 30.96 -28.19 -29.58
N LYS D 200 30.36 -27.42 -30.48
CA LYS D 200 30.35 -25.96 -30.40
C LYS D 200 29.74 -25.56 -29.09
N ASN D 201 30.26 -24.49 -28.49
CA ASN D 201 29.75 -23.97 -27.21
C ASN D 201 29.72 -24.97 -26.04
N LYS D 202 30.44 -26.08 -26.18
CA LYS D 202 30.53 -27.10 -25.13
C LYS D 202 32.01 -27.44 -25.08
N PRO D 203 32.79 -26.60 -24.40
CA PRO D 203 34.24 -26.77 -24.24
C PRO D 203 34.56 -27.88 -23.26
N GLY D 204 35.76 -28.43 -23.36
CA GLY D 204 36.17 -29.46 -22.43
C GLY D 204 36.36 -28.88 -21.03
N VAL D 205 35.92 -29.59 -20.01
CA VAL D 205 36.04 -29.14 -18.64
C VAL D 205 37.15 -29.95 -17.99
N TYR D 206 37.98 -29.29 -17.19
CA TYR D 206 39.12 -29.94 -16.54
C TYR D 206 39.21 -29.60 -15.05
N THR D 207 39.86 -30.48 -14.30
CA THR D 207 40.06 -30.30 -12.86
C THR D 207 41.19 -29.30 -12.56
N LYS D 208 40.89 -28.28 -11.77
CA LYS D 208 41.85 -27.24 -11.41
C LYS D 208 42.91 -27.83 -10.48
N VAL D 209 44.00 -28.36 -11.04
CA VAL D 209 45.04 -28.99 -10.24
C VAL D 209 45.66 -28.09 -9.18
N CYS D 210 45.70 -26.79 -9.46
CA CYS D 210 46.27 -25.83 -8.54
C CYS D 210 45.59 -25.80 -7.16
N ASN D 211 44.28 -26.00 -7.12
CA ASN D 211 43.55 -26.01 -5.86
C ASN D 211 43.89 -27.26 -5.06
N TYR D 212 44.51 -28.28 -5.69
CA TYR D 212 44.81 -29.53 -4.99
C TYR D 212 46.29 -29.81 -4.70
N VAL D 213 47.16 -28.87 -5.03
CA VAL D 213 48.60 -29.01 -4.78
C VAL D 213 48.92 -29.41 -3.34
N SER D 214 48.28 -28.75 -2.39
CA SER D 214 48.51 -29.07 -0.98
C SER D 214 48.15 -30.52 -0.70
N TRP D 215 46.92 -30.88 -1.04
CA TRP D 215 46.44 -32.25 -0.83
C TRP D 215 47.42 -33.23 -1.43
N ILE D 216 47.77 -33.00 -2.69
CA ILE D 216 48.72 -33.87 -3.36
C ILE D 216 49.97 -34.02 -2.49
N LYS D 217 50.60 -32.88 -2.16
CA LYS D 217 51.80 -32.88 -1.36
C LYS D 217 51.67 -33.60 -0.01
N GLN D 218 50.54 -33.42 0.67
CA GLN D 218 50.38 -34.11 1.96
C GLN D 218 50.23 -35.64 1.79
N THR D 219 49.41 -36.05 0.83
CA THR D 219 49.16 -37.46 0.55
C THR D 219 50.43 -38.25 0.26
N ILE D 220 51.30 -37.63 -0.52
CA ILE D 220 52.57 -38.22 -0.92
C ILE D 220 53.52 -38.41 0.27
N ALA D 221 53.57 -37.38 1.12
CA ALA D 221 54.46 -37.41 2.28
C ALA D 221 54.07 -38.43 3.33
N SER D 222 52.79 -38.75 3.41
CA SER D 222 52.28 -39.69 4.40
C SER D 222 52.08 -41.13 3.96
N ASN D 223 52.02 -41.37 2.65
CA ASN D 223 51.80 -42.71 2.13
C ASN D 223 52.99 -43.26 1.37
N ILE E 1 -23.18 -30.27 -17.43
CA ILE E 1 -22.08 -29.38 -17.00
C ILE E 1 -22.67 -28.35 -16.07
N VAL E 2 -22.42 -28.50 -14.76
CA VAL E 2 -22.94 -27.58 -13.76
C VAL E 2 -22.19 -26.27 -13.88
N GLY E 3 -22.94 -25.20 -14.10
CA GLY E 3 -22.33 -23.89 -14.24
C GLY E 3 -21.45 -23.76 -15.45
N GLY E 4 -22.05 -23.91 -16.63
CA GLY E 4 -21.29 -23.79 -17.86
C GLY E 4 -21.97 -22.82 -18.80
N TYR E 5 -21.48 -22.76 -20.03
CA TYR E 5 -22.04 -21.88 -21.03
C TYR E 5 -22.36 -22.72 -22.26
N THR E 6 -23.38 -22.35 -23.01
CA THR E 6 -23.72 -23.08 -24.21
C THR E 6 -22.53 -22.92 -25.15
N CYS E 7 -22.07 -24.02 -25.73
CA CYS E 7 -20.94 -23.94 -26.66
C CYS E 7 -21.43 -23.27 -27.94
N GLY E 8 -22.64 -23.62 -28.37
CA GLY E 8 -23.20 -23.02 -29.57
C GLY E 8 -22.48 -23.37 -30.85
N ALA E 9 -23.14 -23.12 -31.98
CA ALA E 9 -22.60 -23.40 -33.31
C ALA E 9 -21.95 -24.79 -33.36
N ASN E 10 -20.61 -24.82 -33.40
CA ASN E 10 -19.86 -26.07 -33.44
C ASN E 10 -18.36 -25.83 -33.24
N THR E 11 -17.94 -25.92 -31.99
CA THR E 11 -16.55 -25.71 -31.60
C THR E 11 -16.04 -26.91 -30.81
N VAL E 12 -16.88 -27.93 -30.69
CA VAL E 12 -16.54 -29.16 -30.00
C VAL E 12 -17.00 -30.24 -30.98
N PRO E 13 -16.33 -30.32 -32.14
CA PRO E 13 -16.59 -31.25 -33.24
C PRO E 13 -16.35 -32.69 -32.88
N TYR E 14 -15.36 -32.90 -32.01
CA TYR E 14 -14.98 -34.23 -31.57
C TYR E 14 -15.90 -34.81 -30.51
N GLN E 15 -16.93 -34.05 -30.12
CA GLN E 15 -17.86 -34.50 -29.09
C GLN E 15 -18.85 -35.50 -29.67
N VAL E 16 -19.18 -36.56 -28.93
CA VAL E 16 -20.19 -37.53 -29.37
C VAL E 16 -21.04 -37.96 -28.19
N SER E 17 -22.29 -38.32 -28.48
CA SER E 17 -23.24 -38.76 -27.47
C SER E 17 -23.48 -40.27 -27.52
N LEU E 18 -23.35 -40.96 -26.38
CA LEU E 18 -23.58 -42.38 -26.36
C LEU E 18 -25.03 -42.54 -25.99
N ASN E 19 -25.76 -43.21 -26.85
CA ASN E 19 -27.16 -43.43 -26.64
C ASN E 19 -27.42 -44.93 -26.47
N SER E 20 -28.43 -45.25 -25.66
CA SER E 20 -28.88 -46.63 -25.41
C SER E 20 -30.38 -46.47 -25.16
N GLY E 21 -31.06 -45.85 -26.12
CA GLY E 21 -32.47 -45.56 -25.99
C GLY E 21 -32.56 -44.08 -25.65
N TYR E 22 -31.59 -43.62 -24.86
CA TYR E 22 -31.53 -42.24 -24.44
C TYR E 22 -30.05 -41.94 -24.22
N HIS E 23 -29.74 -40.65 -24.04
CA HIS E 23 -28.36 -40.22 -23.81
C HIS E 23 -27.97 -40.64 -22.41
N PHE E 24 -26.79 -41.24 -22.27
CA PHE E 24 -26.33 -41.66 -20.94
C PHE E 24 -24.86 -41.34 -20.69
N CYS E 25 -24.15 -40.88 -21.71
CA CYS E 25 -22.71 -40.53 -21.62
C CYS E 25 -22.26 -39.80 -22.85
N GLY E 26 -21.02 -39.36 -22.84
CA GLY E 26 -20.48 -38.66 -23.98
C GLY E 26 -19.25 -39.46 -24.36
N GLY E 27 -18.41 -38.91 -25.23
CA GLY E 27 -17.19 -39.61 -25.60
C GLY E 27 -16.50 -38.73 -26.60
N SER E 28 -15.24 -39.01 -26.91
CA SER E 28 -14.53 -38.19 -27.88
C SER E 28 -14.13 -39.02 -29.06
N LEU E 29 -14.22 -38.42 -30.25
CA LEU E 29 -13.85 -39.09 -31.49
C LEU E 29 -12.33 -38.99 -31.69
N ILE E 30 -11.65 -40.14 -31.63
CA ILE E 30 -10.19 -40.17 -31.78
C ILE E 30 -9.73 -40.21 -33.22
N ASN E 31 -10.64 -40.66 -34.08
CA ASN E 31 -10.42 -40.75 -35.53
C ASN E 31 -11.63 -41.46 -36.13
N SER E 32 -11.94 -41.17 -37.39
CA SER E 32 -13.07 -41.75 -38.11
C SER E 32 -13.78 -42.96 -37.51
N GLN E 33 -13.05 -44.02 -37.20
CA GLN E 33 -13.69 -45.20 -36.66
C GLN E 33 -13.66 -45.46 -35.16
N TRP E 34 -12.84 -44.77 -34.39
CA TRP E 34 -12.84 -45.03 -32.95
C TRP E 34 -13.30 -43.88 -32.06
N VAL E 35 -13.88 -44.24 -30.92
CA VAL E 35 -14.38 -43.29 -29.93
C VAL E 35 -13.86 -43.68 -28.55
N VAL E 36 -13.23 -42.74 -27.85
CA VAL E 36 -12.71 -43.02 -26.49
C VAL E 36 -13.73 -42.55 -25.45
N SER E 37 -13.87 -43.29 -24.36
CA SER E 37 -14.82 -42.91 -23.33
C SER E 37 -14.56 -43.59 -21.95
N ALA E 38 -15.41 -43.27 -20.99
CA ALA E 38 -15.31 -43.82 -19.65
C ALA E 38 -15.78 -45.27 -19.65
N ALA E 39 -14.93 -46.19 -19.19
CA ALA E 39 -15.28 -47.62 -19.11
C ALA E 39 -16.55 -47.89 -18.37
N HIS E 40 -16.93 -47.03 -17.45
CA HIS E 40 -18.16 -47.26 -16.72
C HIS E 40 -19.39 -46.87 -17.57
N CYS E 41 -19.15 -46.35 -18.78
CA CYS E 41 -20.24 -45.97 -19.68
C CYS E 41 -20.57 -47.15 -20.60
N TYR E 42 -19.79 -48.22 -20.46
CA TYR E 42 -20.01 -49.41 -21.25
C TYR E 42 -21.42 -49.90 -20.99
N LYS E 43 -22.04 -50.33 -22.08
CA LYS E 43 -23.38 -50.88 -22.09
C LYS E 43 -23.40 -51.82 -23.30
N SER E 44 -24.35 -52.75 -23.33
CA SER E 44 -24.47 -53.68 -24.44
C SER E 44 -25.12 -52.94 -25.59
N GLY E 45 -24.50 -52.99 -26.76
CA GLY E 45 -25.08 -52.32 -27.91
C GLY E 45 -25.35 -50.83 -27.76
N ILE E 46 -24.28 -50.04 -27.74
CA ILE E 46 -24.33 -48.58 -27.62
C ILE E 46 -24.43 -47.97 -29.03
N GLN E 47 -25.11 -46.83 -29.15
CA GLN E 47 -25.20 -46.19 -30.45
C GLN E 47 -24.59 -44.82 -30.29
N VAL E 48 -23.63 -44.48 -31.13
CA VAL E 48 -22.95 -43.19 -31.06
C VAL E 48 -23.60 -42.11 -31.95
N ARG E 49 -23.94 -40.98 -31.36
CA ARG E 49 -24.49 -39.86 -32.12
C ARG E 49 -23.38 -38.81 -32.18
N LEU E 50 -22.83 -38.57 -33.36
CA LEU E 50 -21.77 -37.58 -33.51
C LEU E 50 -22.38 -36.28 -33.99
N GLY E 51 -21.54 -35.27 -34.15
CA GLY E 51 -21.98 -33.96 -34.64
C GLY E 51 -23.28 -33.40 -34.10
N GLU E 52 -23.54 -33.67 -32.82
CA GLU E 52 -24.75 -33.21 -32.17
C GLU E 52 -24.63 -31.79 -31.68
N ASP E 53 -25.77 -31.11 -31.70
CA ASP E 53 -25.89 -29.75 -31.22
C ASP E 53 -26.97 -29.91 -30.15
N ASN E 54 -28.19 -30.23 -30.60
CA ASN E 54 -29.30 -30.45 -29.68
C ASN E 54 -29.51 -31.95 -29.71
N ILE E 55 -29.53 -32.59 -28.55
CA ILE E 55 -29.72 -34.03 -28.54
C ILE E 55 -31.19 -34.43 -28.53
N ASN E 56 -32.00 -33.78 -29.37
CA ASN E 56 -33.42 -34.08 -29.50
C ASN E 56 -33.96 -33.66 -30.89
N VAL E 57 -33.40 -32.59 -31.44
CA VAL E 57 -33.79 -32.11 -32.76
C VAL E 57 -32.64 -32.33 -33.76
N VAL E 58 -32.98 -32.58 -35.04
CA VAL E 58 -31.97 -32.80 -36.09
C VAL E 58 -31.28 -31.48 -36.47
N GLU E 59 -30.29 -31.08 -35.67
CA GLU E 59 -29.58 -29.84 -35.96
C GLU E 59 -28.55 -29.99 -37.07
N GLY E 60 -29.03 -30.22 -38.28
CA GLY E 60 -28.14 -30.39 -39.42
C GLY E 60 -27.33 -31.66 -39.36
N ASN E 61 -26.25 -31.64 -38.58
CA ASN E 61 -25.38 -32.80 -38.45
C ASN E 61 -26.06 -33.85 -37.58
N GLU E 62 -26.38 -34.99 -38.19
CA GLU E 62 -27.03 -36.08 -37.48
C GLU E 62 -26.41 -37.39 -37.93
N GLN E 63 -25.71 -38.05 -37.03
CA GLN E 63 -25.06 -39.32 -37.34
C GLN E 63 -25.20 -40.35 -36.24
N PHE E 64 -26.15 -41.26 -36.41
CA PHE E 64 -26.35 -42.33 -35.43
C PHE E 64 -25.61 -43.58 -35.96
N ILE E 65 -24.51 -43.98 -35.31
CA ILE E 65 -23.72 -45.14 -35.73
C ILE E 65 -23.67 -46.23 -34.67
N SER E 66 -23.80 -47.48 -35.08
CA SER E 66 -23.76 -48.58 -34.11
C SER E 66 -22.30 -48.87 -33.78
N ALA E 67 -22.05 -49.37 -32.58
CA ALA E 67 -20.69 -49.67 -32.18
C ALA E 67 -20.37 -51.14 -32.42
N SER E 68 -19.34 -51.40 -33.24
CA SER E 68 -18.92 -52.76 -33.55
C SER E 68 -18.32 -53.45 -32.33
N LYS E 69 -17.15 -52.99 -31.88
CA LYS E 69 -16.47 -53.55 -30.70
C LYS E 69 -16.50 -52.45 -29.64
N SER E 70 -16.87 -52.81 -28.42
CA SER E 70 -16.87 -51.89 -27.28
C SER E 70 -15.82 -52.50 -26.30
N ILE E 71 -14.57 -52.09 -26.48
CA ILE E 71 -13.47 -52.60 -25.69
C ILE E 71 -13.16 -51.81 -24.42
N VAL E 72 -13.51 -52.39 -23.29
CA VAL E 72 -13.24 -51.79 -21.97
C VAL E 72 -11.79 -52.08 -21.51
N HIS E 73 -11.19 -51.18 -20.72
CA HIS E 73 -9.82 -51.41 -20.23
C HIS E 73 -9.77 -52.64 -19.33
N PRO E 74 -8.83 -53.54 -19.59
CA PRO E 74 -8.57 -54.80 -18.90
C PRO E 74 -8.25 -54.77 -17.40
N SER E 75 -8.24 -53.59 -16.79
CA SER E 75 -7.94 -53.49 -15.38
C SER E 75 -8.87 -52.50 -14.72
N TYR E 76 -9.85 -52.03 -15.47
CA TYR E 76 -10.78 -51.08 -14.93
C TYR E 76 -11.39 -51.75 -13.73
N ASN E 77 -11.41 -51.05 -12.61
CA ASN E 77 -11.99 -51.60 -11.38
C ASN E 77 -13.31 -50.90 -11.13
N SER E 78 -14.41 -51.61 -11.31
CA SER E 78 -15.73 -51.05 -11.10
C SER E 78 -15.93 -50.39 -9.74
N ASN E 79 -15.10 -50.76 -8.77
CA ASN E 79 -15.24 -50.20 -7.43
C ASN E 79 -14.51 -48.89 -7.29
N THR E 80 -13.19 -48.95 -7.44
CA THR E 80 -12.37 -47.75 -7.33
C THR E 80 -12.54 -46.77 -8.49
N LEU E 81 -12.95 -47.29 -9.64
CA LEU E 81 -13.10 -46.51 -10.87
C LEU E 81 -11.70 -46.16 -11.36
N ASN E 82 -10.76 -47.07 -11.10
CA ASN E 82 -9.40 -46.88 -11.53
C ASN E 82 -9.39 -47.44 -12.97
N ASN E 83 -8.65 -46.79 -13.87
CA ASN E 83 -8.58 -47.22 -15.26
C ASN E 83 -9.95 -47.11 -15.90
N ASP E 84 -10.63 -46.03 -15.61
CA ASP E 84 -11.93 -45.79 -16.17
C ASP E 84 -11.67 -45.31 -17.61
N ILE E 85 -11.42 -46.25 -18.52
CA ILE E 85 -11.21 -45.93 -19.93
C ILE E 85 -11.69 -47.07 -20.83
N MET E 86 -12.45 -46.72 -21.86
CA MET E 86 -13.00 -47.68 -22.83
C MET E 86 -12.84 -47.14 -24.25
N LEU E 87 -12.65 -48.04 -25.22
CA LEU E 87 -12.54 -47.67 -26.63
C LEU E 87 -13.70 -48.29 -27.38
N ILE E 88 -14.38 -47.47 -28.17
CA ILE E 88 -15.52 -47.89 -28.95
C ILE E 88 -15.19 -47.82 -30.43
N LYS E 89 -15.50 -48.90 -31.16
CA LYS E 89 -15.25 -48.94 -32.60
C LYS E 89 -16.59 -48.84 -33.31
N LEU E 90 -16.71 -47.84 -34.18
CA LEU E 90 -17.94 -47.62 -34.91
C LEU E 90 -18.09 -48.64 -36.03
N LYS E 91 -19.30 -49.20 -36.14
CA LYS E 91 -19.64 -50.16 -37.18
C LYS E 91 -19.10 -49.63 -38.51
N SER E 92 -19.39 -48.35 -38.76
CA SER E 92 -18.97 -47.65 -39.97
C SER E 92 -18.13 -46.47 -39.57
N ALA E 93 -17.11 -46.14 -40.34
CA ALA E 93 -16.27 -45.00 -40.02
C ALA E 93 -17.05 -43.70 -40.15
N ALA E 94 -16.91 -42.84 -39.14
CA ALA E 94 -17.57 -41.55 -39.11
C ALA E 94 -17.00 -40.67 -40.21
N SER E 95 -17.80 -39.71 -40.64
CA SER E 95 -17.45 -38.76 -41.70
C SER E 95 -16.70 -37.54 -41.20
N LEU E 96 -15.38 -37.60 -41.21
CA LEU E 96 -14.61 -36.47 -40.73
C LEU E 96 -14.83 -35.28 -41.65
N ASN E 97 -14.63 -34.08 -41.11
CA ASN E 97 -14.79 -32.84 -41.85
C ASN E 97 -14.79 -31.67 -40.87
N SER E 98 -15.24 -30.51 -41.34
CA SER E 98 -15.32 -29.31 -40.52
C SER E 98 -16.34 -29.45 -39.39
N ARG E 99 -17.30 -30.36 -39.59
CA ARG E 99 -18.35 -30.59 -38.60
C ARG E 99 -17.86 -31.60 -37.56
N VAL E 100 -17.75 -32.86 -37.96
CA VAL E 100 -17.28 -33.92 -37.08
C VAL E 100 -15.77 -34.03 -37.34
N ALA E 101 -14.96 -33.81 -36.31
CA ALA E 101 -13.50 -33.91 -36.46
C ALA E 101 -12.94 -34.62 -35.23
N SER E 102 -11.80 -35.23 -35.40
CA SER E 102 -11.21 -35.95 -34.31
C SER E 102 -10.38 -35.02 -33.43
N ILE E 103 -10.23 -35.39 -32.16
CA ILE E 103 -9.43 -34.64 -31.20
C ILE E 103 -8.11 -35.39 -31.11
N SER E 104 -7.00 -34.70 -30.83
CA SER E 104 -5.70 -35.37 -30.76
C SER E 104 -5.40 -36.01 -29.42
N LEU E 105 -4.66 -37.10 -29.44
CA LEU E 105 -4.28 -37.77 -28.21
C LEU E 105 -3.06 -36.98 -27.77
N PRO E 106 -2.82 -36.89 -26.45
CA PRO E 106 -1.67 -36.15 -25.90
C PRO E 106 -0.39 -36.94 -26.04
N THR E 107 0.74 -36.26 -25.86
CA THR E 107 2.04 -36.94 -25.91
C THR E 107 2.70 -36.84 -24.53
N SER E 108 2.30 -35.80 -23.79
CA SER E 108 2.83 -35.54 -22.46
C SER E 108 1.69 -35.01 -21.63
N CYS E 109 1.65 -35.41 -20.35
CA CYS E 109 0.60 -35.01 -19.44
C CYS E 109 0.56 -33.52 -19.13
N ALA E 110 -0.65 -32.99 -18.99
CA ALA E 110 -0.85 -31.57 -18.70
C ALA E 110 -0.42 -31.28 -17.28
N SER E 111 0.42 -30.25 -17.11
CA SER E 111 0.93 -29.85 -15.80
C SER E 111 -0.20 -29.16 -15.06
N ALA E 112 -0.28 -29.36 -13.75
CA ALA E 112 -1.34 -28.70 -12.98
C ALA E 112 -1.33 -27.20 -13.28
N GLY E 113 -2.51 -26.63 -13.38
CA GLY E 113 -2.61 -25.22 -13.68
C GLY E 113 -3.06 -24.99 -15.10
N THR E 114 -2.93 -26.02 -15.96
CA THR E 114 -3.34 -25.94 -17.35
C THR E 114 -4.82 -25.74 -17.45
N GLN E 115 -5.23 -24.81 -18.29
CA GLN E 115 -6.65 -24.55 -18.47
C GLN E 115 -7.21 -25.49 -19.57
N CYS E 116 -8.34 -26.13 -19.29
CA CYS E 116 -8.95 -27.07 -20.24
C CYS E 116 -10.43 -26.78 -20.52
N LEU E 117 -10.99 -27.45 -21.52
CA LEU E 117 -12.41 -27.29 -21.83
C LEU E 117 -13.09 -28.65 -21.67
N ILE E 118 -14.08 -28.68 -20.78
CA ILE E 118 -14.87 -29.87 -20.49
C ILE E 118 -16.22 -29.60 -21.18
N SER E 119 -16.86 -30.63 -21.73
CA SER E 119 -18.15 -30.42 -22.41
C SER E 119 -19.07 -31.64 -22.34
N GLY E 120 -20.38 -31.38 -22.43
CA GLY E 120 -21.32 -32.46 -22.35
C GLY E 120 -22.75 -31.98 -22.26
N TRP E 121 -23.66 -32.93 -22.20
CA TRP E 121 -25.09 -32.64 -22.14
C TRP E 121 -25.64 -33.02 -20.79
N GLY E 122 -24.74 -33.30 -19.86
CA GLY E 122 -25.16 -33.69 -18.54
C GLY E 122 -25.92 -32.59 -17.82
N ASN E 123 -26.41 -32.94 -16.64
CA ASN E 123 -27.18 -32.06 -15.79
C ASN E 123 -26.49 -30.71 -15.61
N THR E 124 -27.28 -29.65 -15.48
CA THR E 124 -26.74 -28.33 -15.27
C THR E 124 -26.89 -27.90 -13.81
N LYS E 125 -28.00 -28.32 -13.18
CA LYS E 125 -28.27 -27.99 -11.78
C LYS E 125 -27.48 -28.77 -10.74
N SER E 126 -27.00 -28.04 -9.72
CA SER E 126 -26.23 -28.62 -8.61
C SER E 126 -27.18 -29.47 -7.77
N SER E 127 -28.32 -28.87 -7.44
CA SER E 127 -29.37 -29.52 -6.67
C SER E 127 -30.58 -29.61 -7.61
N GLY E 128 -30.92 -30.83 -8.02
CA GLY E 128 -32.05 -31.01 -8.91
C GLY E 128 -31.55 -31.37 -10.30
N THR E 129 -32.41 -31.99 -11.09
CA THR E 129 -32.05 -32.41 -12.44
C THR E 129 -32.64 -31.51 -13.52
N SER E 130 -31.77 -30.93 -14.33
CA SER E 130 -32.16 -30.05 -15.44
C SER E 130 -31.19 -30.41 -16.54
N TYR E 131 -31.54 -31.45 -17.30
CA TYR E 131 -30.69 -31.90 -18.40
C TYR E 131 -30.89 -31.07 -19.67
N PRO E 132 -29.85 -30.29 -20.06
CA PRO E 132 -29.85 -29.42 -21.24
C PRO E 132 -29.99 -30.13 -22.57
N ASP E 133 -30.55 -29.42 -23.54
CA ASP E 133 -30.75 -29.94 -24.87
C ASP E 133 -29.50 -29.67 -25.69
N VAL E 134 -28.90 -28.53 -25.43
CA VAL E 134 -27.71 -28.15 -26.16
C VAL E 134 -26.44 -28.47 -25.39
N LEU E 135 -25.36 -28.56 -26.15
CA LEU E 135 -24.05 -28.85 -25.61
C LEU E 135 -23.55 -27.68 -24.79
N LYS E 136 -23.10 -27.98 -23.57
CA LYS E 136 -22.54 -26.98 -22.66
C LYS E 136 -21.02 -27.13 -22.58
N CYS E 137 -20.34 -26.01 -22.44
CA CYS E 137 -18.90 -26.01 -22.33
C CYS E 137 -18.48 -25.40 -20.98
N LEU E 138 -17.29 -25.75 -20.52
CA LEU E 138 -16.79 -25.24 -19.25
C LEU E 138 -15.27 -25.19 -19.28
N LYS E 139 -14.73 -23.99 -19.05
CA LYS E 139 -13.30 -23.77 -18.99
C LYS E 139 -12.97 -24.09 -17.53
N ALA E 140 -11.95 -24.88 -17.27
CA ALA E 140 -11.60 -25.21 -15.90
C ALA E 140 -10.16 -25.65 -15.95
N PRO E 141 -9.41 -25.40 -14.86
CA PRO E 141 -8.01 -25.79 -14.79
C PRO E 141 -7.81 -27.16 -14.15
N ILE E 142 -6.62 -27.67 -14.35
CA ILE E 142 -6.22 -28.94 -13.78
C ILE E 142 -5.65 -28.63 -12.38
N LEU E 143 -6.31 -29.14 -11.34
CA LEU E 143 -5.85 -28.86 -9.98
C LEU E 143 -4.62 -29.71 -9.69
N SER E 144 -3.93 -29.35 -8.61
CA SER E 144 -2.72 -30.03 -8.18
C SER E 144 -3.01 -31.40 -7.58
N ASP E 145 -2.27 -32.41 -8.00
CA ASP E 145 -2.44 -33.77 -7.50
C ASP E 145 -2.64 -33.75 -5.99
N SER E 146 -2.03 -32.77 -5.36
CA SER E 146 -2.12 -32.55 -3.92
C SER E 146 -3.55 -32.16 -3.45
N SER E 147 -4.08 -31.07 -3.97
CA SER E 147 -5.43 -30.62 -3.61
C SER E 147 -6.41 -31.70 -4.00
N CYS E 148 -6.08 -32.44 -5.04
CA CYS E 148 -6.92 -33.52 -5.48
C CYS E 148 -6.96 -34.63 -4.42
N LYS E 149 -5.79 -35.18 -4.08
CA LYS E 149 -5.68 -36.25 -3.10
C LYS E 149 -6.24 -35.83 -1.74
N SER E 150 -6.09 -34.56 -1.40
CA SER E 150 -6.60 -34.06 -0.14
C SER E 150 -8.13 -34.10 -0.14
N ALA E 151 -8.73 -33.69 -1.26
CA ALA E 151 -10.18 -33.67 -1.40
C ALA E 151 -10.77 -35.08 -1.32
N TYR E 152 -10.14 -36.04 -1.98
CA TYR E 152 -10.58 -37.43 -1.98
C TYR E 152 -9.41 -38.31 -1.51
N PRO E 153 -9.17 -38.35 -0.20
CA PRO E 153 -8.11 -39.13 0.47
C PRO E 153 -7.77 -40.52 -0.06
N GLY E 154 -6.56 -40.68 -0.58
CA GLY E 154 -6.13 -41.98 -1.08
C GLY E 154 -6.85 -42.49 -2.31
N GLN E 155 -8.14 -42.16 -2.43
CA GLN E 155 -8.95 -42.57 -3.57
C GLN E 155 -8.34 -42.15 -4.89
N ILE E 156 -7.75 -40.96 -4.93
CA ILE E 156 -7.13 -40.46 -6.15
C ILE E 156 -5.91 -41.30 -6.56
N THR E 157 -6.04 -42.09 -7.62
CA THR E 157 -4.92 -42.93 -8.10
C THR E 157 -4.04 -42.15 -9.08
N SER E 158 -3.00 -42.80 -9.60
CA SER E 158 -2.09 -42.12 -10.53
C SER E 158 -2.74 -41.94 -11.89
N ASN E 159 -3.89 -42.56 -12.07
CA ASN E 159 -4.61 -42.49 -13.33
C ASN E 159 -5.77 -41.56 -13.20
N MET E 160 -5.77 -40.72 -12.17
CA MET E 160 -6.85 -39.77 -11.98
C MET E 160 -6.26 -38.37 -11.84
N PHE E 161 -7.10 -37.34 -12.03
CA PHE E 161 -6.67 -35.96 -11.87
C PHE E 161 -7.87 -35.10 -11.62
N CYS E 162 -7.75 -34.12 -10.74
CA CYS E 162 -8.87 -33.25 -10.42
C CYS E 162 -8.81 -31.98 -11.24
N ALA E 163 -9.98 -31.50 -11.64
CA ALA E 163 -10.07 -30.29 -12.44
C ALA E 163 -11.34 -29.57 -11.99
N GLY E 164 -11.34 -28.24 -12.06
CA GLY E 164 -12.53 -27.51 -11.65
C GLY E 164 -12.18 -26.39 -10.71
N TYR E 165 -13.06 -26.10 -9.76
CA TYR E 165 -12.81 -25.02 -8.83
C TYR E 165 -13.09 -25.46 -7.41
N LEU E 166 -12.08 -25.35 -6.53
CA LEU E 166 -12.25 -25.76 -5.14
C LEU E 166 -13.39 -24.99 -4.47
N GLU E 167 -13.65 -23.77 -4.95
CA GLU E 167 -14.73 -22.99 -4.40
C GLU E 167 -16.05 -23.65 -4.76
N GLY E 168 -16.17 -24.16 -5.97
CA GLY E 168 -17.40 -24.81 -6.40
C GLY E 168 -18.18 -23.92 -7.34
N GLY E 169 -19.34 -24.40 -7.78
CA GLY E 169 -20.17 -23.65 -8.69
C GLY E 169 -20.03 -24.01 -10.16
N LYS E 170 -18.91 -24.61 -10.54
CA LYS E 170 -18.64 -25.01 -11.92
C LYS E 170 -17.99 -26.38 -11.85
N ASP E 171 -18.59 -27.36 -12.51
CA ASP E 171 -18.12 -28.72 -12.48
C ASP E 171 -18.94 -29.57 -13.44
N SER E 172 -18.39 -30.70 -13.88
CA SER E 172 -19.09 -31.63 -14.77
C SER E 172 -20.17 -32.33 -13.91
N CYS E 173 -21.07 -33.07 -14.53
CA CYS E 173 -22.13 -33.69 -13.74
C CYS E 173 -22.75 -34.91 -14.45
N GLN E 174 -23.57 -35.65 -13.70
CA GLN E 174 -24.25 -36.83 -14.19
C GLN E 174 -24.85 -36.57 -15.58
N GLY E 175 -24.40 -37.39 -16.52
CA GLY E 175 -24.78 -37.26 -17.91
C GLY E 175 -23.55 -36.83 -18.70
N ASP E 176 -22.50 -36.40 -17.99
CA ASP E 176 -21.27 -35.94 -18.61
C ASP E 176 -20.17 -37.00 -18.68
N SER E 177 -20.40 -38.16 -18.05
CA SER E 177 -19.41 -39.23 -18.03
C SER E 177 -18.92 -39.54 -19.41
N GLY E 178 -17.65 -39.93 -19.53
CA GLY E 178 -17.12 -40.25 -20.82
C GLY E 178 -16.78 -39.05 -21.64
N GLY E 179 -17.27 -37.87 -21.25
CA GLY E 179 -16.98 -36.67 -22.00
C GLY E 179 -15.50 -36.32 -22.10
N PRO E 180 -15.14 -35.41 -22.99
CA PRO E 180 -13.75 -34.97 -23.19
C PRO E 180 -13.27 -33.81 -22.29
N VAL E 181 -11.97 -33.79 -22.00
CA VAL E 181 -11.34 -32.72 -21.23
C VAL E 181 -10.19 -32.40 -22.16
N VAL E 182 -10.36 -31.34 -22.94
CA VAL E 182 -9.33 -30.97 -23.88
C VAL E 182 -8.51 -29.81 -23.33
N CYS E 183 -7.18 -29.97 -23.36
CA CYS E 183 -6.27 -28.92 -22.89
C CYS E 183 -5.27 -28.72 -24.01
N SER E 184 -5.26 -27.53 -24.57
CA SER E 184 -4.35 -27.19 -25.66
C SER E 184 -4.48 -28.13 -26.87
N GLY E 185 -5.73 -28.39 -27.24
CA GLY E 185 -6.01 -29.25 -28.39
C GLY E 185 -5.86 -30.74 -28.20
N LYS E 186 -5.42 -31.15 -27.02
CA LYS E 186 -5.27 -32.56 -26.78
C LYS E 186 -6.33 -33.13 -25.82
N LEU E 187 -6.57 -34.44 -25.95
CA LEU E 187 -7.52 -35.08 -25.07
C LEU E 187 -6.77 -35.44 -23.78
N GLN E 188 -6.90 -34.64 -22.72
CA GLN E 188 -6.20 -34.92 -21.44
C GLN E 188 -6.92 -35.80 -20.46
N GLY E 189 -8.25 -35.70 -20.41
CA GLY E 189 -9.00 -36.52 -19.48
C GLY E 189 -10.41 -36.87 -19.90
N ILE E 190 -11.01 -37.81 -19.17
CA ILE E 190 -12.35 -38.24 -19.45
C ILE E 190 -13.13 -38.06 -18.16
N VAL E 191 -14.25 -37.36 -18.26
CA VAL E 191 -15.15 -37.10 -17.15
C VAL E 191 -15.44 -38.42 -16.49
N SER E 192 -15.06 -38.56 -15.23
CA SER E 192 -15.27 -39.81 -14.54
C SER E 192 -16.22 -39.73 -13.35
N TRP E 193 -15.72 -39.28 -12.19
CA TRP E 193 -16.54 -39.20 -10.97
C TRP E 193 -16.25 -37.99 -10.06
N GLY E 194 -17.00 -37.93 -8.97
CA GLY E 194 -16.85 -36.85 -8.01
C GLY E 194 -17.99 -36.88 -7.01
N SER E 195 -17.94 -36.01 -6.01
CA SER E 195 -19.00 -36.01 -5.02
C SER E 195 -19.99 -34.99 -5.47
N GLY E 196 -21.21 -35.46 -5.77
CA GLY E 196 -22.25 -34.56 -6.23
C GLY E 196 -21.70 -33.76 -7.41
N CYS E 197 -22.06 -32.48 -7.46
CA CYS E 197 -21.63 -31.63 -8.57
C CYS E 197 -21.40 -30.19 -8.12
N ALA E 198 -20.26 -29.63 -8.49
CA ALA E 198 -19.93 -28.26 -8.16
C ALA E 198 -19.90 -28.00 -6.64
N GLN E 199 -19.81 -29.07 -5.88
CA GLN E 199 -19.74 -28.98 -4.44
C GLN E 199 -18.36 -28.44 -4.06
N LYS E 200 -18.37 -27.57 -3.06
CA LYS E 200 -17.15 -26.96 -2.56
C LYS E 200 -16.18 -28.03 -2.07
N ASN E 201 -14.90 -27.84 -2.37
CA ASN E 201 -13.87 -28.77 -1.95
C ASN E 201 -14.05 -30.20 -2.49
N LYS E 202 -14.91 -30.35 -3.49
CA LYS E 202 -15.15 -31.65 -4.10
C LYS E 202 -15.12 -31.40 -5.59
N PRO E 203 -13.91 -31.30 -6.17
CA PRO E 203 -13.70 -31.05 -7.59
C PRO E 203 -14.01 -32.28 -8.40
N GLY E 204 -14.26 -32.08 -9.70
CA GLY E 204 -14.52 -33.21 -10.57
C GLY E 204 -13.23 -33.99 -10.81
N VAL E 205 -13.32 -35.32 -10.77
CA VAL E 205 -12.18 -36.21 -10.99
C VAL E 205 -12.25 -36.72 -12.43
N TYR E 206 -11.11 -36.76 -13.12
CA TYR E 206 -11.05 -37.19 -14.50
C TYR E 206 -9.96 -38.23 -14.76
N THR E 207 -10.14 -39.06 -15.79
CA THR E 207 -9.17 -40.09 -16.14
C THR E 207 -7.98 -39.50 -16.89
N LYS E 208 -6.78 -39.83 -16.43
CA LYS E 208 -5.54 -39.33 -17.03
C LYS E 208 -5.30 -40.01 -18.38
N VAL E 209 -5.92 -39.49 -19.43
CA VAL E 209 -5.78 -40.08 -20.75
C VAL E 209 -4.32 -40.24 -21.20
N CYS E 210 -3.44 -39.40 -20.69
CA CYS E 210 -2.03 -39.48 -21.05
C CYS E 210 -1.39 -40.80 -20.71
N ASN E 211 -1.79 -41.41 -19.60
CA ASN E 211 -1.22 -42.68 -19.17
C ASN E 211 -1.63 -43.86 -20.06
N TYR E 212 -2.74 -43.67 -20.78
CA TYR E 212 -3.28 -44.71 -21.64
C TYR E 212 -3.04 -44.58 -23.14
N VAL E 213 -2.36 -43.54 -23.58
CA VAL E 213 -2.07 -43.34 -25.01
C VAL E 213 -1.53 -44.59 -25.68
N SER E 214 -0.60 -45.27 -25.04
CA SER E 214 -0.02 -46.49 -25.61
C SER E 214 -1.11 -47.54 -25.77
N TRP E 215 -1.85 -47.83 -24.69
CA TRP E 215 -2.91 -48.82 -24.74
C TRP E 215 -3.81 -48.48 -25.87
N ILE E 216 -4.28 -47.24 -25.89
CA ILE E 216 -5.16 -46.77 -26.96
C ILE E 216 -4.56 -47.15 -28.32
N LYS E 217 -3.36 -46.66 -28.60
CA LYS E 217 -2.68 -46.92 -29.86
C LYS E 217 -2.58 -48.39 -30.24
N GLN E 218 -2.21 -49.24 -29.30
CA GLN E 218 -2.10 -50.66 -29.61
C GLN E 218 -3.51 -51.27 -29.89
N THR E 219 -4.49 -51.01 -29.05
CA THR E 219 -5.81 -51.56 -29.26
C THR E 219 -6.37 -51.27 -30.64
N ILE E 220 -6.19 -50.03 -31.08
CA ILE E 220 -6.68 -49.60 -32.38
C ILE E 220 -6.02 -50.38 -33.53
N ALA E 221 -4.69 -50.48 -33.50
CA ALA E 221 -3.96 -51.20 -34.55
C ALA E 221 -4.23 -52.69 -34.65
N SER E 222 -4.75 -53.29 -33.59
CA SER E 222 -5.03 -54.72 -33.59
C SER E 222 -6.49 -55.07 -33.79
N ASN E 223 -7.38 -54.11 -33.59
CA ASN E 223 -8.81 -54.36 -33.72
C ASN E 223 -9.44 -53.65 -34.91
N ILE F 1 13.59 33.74 -3.73
CA ILE F 1 12.51 34.69 -4.10
C ILE F 1 13.18 35.71 -5.00
N VAL F 2 12.89 35.64 -6.28
CA VAL F 2 13.45 36.57 -7.26
C VAL F 2 12.75 37.91 -7.11
N GLY F 3 13.54 38.95 -6.84
CA GLY F 3 12.98 40.30 -6.68
C GLY F 3 12.12 40.47 -5.44
N GLY F 4 12.71 40.24 -4.27
CA GLY F 4 11.97 40.38 -3.04
C GLY F 4 12.74 41.25 -2.07
N TYR F 5 12.24 41.33 -0.84
CA TYR F 5 12.87 42.14 0.19
C TYR F 5 13.14 41.24 1.39
N THR F 6 14.15 41.59 2.18
CA THR F 6 14.45 40.79 3.37
C THR F 6 13.29 40.97 4.33
N CYS F 7 12.80 39.86 4.85
CA CYS F 7 11.68 39.96 5.77
C CYS F 7 12.16 40.60 7.05
N GLY F 8 13.36 40.22 7.49
CA GLY F 8 13.93 40.77 8.70
C GLY F 8 13.20 40.42 9.98
N ALA F 9 13.88 40.61 11.11
CA ALA F 9 13.34 40.31 12.43
C ALA F 9 12.62 38.96 12.45
N ASN F 10 11.28 38.99 12.46
CA ASN F 10 10.49 37.77 12.46
C ASN F 10 9.00 38.09 12.28
N THR F 11 8.58 38.08 11.01
CA THR F 11 7.21 38.38 10.63
C THR F 11 6.60 37.20 9.88
N VAL F 12 7.41 36.16 9.70
CA VAL F 12 7.01 34.96 9.00
C VAL F 12 7.40 33.81 9.93
N PRO F 13 6.76 33.73 11.11
CA PRO F 13 6.93 32.75 12.20
C PRO F 13 6.59 31.32 11.80
N TYR F 14 5.62 31.20 10.92
CA TYR F 14 5.15 29.92 10.46
C TYR F 14 6.03 29.33 9.41
N GLN F 15 7.05 30.07 8.97
CA GLN F 15 7.95 29.56 7.94
C GLN F 15 8.87 28.50 8.51
N VAL F 16 9.24 27.49 7.73
CA VAL F 16 10.18 26.47 8.18
C VAL F 16 11.01 26.03 6.98
N SER F 17 12.22 25.55 7.24
CA SER F 17 13.14 25.08 6.21
C SER F 17 13.23 23.56 6.23
N LEU F 18 13.16 22.92 5.07
CA LEU F 18 13.25 21.46 5.05
C LEU F 18 14.67 21.17 4.67
N ASN F 19 15.36 20.47 5.54
CA ASN F 19 16.75 20.16 5.32
C ASN F 19 16.95 18.67 5.14
N SER F 20 17.89 18.32 4.26
CA SER F 20 18.28 16.95 3.99
C SER F 20 19.76 17.08 3.74
N GLY F 21 20.49 17.52 4.75
CA GLY F 21 21.91 17.73 4.62
C GLY F 21 22.10 19.20 4.28
N TYR F 22 21.16 19.75 3.52
CA TYR F 22 21.19 21.17 3.11
C TYR F 22 19.75 21.59 2.88
N HIS F 23 19.51 22.89 2.77
CA HIS F 23 18.16 23.41 2.54
C HIS F 23 17.76 23.07 1.12
N PHE F 24 16.55 22.54 0.96
CA PHE F 24 16.06 22.21 -0.36
C PHE F 24 14.60 22.61 -0.59
N CYS F 25 13.93 23.02 0.47
CA CYS F 25 12.54 23.42 0.39
C CYS F 25 12.10 24.19 1.64
N GLY F 26 10.90 24.71 1.61
CA GLY F 26 10.33 25.41 2.73
C GLY F 26 9.11 24.60 3.13
N GLY F 27 8.28 25.16 3.99
CA GLY F 27 7.06 24.50 4.44
C GLY F 27 6.39 25.43 5.43
N SER F 28 5.12 25.22 5.72
CA SER F 28 4.44 26.07 6.68
C SER F 28 3.99 25.26 7.87
N LEU F 29 4.07 25.87 9.05
CA LEU F 29 3.68 25.22 10.29
C LEU F 29 2.19 25.40 10.46
N ILE F 30 1.46 24.29 10.41
CA ILE F 30 0.01 24.33 10.52
C ILE F 30 -0.45 24.25 11.98
N ASN F 31 0.44 23.72 12.82
CA ASN F 31 0.22 23.61 14.24
C ASN F 31 1.41 22.86 14.82
N SER F 32 1.66 23.03 16.11
CA SER F 32 2.75 22.40 16.83
C SER F 32 3.42 21.21 16.20
N GLN F 33 2.65 20.18 15.91
CA GLN F 33 3.20 18.96 15.31
C GLN F 33 3.17 18.73 13.79
N TRP F 34 2.41 19.51 13.01
CA TRP F 34 2.39 19.29 11.58
C TRP F 34 2.90 20.43 10.70
N VAL F 35 3.51 20.06 9.58
CA VAL F 35 4.07 21.00 8.61
C VAL F 35 3.57 20.67 7.18
N VAL F 36 2.90 21.62 6.53
CA VAL F 36 2.38 21.40 5.17
C VAL F 36 3.42 21.85 4.15
N SER F 37 3.55 21.10 3.06
CA SER F 37 4.52 21.44 2.05
C SER F 37 4.19 20.87 0.69
N ALA F 38 5.08 21.12 -0.28
CA ALA F 38 4.94 20.63 -1.64
C ALA F 38 5.32 19.16 -1.65
N ALA F 39 4.43 18.30 -2.18
CA ALA F 39 4.69 16.85 -2.27
C ALA F 39 5.93 16.50 -3.09
N HIS F 40 6.37 17.40 -3.97
CA HIS F 40 7.58 17.14 -4.73
C HIS F 40 8.82 17.43 -3.89
N CYS F 41 8.60 17.94 -2.67
CA CYS F 41 9.67 18.22 -1.69
C CYS F 41 9.92 17.02 -0.82
N TYR F 42 9.10 15.99 -0.98
CA TYR F 42 9.28 14.76 -0.25
C TYR F 42 10.68 14.22 -0.48
N LYS F 43 11.28 13.73 0.61
CA LYS F 43 12.62 13.14 0.59
C LYS F 43 12.61 12.17 1.75
N SER F 44 13.49 11.17 1.71
CA SER F 44 13.55 10.20 2.79
C SER F 44 14.23 10.89 3.98
N GLY F 45 13.58 10.84 5.14
CA GLY F 45 14.17 11.46 6.32
C GLY F 45 14.54 12.93 6.20
N ILE F 46 13.52 13.78 6.25
CA ILE F 46 13.69 15.22 6.16
C ILE F 46 13.82 15.73 7.59
N GLN F 47 14.52 16.84 7.77
CA GLN F 47 14.67 17.43 9.10
C GLN F 47 14.18 18.85 8.95
N VAL F 48 13.21 19.23 9.77
CA VAL F 48 12.61 20.58 9.76
C VAL F 48 13.35 21.61 10.67
N ARG F 49 13.75 22.76 10.11
CA ARG F 49 14.38 23.82 10.90
C ARG F 49 13.35 24.92 10.98
N LEU F 50 12.78 25.15 12.15
CA LEU F 50 11.76 26.20 12.32
C LEU F 50 12.40 27.47 12.83
N GLY F 51 11.59 28.52 12.95
CA GLY F 51 12.07 29.80 13.46
C GLY F 51 13.42 30.29 12.98
N GLU F 52 13.73 30.01 11.72
CA GLU F 52 14.97 30.40 11.11
C GLU F 52 14.96 31.85 10.65
N ASP F 53 16.13 32.45 10.66
CA ASP F 53 16.30 33.81 10.21
C ASP F 53 17.34 33.63 9.12
N ASN F 54 18.54 33.24 9.53
CA ASN F 54 19.63 33.00 8.58
C ASN F 54 19.75 31.48 8.61
N ILE F 55 19.77 30.86 7.45
CA ILE F 55 19.88 29.41 7.41
C ILE F 55 21.31 28.91 7.39
N ASN F 56 22.13 29.50 8.23
CA ASN F 56 23.54 29.13 8.35
C ASN F 56 24.12 29.50 9.72
N VAL F 57 23.60 30.56 10.33
CA VAL F 57 24.04 30.99 11.65
C VAL F 57 22.87 30.79 12.65
N VAL F 58 23.19 30.52 13.91
CA VAL F 58 22.17 30.33 14.97
C VAL F 58 21.55 31.67 15.37
N GLU F 59 20.60 32.16 14.59
CA GLU F 59 19.97 33.44 14.91
C GLU F 59 18.92 33.31 16.01
N GLY F 60 19.39 33.03 17.22
CA GLY F 60 18.49 32.89 18.36
C GLY F 60 17.61 31.66 18.27
N ASN F 61 16.53 31.75 17.50
CA ASN F 61 15.60 30.64 17.34
C ASN F 61 16.22 29.58 16.45
N GLU F 62 16.47 28.41 17.03
CA GLU F 62 17.06 27.30 16.29
C GLU F 62 16.38 26.01 16.71
N GLN F 63 15.65 25.40 15.78
CA GLN F 63 14.93 24.16 16.08
C GLN F 63 15.02 23.15 14.96
N PHE F 64 15.89 22.16 15.10
CA PHE F 64 16.05 21.10 14.11
C PHE F 64 15.27 19.88 14.63
N ILE F 65 14.13 19.58 14.01
CA ILE F 65 13.29 18.43 14.40
C ILE F 65 13.17 17.37 13.30
N SER F 66 13.26 16.11 13.66
CA SER F 66 13.17 15.04 12.67
C SER F 66 11.70 14.84 12.36
N ALA F 67 11.37 14.44 11.14
CA ALA F 67 9.98 14.23 10.77
C ALA F 67 9.57 12.77 10.97
N SER F 68 8.54 12.53 11.77
CA SER F 68 8.06 11.17 12.03
C SER F 68 7.38 10.52 10.79
N LYS F 69 6.27 11.09 10.31
CA LYS F 69 5.55 10.59 9.14
C LYS F 69 5.61 11.68 8.07
N SER F 70 6.04 11.35 6.86
CA SER F 70 6.05 12.31 5.74
C SER F 70 4.98 11.80 4.73
N ILE F 71 3.74 12.27 4.92
CA ILE F 71 2.60 11.84 4.12
C ILE F 71 2.32 12.65 2.85
N VAL F 72 2.64 12.07 1.70
CA VAL F 72 2.41 12.72 0.40
C VAL F 72 0.97 12.53 -0.06
N HIS F 73 0.41 13.50 -0.79
CA HIS F 73 -0.97 13.35 -1.26
C HIS F 73 -1.07 12.11 -2.18
N PRO F 74 -2.10 11.28 -1.95
CA PRO F 74 -2.41 10.04 -2.67
C PRO F 74 -2.79 10.13 -4.16
N SER F 75 -2.67 11.33 -4.75
CA SER F 75 -3.00 11.52 -6.16
C SER F 75 -2.02 12.49 -6.77
N TYR F 76 -0.97 12.81 -6.03
CA TYR F 76 0.02 13.73 -6.54
C TYR F 76 0.57 13.04 -7.78
N ASN F 77 0.63 13.77 -8.90
CA ASN F 77 1.18 13.23 -10.14
C ASN F 77 2.53 13.87 -10.38
N SER F 78 3.58 13.06 -10.26
CA SER F 78 4.93 13.59 -10.43
C SER F 78 5.18 14.26 -11.75
N ASN F 79 4.30 14.03 -12.72
CA ASN F 79 4.49 14.62 -14.04
C ASN F 79 3.79 15.96 -14.16
N THR F 80 2.48 15.95 -13.98
CA THR F 80 1.71 17.18 -14.08
C THR F 80 1.94 18.12 -12.90
N LEU F 81 2.34 17.53 -11.77
CA LEU F 81 2.54 18.24 -10.51
C LEU F 81 1.15 18.64 -10.00
N ASN F 82 0.14 17.83 -10.32
CA ASN F 82 -1.21 18.13 -9.86
C ASN F 82 -1.29 17.51 -8.48
N ASN F 83 -1.96 18.18 -7.55
CA ASN F 83 -2.03 17.71 -6.16
C ASN F 83 -0.66 17.75 -5.50
N ASP F 84 0.09 18.81 -5.77
CA ASP F 84 1.40 18.95 -5.20
C ASP F 84 1.18 19.40 -3.75
N ILE F 85 0.94 18.45 -2.85
CA ILE F 85 0.77 18.75 -1.43
C ILE F 85 1.17 17.54 -0.59
N MET F 86 1.97 17.82 0.45
CA MET F 86 2.48 16.84 1.39
C MET F 86 2.33 17.34 2.83
N LEU F 87 2.10 16.42 3.75
CA LEU F 87 1.97 16.74 5.17
C LEU F 87 3.10 16.06 5.94
N ILE F 88 3.82 16.83 6.75
CA ILE F 88 4.91 16.31 7.55
C ILE F 88 4.57 16.39 9.01
N LYS F 89 4.85 15.30 9.72
CA LYS F 89 4.62 15.22 11.16
C LYS F 89 5.96 15.25 11.87
N LEU F 90 6.15 16.20 12.77
CA LEU F 90 7.38 16.36 13.52
C LEU F 90 7.50 15.33 14.64
N LYS F 91 8.66 14.68 14.69
CA LYS F 91 8.94 13.67 15.71
C LYS F 91 8.45 14.24 17.02
N SER F 92 8.81 15.48 17.30
CA SER F 92 8.38 16.11 18.53
C SER F 92 7.58 17.34 18.14
N ALA F 93 6.66 17.77 18.99
CA ALA F 93 5.86 18.95 18.67
C ALA F 93 6.72 20.18 18.79
N ALA F 94 6.58 21.09 17.82
CA ALA F 94 7.32 22.35 17.81
C ALA F 94 6.80 23.24 18.92
N SER F 95 7.66 24.14 19.39
CA SER F 95 7.34 25.06 20.47
C SER F 95 6.66 26.32 19.98
N LEU F 96 5.33 26.32 19.99
CA LEU F 96 4.62 27.49 19.53
C LEU F 96 4.90 28.65 20.48
N ASN F 97 4.81 29.87 19.97
CA ASN F 97 5.02 31.10 20.74
C ASN F 97 5.09 32.29 19.80
N SER F 98 5.61 33.41 20.30
CA SER F 98 5.75 34.62 19.51
C SER F 98 6.77 34.46 18.39
N ARG F 99 7.67 33.49 18.54
CA ARG F 99 8.70 33.23 17.55
C ARG F 99 8.19 32.27 16.48
N VAL F 100 7.99 31.01 16.85
CA VAL F 100 7.47 30.00 15.93
C VAL F 100 5.98 29.93 16.18
N ALA F 101 5.18 30.26 15.16
CA ALA F 101 3.72 30.21 15.33
C ALA F 101 3.14 29.55 14.11
N SER F 102 1.95 29.03 14.25
CA SER F 102 1.31 28.38 13.13
C SER F 102 0.54 29.39 12.29
N ILE F 103 0.33 29.02 11.02
CA ILE F 103 -0.45 29.83 10.07
C ILE F 103 -1.81 29.14 9.97
N SER F 104 -2.87 29.89 9.72
CA SER F 104 -4.19 29.29 9.64
C SER F 104 -4.53 28.73 8.27
N LEU F 105 -5.32 27.67 8.27
CA LEU F 105 -5.77 27.07 7.03
C LEU F 105 -6.95 27.95 6.62
N PRO F 106 -7.18 28.10 5.30
CA PRO F 106 -8.29 28.91 4.75
C PRO F 106 -9.62 28.18 4.83
N THR F 107 -10.71 28.92 4.78
CA THR F 107 -12.03 28.30 4.80
C THR F 107 -12.69 28.46 3.42
N SER F 108 -12.21 29.47 2.69
CA SER F 108 -12.72 29.80 1.37
C SER F 108 -11.54 30.26 0.54
N CYS F 109 -11.57 29.96 -0.77
CA CYS F 109 -10.49 30.31 -1.68
C CYS F 109 -10.37 31.80 -1.95
N ALA F 110 -9.14 32.28 -2.08
CA ALA F 110 -8.88 33.69 -2.32
C ALA F 110 -9.31 34.04 -3.71
N SER F 111 -10.05 35.14 -3.86
CA SER F 111 -10.52 35.59 -5.16
C SER F 111 -9.37 36.26 -5.90
N ALA F 112 -9.29 36.12 -7.21
CA ALA F 112 -8.22 36.73 -7.98
C ALA F 112 -8.15 38.19 -7.64
N GLY F 113 -6.94 38.71 -7.55
CA GLY F 113 -6.77 40.10 -7.19
C GLY F 113 -6.25 40.24 -5.78
N THR F 114 -6.49 39.22 -4.93
CA THR F 114 -6.02 39.22 -3.54
C THR F 114 -4.53 39.31 -3.46
N GLN F 115 -4.06 40.20 -2.58
CA GLN F 115 -2.63 40.37 -2.41
C GLN F 115 -2.17 39.38 -1.33
N CYS F 116 -1.05 38.71 -1.61
CA CYS F 116 -0.48 37.71 -0.72
C CYS F 116 1.03 37.89 -0.45
N LEU F 117 1.53 37.19 0.58
CA LEU F 117 2.94 37.24 0.92
C LEU F 117 3.59 35.87 0.69
N ILE F 118 4.52 35.83 -0.24
CA ILE F 118 5.28 34.61 -0.59
C ILE F 118 6.68 34.75 0.06
N SER F 119 7.18 33.70 0.70
CA SER F 119 8.48 33.79 1.36
C SER F 119 9.33 32.54 1.21
N GLY F 120 10.64 32.71 1.34
CA GLY F 120 11.55 31.58 1.22
C GLY F 120 12.99 32.02 1.16
N TRP F 121 13.89 31.04 1.15
CA TRP F 121 15.34 31.27 1.10
C TRP F 121 15.87 30.87 -0.26
N GLY F 122 14.98 30.73 -1.21
CA GLY F 122 15.36 30.30 -2.55
C GLY F 122 16.15 31.34 -3.29
N ASN F 123 16.68 30.95 -4.44
CA ASN F 123 17.47 31.82 -5.29
C ASN F 123 16.82 33.20 -5.44
N THR F 124 17.65 34.23 -5.52
CA THR F 124 17.18 35.59 -5.70
C THR F 124 17.34 36.06 -7.16
N LYS F 125 18.40 35.61 -7.83
CA LYS F 125 18.67 35.98 -9.22
C LYS F 125 17.84 35.25 -10.28
N SER F 126 17.43 36.01 -11.29
CA SER F 126 16.63 35.50 -12.40
C SER F 126 17.54 34.63 -13.25
N SER F 127 18.73 35.16 -13.54
CA SER F 127 19.75 34.47 -14.33
C SER F 127 20.96 34.30 -13.41
N GLY F 128 21.24 33.06 -13.03
CA GLY F 128 22.36 32.80 -12.15
C GLY F 128 21.82 32.38 -10.78
N THR F 129 22.67 31.74 -9.99
CA THR F 129 22.25 31.28 -8.68
C THR F 129 22.89 32.13 -7.58
N SER F 130 22.04 32.73 -6.75
CA SER F 130 22.46 33.56 -5.63
C SER F 130 21.47 33.23 -4.52
N TYR F 131 21.75 32.15 -3.80
CA TYR F 131 20.89 31.74 -2.68
C TYR F 131 21.16 32.53 -1.40
N PRO F 132 20.19 33.35 -0.98
CA PRO F 132 20.26 34.19 0.24
C PRO F 132 20.30 33.46 1.57
N ASP F 133 20.97 34.08 2.52
CA ASP F 133 21.11 33.54 3.86
C ASP F 133 19.87 33.86 4.68
N VAL F 134 19.33 35.04 4.44
CA VAL F 134 18.15 35.46 5.17
C VAL F 134 16.86 35.25 4.41
N LEU F 135 15.78 35.15 5.17
CA LEU F 135 14.46 34.96 4.62
C LEU F 135 14.02 36.19 3.82
N LYS F 136 13.56 35.94 2.59
CA LYS F 136 13.06 36.98 1.71
C LYS F 136 11.55 36.90 1.65
N CYS F 137 10.91 38.05 1.46
CA CYS F 137 9.47 38.15 1.38
C CYS F 137 9.10 38.83 0.06
N LEU F 138 7.90 38.55 -0.42
CA LEU F 138 7.43 39.13 -1.68
C LEU F 138 5.93 39.29 -1.66
N LYS F 139 5.49 40.52 -1.87
CA LYS F 139 4.05 40.79 -1.91
C LYS F 139 3.72 40.49 -3.38
N ALA F 140 2.61 39.81 -3.63
CA ALA F 140 2.23 39.50 -5.00
C ALA F 140 0.76 39.18 -4.98
N PRO F 141 0.05 39.51 -6.06
CA PRO F 141 -1.38 39.24 -6.11
C PRO F 141 -1.66 37.89 -6.73
N ILE F 142 -2.93 37.49 -6.63
CA ILE F 142 -3.41 36.24 -7.19
C ILE F 142 -3.95 36.61 -8.57
N LEU F 143 -3.34 36.06 -9.62
CA LEU F 143 -3.77 36.34 -10.99
C LEU F 143 -5.03 35.57 -11.31
N SER F 144 -5.71 36.01 -12.36
CA SER F 144 -6.96 35.37 -12.77
C SER F 144 -6.71 34.01 -13.44
N ASP F 145 -7.49 33.02 -13.03
CA ASP F 145 -7.39 31.65 -13.56
C ASP F 145 -7.18 31.71 -15.08
N SER F 146 -7.71 32.75 -15.69
CA SER F 146 -7.62 33.00 -17.12
C SER F 146 -6.19 33.33 -17.57
N SER F 147 -5.61 34.39 -17.04
CA SER F 147 -4.24 34.78 -17.39
C SER F 147 -3.31 33.64 -17.06
N CYS F 148 -3.68 32.88 -16.03
CA CYS F 148 -2.89 31.74 -15.64
C CYS F 148 -2.94 30.69 -16.78
N LYS F 149 -4.12 30.15 -17.05
CA LYS F 149 -4.29 29.13 -18.07
C LYS F 149 -3.69 29.56 -19.41
N SER F 150 -3.80 30.85 -19.72
CA SER F 150 -3.27 31.35 -20.98
C SER F 150 -1.74 31.28 -21.00
N ALA F 151 -1.12 31.54 -19.84
CA ALA F 151 0.34 31.49 -19.70
C ALA F 151 0.86 30.07 -19.79
N TYR F 152 0.14 29.14 -19.18
CA TYR F 152 0.50 27.73 -19.20
C TYR F 152 -0.70 26.90 -19.70
N PRO F 153 -0.98 26.95 -21.01
CA PRO F 153 -2.07 26.24 -21.69
C PRO F 153 -2.46 24.83 -21.21
N GLY F 154 -3.66 24.71 -20.66
CA GLY F 154 -4.14 23.42 -20.18
C GLY F 154 -3.44 22.86 -18.96
N GLN F 155 -2.14 23.10 -18.85
CA GLN F 155 -1.33 22.64 -17.74
C GLN F 155 -1.88 23.05 -16.37
N ILE F 156 -2.47 24.24 -16.32
CA ILE F 156 -3.06 24.77 -15.07
C ILE F 156 -4.34 24.00 -14.68
N THR F 157 -4.24 23.18 -13.64
CA THR F 157 -5.40 22.41 -13.18
C THR F 157 -6.26 23.25 -12.22
N SER F 158 -7.33 22.67 -11.71
CA SER F 158 -8.20 23.37 -10.78
C SER F 158 -7.52 23.45 -9.42
N ASN F 159 -6.42 22.72 -9.27
CA ASN F 159 -5.68 22.70 -8.03
C ASN F 159 -4.47 23.59 -8.09
N MET F 160 -4.45 24.48 -9.08
CA MET F 160 -3.34 25.39 -9.26
C MET F 160 -3.85 26.82 -9.40
N PHE F 161 -2.98 27.79 -9.16
CA PHE F 161 -3.31 29.21 -9.28
C PHE F 161 -2.04 30.02 -9.49
N CYS F 162 -2.10 30.99 -10.39
CA CYS F 162 -0.94 31.82 -10.70
C CYS F 162 -0.93 33.04 -9.82
N ALA F 163 0.26 33.48 -9.43
CA ALA F 163 0.44 34.66 -8.59
C ALA F 163 1.75 35.29 -9.00
N GLY F 164 1.83 36.60 -8.88
CA GLY F 164 3.03 37.31 -9.28
C GLY F 164 2.72 38.49 -10.18
N TYR F 165 3.59 38.75 -11.14
CA TYR F 165 3.42 39.89 -12.03
C TYR F 165 3.68 39.47 -13.46
N LEU F 166 2.67 39.61 -14.32
CA LEU F 166 2.84 39.20 -15.70
C LEU F 166 4.03 39.89 -16.36
N GLU F 167 4.36 41.09 -15.86
CA GLU F 167 5.49 41.85 -16.39
C GLU F 167 6.77 41.12 -16.07
N GLY F 168 6.82 40.56 -14.87
CA GLY F 168 8.00 39.83 -14.43
C GLY F 168 8.87 40.66 -13.50
N GLY F 169 10.00 40.09 -13.08
CA GLY F 169 10.90 40.77 -12.18
C GLY F 169 10.74 40.37 -10.72
N LYS F 170 9.56 39.84 -10.38
CA LYS F 170 9.29 39.43 -9.02
C LYS F 170 8.57 38.10 -9.13
N ASP F 171 9.09 37.06 -8.46
CA ASP F 171 8.53 35.72 -8.50
C ASP F 171 9.30 34.83 -7.56
N SER F 172 8.71 33.71 -7.18
CA SER F 172 9.38 32.74 -6.32
C SER F 172 10.41 31.98 -7.18
N CYS F 173 11.23 31.12 -6.58
CA CYS F 173 12.23 30.45 -7.38
C CYS F 173 12.84 29.23 -6.72
N GLN F 174 13.63 28.49 -7.49
CA GLN F 174 14.26 27.27 -7.02
C GLN F 174 14.82 27.45 -5.62
N GLY F 175 14.30 26.64 -4.69
CA GLY F 175 14.68 26.69 -3.31
C GLY F 175 13.49 27.17 -2.50
N ASP F 176 12.48 27.73 -3.18
CA ASP F 176 11.27 28.23 -2.53
C ASP F 176 10.10 27.23 -2.47
N SER F 177 10.22 26.12 -3.18
CA SER F 177 9.18 25.09 -3.21
C SER F 177 8.74 24.77 -1.81
N GLY F 178 7.48 24.45 -1.64
CA GLY F 178 7.00 24.09 -0.32
C GLY F 178 6.69 25.30 0.54
N GLY F 179 7.23 26.45 0.14
CA GLY F 179 7.02 27.68 0.89
C GLY F 179 5.58 28.10 0.94
N PRO F 180 5.20 29.01 1.84
CA PRO F 180 3.83 29.51 2.00
C PRO F 180 3.47 30.71 1.15
N VAL F 181 2.18 30.81 0.87
CA VAL F 181 1.60 31.94 0.14
C VAL F 181 0.44 32.32 1.07
N VAL F 182 0.66 33.31 1.92
CA VAL F 182 -0.38 33.70 2.84
C VAL F 182 -1.16 34.89 2.31
N CYS F 183 -2.48 34.82 2.37
CA CYS F 183 -3.31 35.92 1.92
C CYS F 183 -4.31 36.15 3.04
N SER F 184 -4.25 37.33 3.64
CA SER F 184 -5.14 37.67 4.75
C SER F 184 -5.00 36.69 5.93
N GLY F 185 -3.77 36.40 6.32
CA GLY F 185 -3.53 35.50 7.43
C GLY F 185 -3.80 34.02 7.22
N LYS F 186 -4.22 33.64 6.03
CA LYS F 186 -4.49 32.24 5.76
C LYS F 186 -3.47 31.70 4.77
N LEU F 187 -3.27 30.39 4.83
CA LEU F 187 -2.34 29.70 3.93
C LEU F 187 -3.09 29.37 2.62
N GLN F 188 -2.96 30.21 1.59
CA GLN F 188 -3.68 30.00 0.32
C GLN F 188 -2.99 29.09 -0.69
N GLY F 189 -1.67 29.17 -0.78
CA GLY F 189 -0.97 28.35 -1.74
C GLY F 189 0.42 27.94 -1.35
N ILE F 190 0.93 26.92 -2.02
CA ILE F 190 2.27 26.41 -1.75
C ILE F 190 3.05 26.65 -3.02
N VAL F 191 4.25 27.19 -2.87
CA VAL F 191 5.12 27.44 -4.01
C VAL F 191 5.33 26.10 -4.71
N SER F 192 4.96 26.04 -5.99
CA SER F 192 5.12 24.80 -6.71
C SER F 192 6.06 24.81 -7.92
N TRP F 193 5.61 25.35 -9.06
CA TRP F 193 6.42 25.39 -10.29
C TRP F 193 6.17 26.63 -11.16
N GLY F 194 6.86 26.67 -12.29
CA GLY F 194 6.74 27.79 -13.22
C GLY F 194 7.90 27.71 -14.19
N SER F 195 7.94 28.63 -15.15
CA SER F 195 9.01 28.62 -16.14
C SER F 195 10.08 29.56 -15.68
N GLY F 196 11.28 29.04 -15.45
CA GLY F 196 12.36 29.89 -14.98
C GLY F 196 11.88 30.66 -13.76
N CYS F 197 12.31 31.91 -13.64
CA CYS F 197 11.93 32.73 -12.50
C CYS F 197 11.76 34.19 -12.91
N ALA F 198 10.66 34.79 -12.49
CA ALA F 198 10.37 36.18 -12.79
C ALA F 198 10.30 36.46 -14.30
N GLN F 199 10.17 35.40 -15.07
CA GLN F 199 10.09 35.52 -16.51
C GLN F 199 8.77 36.12 -16.93
N LYS F 200 8.84 37.07 -17.85
CA LYS F 200 7.67 37.77 -18.37
C LYS F 200 6.65 36.76 -18.85
N ASN F 201 5.39 37.06 -18.63
CA ASN F 201 4.28 36.19 -19.02
C ASN F 201 4.40 34.75 -18.53
N LYS F 202 5.26 34.52 -17.55
CA LYS F 202 5.44 33.20 -16.96
C LYS F 202 5.42 33.43 -15.45
N PRO F 203 4.23 33.56 -14.88
CA PRO F 203 4.02 33.79 -13.45
C PRO F 203 4.26 32.53 -12.66
N GLY F 204 4.48 32.68 -11.36
CA GLY F 204 4.66 31.50 -10.54
C GLY F 204 3.34 30.76 -10.39
N VAL F 205 3.40 29.44 -10.33
CA VAL F 205 2.22 28.61 -10.16
C VAL F 205 2.27 28.04 -8.73
N TYR F 206 1.14 28.06 -8.04
CA TYR F 206 1.05 27.59 -6.66
C TYR F 206 -0.09 26.64 -6.43
N THR F 207 0.04 25.76 -5.44
CA THR F 207 -0.99 24.77 -5.13
C THR F 207 -2.13 25.44 -4.41
N LYS F 208 -3.36 25.19 -4.84
CA LYS F 208 -4.55 25.77 -4.21
C LYS F 208 -4.83 25.07 -2.86
N VAL F 209 -4.21 25.54 -1.79
CA VAL F 209 -4.40 24.91 -0.49
C VAL F 209 -5.86 24.79 -0.03
N CYS F 210 -6.72 25.70 -0.48
CA CYS F 210 -8.12 25.68 -0.09
C CYS F 210 -8.84 24.40 -0.50
N ASN F 211 -8.45 23.82 -1.63
CA ASN F 211 -9.06 22.60 -2.13
C ASN F 211 -8.68 21.39 -1.29
N TYR F 212 -7.58 21.50 -0.55
CA TYR F 212 -7.11 20.39 0.29
C TYR F 212 -7.37 20.50 1.81
N VAL F 213 -8.03 21.56 2.25
CA VAL F 213 -8.30 21.75 3.69
C VAL F 213 -8.85 20.52 4.34
N SER F 214 -9.86 19.92 3.71
CA SER F 214 -10.48 18.73 4.26
C SER F 214 -9.44 17.62 4.42
N TRP F 215 -8.73 17.31 3.32
CA TRP F 215 -7.72 16.25 3.32
C TRP F 215 -6.75 16.47 4.44
N ILE F 216 -6.21 17.69 4.53
CA ILE F 216 -5.28 18.03 5.60
C ILE F 216 -5.93 17.65 6.94
N LYS F 217 -7.10 18.25 7.22
CA LYS F 217 -7.81 18.00 8.45
C LYS F 217 -7.99 16.54 8.78
N GLN F 218 -8.40 15.74 7.80
CA GLN F 218 -8.59 14.32 8.10
C GLN F 218 -7.25 13.63 8.45
N THR F 219 -6.23 13.86 7.62
CA THR F 219 -4.92 13.21 7.80
C THR F 219 -4.33 13.45 9.17
N ILE F 220 -4.47 14.67 9.65
CA ILE F 220 -3.98 15.06 10.95
C ILE F 220 -4.69 14.31 12.08
N ALA F 221 -6.01 14.24 12.02
CA ALA F 221 -6.79 13.55 13.05
C ALA F 221 -6.56 12.05 13.13
N SER F 222 -6.11 11.45 12.04
CA SER F 222 -5.92 10.00 12.00
C SER F 222 -4.49 9.58 12.22
N ASN F 223 -3.55 10.49 12.00
CA ASN F 223 -2.15 10.15 12.13
C ASN F 223 -1.49 10.75 13.35
N THR G 7 -27.91 27.84 -9.11
CA THR G 7 -26.73 27.41 -9.92
C THR G 7 -26.19 28.62 -10.68
N THR G 8 -24.91 28.97 -10.53
CA THR G 8 -24.33 30.15 -11.21
C THR G 8 -22.85 30.32 -10.87
N PRO G 9 -22.00 30.69 -11.85
CA PRO G 9 -20.57 30.88 -11.53
C PRO G 9 -20.51 32.08 -10.58
N CYS G 10 -19.63 32.04 -9.59
CA CYS G 10 -19.60 33.11 -8.62
C CYS G 10 -18.24 33.38 -7.98
N GLY G 11 -17.68 34.54 -8.28
CA GLY G 11 -16.39 34.88 -7.72
C GLY G 11 -15.40 33.76 -7.94
N PRO G 12 -14.71 33.30 -6.89
CA PRO G 12 -13.71 32.22 -6.92
C PRO G 12 -14.36 30.83 -6.87
N VAL G 13 -15.66 30.81 -6.64
CA VAL G 13 -16.41 29.56 -6.56
C VAL G 13 -17.53 29.47 -7.61
N THR G 14 -18.33 28.40 -7.52
CA THR G 14 -19.40 28.18 -8.48
C THR G 14 -20.61 27.59 -7.75
N CYS G 15 -21.71 28.33 -7.75
CA CYS G 15 -22.92 27.88 -7.08
C CYS G 15 -23.61 26.74 -7.84
N SER G 16 -23.92 25.69 -7.11
CA SER G 16 -24.55 24.51 -7.67
C SER G 16 -26.01 24.51 -7.24
N GLY G 17 -26.77 23.63 -7.86
CA GLY G 17 -28.19 23.45 -7.57
C GLY G 17 -28.97 24.57 -6.94
N ALA G 18 -29.22 24.41 -5.64
CA ALA G 18 -30.01 25.34 -4.86
C ALA G 18 -29.29 26.51 -4.23
N GLN G 19 -28.07 26.80 -4.69
CA GLN G 19 -27.30 27.90 -4.12
C GLN G 19 -27.40 29.19 -4.88
N MET G 20 -27.50 30.28 -4.12
CA MET G 20 -27.57 31.62 -4.66
C MET G 20 -26.18 32.22 -4.42
N CYS G 21 -25.69 32.95 -5.42
CA CYS G 21 -24.38 33.59 -5.36
C CYS G 21 -24.41 34.94 -4.65
N GLU G 22 -23.56 35.09 -3.64
CA GLU G 22 -23.44 36.31 -2.85
C GLU G 22 -22.07 36.93 -3.12
N VAL G 23 -21.98 37.77 -4.15
CA VAL G 23 -20.75 38.45 -4.54
C VAL G 23 -19.62 37.47 -4.87
N ASP G 24 -19.03 36.85 -3.83
CA ASP G 24 -17.93 35.90 -3.98
C ASP G 24 -18.18 34.53 -3.35
N LYS G 25 -19.28 34.37 -2.63
CA LYS G 25 -19.59 33.09 -2.00
C LYS G 25 -20.98 32.58 -2.37
N CYS G 26 -21.15 31.27 -2.38
CA CYS G 26 -22.45 30.66 -2.69
C CYS G 26 -23.15 30.25 -1.39
N VAL G 27 -24.36 30.77 -1.18
CA VAL G 27 -25.15 30.46 0.01
C VAL G 27 -26.51 29.90 -0.33
N CYS G 28 -27.20 29.35 0.66
CA CYS G 28 -28.53 28.81 0.44
C CYS G 28 -29.49 29.97 0.71
N SER G 29 -30.74 29.81 0.29
CA SER G 29 -31.75 30.84 0.50
C SER G 29 -32.94 30.30 1.27
N ASP G 30 -33.70 31.19 1.91
CA ASP G 30 -34.89 30.79 2.66
C ASP G 30 -36.11 31.14 1.81
N LEU G 31 -35.82 31.53 0.57
CA LEU G 31 -36.78 31.89 -0.45
C LEU G 31 -37.53 30.61 -0.89
N HIS G 32 -38.85 30.63 -0.75
CA HIS G 32 -39.64 29.47 -1.10
C HIS G 32 -41.03 29.87 -1.56
N CYS G 33 -41.62 29.05 -2.43
CA CYS G 33 -42.99 29.30 -2.88
C CYS G 33 -43.77 28.74 -1.69
N LYS G 34 -45.04 29.08 -1.55
CA LYS G 34 -45.80 28.56 -0.41
C LYS G 34 -46.68 27.31 -0.64
N VAL G 35 -46.11 26.24 -1.19
CA VAL G 35 -46.89 25.01 -1.40
C VAL G 35 -46.76 24.19 -0.14
N LYS G 36 -47.35 23.00 -0.09
CA LYS G 36 -47.19 22.14 1.08
C LYS G 36 -46.60 20.80 0.65
N CYS G 37 -45.27 20.71 0.70
CA CYS G 37 -44.59 19.46 0.34
C CYS G 37 -44.88 18.44 1.42
N GLU G 38 -45.31 17.24 1.03
CA GLU G 38 -45.58 16.22 2.02
C GLU G 38 -44.30 15.98 2.80
N HIS G 39 -43.18 15.87 2.11
CA HIS G 39 -41.93 15.61 2.79
C HIS G 39 -40.96 16.78 2.88
N GLY G 40 -41.45 17.99 2.61
CA GLY G 40 -40.57 19.13 2.69
C GLY G 40 -39.86 19.43 1.39
N PHE G 41 -39.09 20.52 1.36
CA PHE G 41 -38.39 20.94 0.17
C PHE G 41 -37.16 20.09 -0.12
N LYS G 42 -36.94 19.82 -1.40
CA LYS G 42 -35.81 19.01 -1.88
C LYS G 42 -34.48 19.72 -1.61
N LYS G 43 -33.51 18.99 -1.06
CA LYS G 43 -32.21 19.55 -0.71
C LYS G 43 -31.08 19.05 -1.62
N ASP G 44 -30.21 19.97 -2.02
CA ASP G 44 -29.08 19.63 -2.87
C ASP G 44 -27.97 19.00 -2.04
N ASP G 45 -26.94 18.52 -2.73
CA ASP G 45 -25.78 17.88 -2.09
C ASP G 45 -25.05 18.81 -1.12
N ASN G 46 -25.29 20.11 -1.26
CA ASN G 46 -24.66 21.12 -0.41
C ASN G 46 -25.48 21.41 0.85
N GLY G 47 -26.67 20.85 0.94
CA GLY G 47 -27.50 21.12 2.10
C GLY G 47 -28.60 22.13 1.88
N CYS G 48 -28.52 22.93 0.83
CA CYS G 48 -29.57 23.92 0.56
C CYS G 48 -30.85 23.23 0.10
N GLU G 49 -31.98 23.91 0.29
CA GLU G 49 -33.28 23.39 -0.14
C GLU G 49 -33.66 24.16 -1.41
N TYR G 50 -34.23 23.48 -2.40
CA TYR G 50 -34.61 24.20 -3.60
C TYR G 50 -35.86 25.04 -3.31
N ALA G 51 -35.88 26.23 -3.89
CA ALA G 51 -36.96 27.19 -3.73
C ALA G 51 -38.34 26.60 -3.75
N CYS G 52 -38.68 25.96 -4.86
CA CYS G 52 -40.01 25.39 -4.97
C CYS G 52 -40.00 24.02 -5.63
N ILE G 53 -39.42 23.06 -4.94
CA ILE G 53 -39.36 21.69 -5.41
C ILE G 53 -39.40 20.85 -4.14
N CYS G 54 -40.33 19.90 -4.10
CA CYS G 54 -40.50 19.05 -2.93
C CYS G 54 -39.70 17.76 -2.97
N ALA G 55 -39.31 17.29 -1.79
CA ALA G 55 -38.53 16.08 -1.69
C ALA G 55 -39.43 14.88 -1.81
N ASP G 56 -38.94 13.87 -2.52
CA ASP G 56 -39.70 12.66 -2.77
C ASP G 56 -39.76 11.66 -1.63
N ALA G 57 -38.95 11.88 -0.61
CA ALA G 57 -38.94 10.99 0.53
C ALA G 57 -38.40 11.76 1.74
N PRO G 58 -38.82 11.38 2.96
CA PRO G 58 -38.37 12.04 4.19
C PRO G 58 -36.84 11.97 4.29
N GLN G 59 -36.20 13.06 4.73
CA GLN G 59 -34.75 13.16 4.86
C GLN G 59 -34.20 12.40 6.06
N THR H 7 -14.60 20.68 55.37
CA THR H 7 -14.06 21.53 56.47
C THR H 7 -14.59 22.96 56.35
N THR H 8 -15.24 23.44 57.39
CA THR H 8 -15.81 24.80 57.41
C THR H 8 -16.52 25.11 58.73
N PRO H 9 -16.39 26.36 59.22
CA PRO H 9 -17.06 26.73 60.49
C PRO H 9 -18.57 26.62 60.28
N CYS H 10 -19.28 26.03 61.22
CA CYS H 10 -20.72 25.85 61.07
C CYS H 10 -21.50 26.02 62.37
N GLY H 11 -22.28 27.09 62.44
CA GLY H 11 -23.08 27.35 63.62
C GLY H 11 -22.27 27.26 64.90
N PRO H 12 -22.70 26.45 65.87
CA PRO H 12 -21.99 26.28 67.14
C PRO H 12 -20.81 25.32 67.04
N VAL H 13 -20.69 24.63 65.90
CA VAL H 13 -19.61 23.68 65.70
C VAL H 13 -18.73 24.06 64.50
N THR H 14 -17.78 23.20 64.18
CA THR H 14 -16.87 23.44 63.06
C THR H 14 -16.63 22.13 62.31
N CYS H 15 -16.99 22.11 61.05
CA CYS H 15 -16.82 20.91 60.24
C CYS H 15 -15.35 20.71 59.89
N SER H 16 -14.84 19.53 60.16
CA SER H 16 -13.45 19.25 59.81
C SER H 16 -13.41 18.28 58.61
N GLY H 17 -12.21 18.04 58.08
CA GLY H 17 -12.04 17.14 56.94
C GLY H 17 -13.16 16.98 55.93
N ALA H 18 -13.72 15.77 55.89
CA ALA H 18 -14.79 15.37 54.98
C ALA H 18 -16.24 15.68 55.37
N GLN H 19 -16.43 16.64 56.28
CA GLN H 19 -17.77 17.00 56.72
C GLN H 19 -18.30 18.24 56.00
N MET H 20 -19.58 18.21 55.69
CA MET H 20 -20.26 19.30 55.03
C MET H 20 -21.20 19.86 56.08
N CYS H 21 -21.23 21.20 56.18
CA CYS H 21 -22.06 21.91 57.14
C CYS H 21 -23.52 22.03 56.73
N GLU H 22 -24.41 21.65 57.64
CA GLU H 22 -25.84 21.72 57.42
C GLU H 22 -26.44 22.68 58.45
N VAL H 23 -26.51 23.96 58.07
CA VAL H 23 -27.05 25.02 58.92
C VAL H 23 -26.27 25.19 60.24
N ASP H 24 -26.49 24.29 61.19
CA ASP H 24 -25.82 24.35 62.48
C ASP H 24 -25.13 23.06 62.89
N LYS H 25 -25.20 22.03 62.04
CA LYS H 25 -24.59 20.75 62.33
C LYS H 25 -23.70 20.27 61.19
N CYS H 26 -22.63 19.57 61.52
CA CYS H 26 -21.70 19.05 60.51
C CYS H 26 -22.00 17.59 60.23
N VAL H 27 -22.28 17.27 58.97
CA VAL H 27 -22.60 15.91 58.55
C VAL H 27 -21.72 15.40 57.39
N CYS H 28 -21.72 14.09 57.18
CA CYS H 28 -20.97 13.44 56.10
C CYS H 28 -21.84 13.52 54.86
N SER H 29 -21.25 13.30 53.67
CA SER H 29 -22.00 13.33 52.41
C SER H 29 -21.85 12.02 51.66
N ASP H 30 -22.78 11.76 50.74
CA ASP H 30 -22.75 10.57 49.87
C ASP H 30 -22.05 10.99 48.58
N LEU H 31 -21.90 12.30 48.41
CA LEU H 31 -21.27 12.91 47.25
C LEU H 31 -19.87 12.34 47.00
N HIS H 32 -19.67 11.78 45.82
CA HIS H 32 -18.39 11.21 45.45
C HIS H 32 -18.20 11.28 43.95
N CYS H 33 -16.93 11.30 43.56
CA CYS H 33 -16.60 11.28 42.17
C CYS H 33 -16.68 9.79 41.81
N LYS H 34 -16.83 9.45 40.53
CA LYS H 34 -16.96 8.05 40.18
C LYS H 34 -15.69 7.26 39.81
N VAL H 35 -14.66 7.33 40.64
CA VAL H 35 -13.40 6.59 40.42
C VAL H 35 -13.55 5.20 41.02
N LYS H 36 -12.50 4.39 40.92
CA LYS H 36 -12.54 3.07 41.54
C LYS H 36 -11.36 2.93 42.46
N CYS H 37 -11.59 3.30 43.71
CA CYS H 37 -10.59 3.21 44.74
C CYS H 37 -10.40 1.73 45.04
N GLU H 38 -9.16 1.26 44.94
CA GLU H 38 -8.83 -0.12 45.23
C GLU H 38 -9.32 -0.49 46.64
N HIS H 39 -9.09 0.43 47.59
CA HIS H 39 -9.48 0.25 49.00
C HIS H 39 -10.70 1.05 49.47
N GLY H 40 -11.39 1.74 48.55
CA GLY H 40 -12.54 2.53 48.93
C GLY H 40 -12.12 3.95 49.26
N PHE H 41 -13.09 4.83 49.47
CA PHE H 41 -12.78 6.21 49.77
C PHE H 41 -12.20 6.41 51.18
N LYS H 42 -11.28 7.34 51.28
CA LYS H 42 -10.59 7.70 52.51
C LYS H 42 -11.55 8.33 53.52
N LYS H 43 -11.47 7.88 54.77
CA LYS H 43 -12.34 8.40 55.81
C LYS H 43 -11.61 9.23 56.85
N ASP H 44 -12.23 10.33 57.29
CA ASP H 44 -11.60 11.17 58.29
C ASP H 44 -11.93 10.67 59.70
N ASP H 45 -11.29 11.27 60.70
CA ASP H 45 -11.48 10.87 62.10
C ASP H 45 -12.93 10.85 62.57
N ASN H 46 -13.77 11.56 61.85
CA ASN H 46 -15.17 11.68 62.20
C ASN H 46 -16.02 10.53 61.60
N GLY H 47 -15.42 9.75 60.72
CA GLY H 47 -16.12 8.65 60.08
C GLY H 47 -16.59 8.93 58.66
N CYS H 48 -16.61 10.20 58.27
CA CYS H 48 -17.04 10.58 56.91
C CYS H 48 -15.97 10.14 55.92
N GLU H 49 -16.37 9.94 54.67
CA GLU H 49 -15.43 9.54 53.63
C GLU H 49 -15.24 10.76 52.76
N TYR H 50 -14.02 11.02 52.31
CA TYR H 50 -13.77 12.17 51.45
C TYR H 50 -14.38 11.93 50.07
N ALA H 51 -15.04 12.95 49.53
CA ALA H 51 -15.69 12.85 48.24
C ALA H 51 -14.87 12.19 47.14
N CYS H 52 -13.64 12.65 46.94
CA CYS H 52 -12.82 12.12 45.86
C CYS H 52 -11.39 11.82 46.27
N ILE H 53 -11.23 11.01 47.32
CA ILE H 53 -9.90 10.65 47.81
C ILE H 53 -9.97 9.19 48.23
N CYS H 54 -9.03 8.38 47.76
CA CYS H 54 -9.04 6.98 48.11
C CYS H 54 -8.17 6.59 49.31
N ALA H 55 -8.62 5.58 50.04
CA ALA H 55 -7.92 5.08 51.19
C ALA H 55 -6.71 4.26 50.77
N ASP H 56 -5.60 4.47 51.48
CA ASP H 56 -4.31 3.81 51.25
C ASP H 56 -4.31 2.31 51.56
N ALA H 57 -5.21 1.91 52.45
CA ALA H 57 -5.27 0.52 52.84
C ALA H 57 -6.65 0.23 53.35
N PRO H 58 -7.04 -1.05 53.34
CA PRO H 58 -8.35 -1.49 53.80
C PRO H 58 -8.61 -1.10 55.25
N GLN H 59 -9.82 -0.62 55.51
CA GLN H 59 -10.23 -0.19 56.84
C GLN H 59 -10.43 -1.38 57.77
N THR I 7 35.31 20.05 -12.96
CA THR I 7 34.83 20.94 -14.05
C THR I 7 35.45 22.33 -13.92
N THR I 8 36.12 22.80 -14.98
CA THR I 8 36.76 24.12 -14.98
C THR I 8 37.49 24.40 -16.31
N PRO I 9 37.46 25.65 -16.80
CA PRO I 9 38.13 26.00 -18.05
C PRO I 9 39.62 25.75 -17.87
N CYS I 10 40.26 25.14 -18.85
CA CYS I 10 41.67 24.78 -18.74
C CYS I 10 42.46 24.96 -20.02
N GLY I 11 43.33 25.97 -20.08
CA GLY I 11 44.13 26.20 -21.27
C GLY I 11 43.30 26.18 -22.53
N PRO I 12 43.65 25.34 -23.52
CA PRO I 12 42.92 25.24 -24.78
C PRO I 12 41.66 24.36 -24.68
N VAL I 13 41.51 23.68 -23.55
CA VAL I 13 40.37 22.80 -23.34
C VAL I 13 39.54 23.22 -22.12
N THR I 14 38.54 22.42 -21.78
CA THR I 14 37.68 22.70 -20.64
C THR I 14 37.34 21.42 -19.87
N CYS I 15 37.72 21.38 -18.59
CA CYS I 15 37.45 20.22 -17.73
C CYS I 15 35.97 20.05 -17.52
N SER I 16 35.48 18.83 -17.74
CA SER I 16 34.06 18.51 -17.53
C SER I 16 33.93 17.68 -16.24
N GLY I 17 32.71 17.52 -15.73
CA GLY I 17 32.47 16.73 -14.53
C GLY I 17 33.60 16.45 -13.53
N ALA I 18 34.11 15.22 -13.56
CA ALA I 18 35.16 14.79 -12.62
C ALA I 18 36.62 15.02 -13.04
N GLN I 19 36.83 15.91 -13.99
CA GLN I 19 38.17 16.20 -14.45
C GLN I 19 38.81 17.37 -13.71
N MET I 20 40.09 17.22 -13.40
CA MET I 20 40.88 18.25 -12.74
C MET I 20 41.81 18.78 -13.82
N CYS I 21 41.96 20.09 -13.86
CA CYS I 21 42.80 20.75 -14.84
C CYS I 21 44.26 20.76 -14.44
N GLU I 22 45.13 20.35 -15.37
CA GLU I 22 46.57 20.33 -15.16
C GLU I 22 47.22 21.24 -16.20
N VAL I 23 47.38 22.50 -15.82
CA VAL I 23 47.99 23.53 -16.67
C VAL I 23 47.22 23.77 -17.97
N ASP I 24 47.35 22.86 -18.92
CA ASP I 24 46.68 22.99 -20.21
C ASP I 24 45.87 21.76 -20.62
N LYS I 25 45.89 20.72 -19.79
CA LYS I 25 45.16 19.50 -20.09
C LYS I 25 44.31 19.07 -18.90
N CYS I 26 43.16 18.48 -19.17
CA CYS I 26 42.30 18.02 -18.09
C CYS I 26 42.42 16.50 -17.92
N VAL I 27 42.73 16.09 -16.69
CA VAL I 27 42.89 14.68 -16.35
C VAL I 27 42.02 14.25 -15.17
N CYS I 28 41.88 12.93 -15.01
CA CYS I 28 41.12 12.34 -13.92
C CYS I 28 42.01 12.33 -12.68
N SER I 29 41.40 12.19 -11.50
CA SER I 29 42.20 12.14 -10.27
C SER I 29 41.92 10.87 -9.47
N ASP I 30 42.86 10.53 -8.58
CA ASP I 30 42.74 9.35 -7.74
C ASP I 30 42.19 9.79 -6.37
N LEU I 31 42.06 11.10 -6.21
CA LEU I 31 41.57 11.70 -4.99
C LEU I 31 40.13 11.26 -4.71
N HIS I 32 39.93 10.65 -3.56
CA HIS I 32 38.59 10.21 -3.16
C HIS I 32 38.43 10.19 -1.65
N CYS I 33 37.18 10.42 -1.23
CA CYS I 33 36.85 10.38 0.17
C CYS I 33 36.81 8.88 0.49
N LYS I 34 36.94 8.49 1.75
CA LYS I 34 36.96 7.06 2.05
C LYS I 34 35.68 6.37 2.43
N VAL I 35 34.64 6.58 1.63
CA VAL I 35 33.33 5.98 1.85
C VAL I 35 33.34 4.56 1.30
N LYS I 36 32.21 3.86 1.40
CA LYS I 36 32.18 2.53 0.84
C LYS I 36 31.01 2.47 -0.09
N CYS I 37 31.27 2.75 -1.37
CA CYS I 37 30.25 2.71 -2.41
C CYS I 37 29.92 1.27 -2.74
N GLU I 38 28.64 0.93 -2.67
CA GLU I 38 28.20 -0.41 -2.99
C GLU I 38 28.67 -0.76 -4.40
N HIS I 39 28.51 0.18 -5.34
CA HIS I 39 28.90 -0.05 -6.71
C HIS I 39 30.17 0.64 -7.18
N GLY I 40 30.87 1.31 -6.28
CA GLY I 40 32.07 2.05 -6.68
C GLY I 40 31.78 3.51 -7.00
N PHE I 41 32.81 4.32 -7.18
CA PHE I 41 32.59 5.71 -7.50
C PHE I 41 31.99 6.02 -8.87
N LYS I 42 31.06 6.95 -8.92
CA LYS I 42 30.40 7.37 -10.13
C LYS I 42 31.40 7.93 -11.15
N LYS I 43 31.30 7.51 -12.41
CA LYS I 43 32.21 7.95 -13.47
C LYS I 43 31.50 8.87 -14.47
N ASP I 44 32.20 9.90 -14.94
CA ASP I 44 31.58 10.78 -15.91
C ASP I 44 31.86 10.32 -17.35
N ASP I 45 31.24 10.97 -18.33
CA ASP I 45 31.38 10.61 -19.73
C ASP I 45 32.81 10.46 -20.23
N ASN I 46 33.73 11.09 -19.53
CA ASN I 46 35.14 11.07 -19.92
C ASN I 46 35.93 9.91 -19.31
N GLY I 47 35.27 9.10 -18.47
CA GLY I 47 35.95 7.97 -17.85
C GLY I 47 36.44 8.20 -16.43
N CYS I 48 36.51 9.47 -16.03
CA CYS I 48 36.95 9.84 -14.69
C CYS I 48 35.89 9.45 -13.64
N GLU I 49 36.32 9.25 -12.41
CA GLU I 49 35.43 8.91 -11.33
C GLU I 49 35.30 10.15 -10.45
N TYR I 50 34.08 10.46 -10.03
CA TYR I 50 33.85 11.60 -9.14
C TYR I 50 34.48 11.30 -7.76
N ALA I 51 35.28 12.24 -7.25
CA ALA I 51 35.95 12.11 -5.96
C ALA I 51 35.11 11.49 -4.85
N CYS I 52 33.93 12.06 -4.59
CA CYS I 52 33.08 11.55 -3.54
C CYS I 52 31.63 11.37 -3.93
N ILE I 53 31.38 10.57 -4.98
CA ILE I 53 30.02 10.29 -5.44
C ILE I 53 29.95 8.84 -5.89
N CYS I 54 28.98 8.09 -5.38
CA CYS I 54 28.86 6.68 -5.75
C CYS I 54 28.00 6.41 -6.97
N ALA I 55 28.33 5.33 -7.65
CA ALA I 55 27.63 4.84 -8.82
C ALA I 55 26.31 4.21 -8.39
N ASP I 56 25.24 4.49 -9.14
CA ASP I 56 23.89 3.94 -8.84
C ASP I 56 23.80 2.45 -9.16
N ALA I 57 24.61 1.99 -10.10
CA ALA I 57 24.59 0.59 -10.52
C ALA I 57 25.96 0.18 -11.04
N PRO I 58 26.23 -1.13 -11.09
CA PRO I 58 27.52 -1.65 -11.57
C PRO I 58 27.77 -1.18 -12.98
N GLN I 59 29.02 -0.83 -13.27
CA GLN I 59 29.42 -0.34 -14.58
C GLN I 59 29.55 -1.47 -15.60
N THR J 7 17.83 -38.80 -12.02
CA THR J 7 16.58 -39.17 -11.27
C THR J 7 16.11 -37.97 -10.43
N THR J 8 14.86 -37.52 -10.60
CA THR J 8 14.33 -36.35 -9.88
C THR J 8 12.88 -36.04 -10.28
N PRO J 9 11.99 -35.75 -9.31
CA PRO J 9 10.61 -35.44 -9.71
C PRO J 9 10.61 -34.16 -10.52
N CYS J 10 9.81 -34.13 -11.57
CA CYS J 10 9.81 -32.98 -12.44
C CYS J 10 8.48 -32.67 -13.08
N GLY J 11 7.95 -31.50 -12.79
CA GLY J 11 6.68 -31.13 -13.35
C GLY J 11 5.66 -32.22 -13.12
N PRO J 12 4.91 -32.60 -14.17
CA PRO J 12 3.88 -33.64 -14.08
C PRO J 12 4.47 -35.05 -14.22
N VAL J 13 5.77 -35.11 -14.44
CA VAL J 13 6.44 -36.37 -14.61
C VAL J 13 7.57 -36.58 -13.57
N THR J 14 8.25 -37.72 -13.59
CA THR J 14 9.33 -37.99 -12.65
C THR J 14 10.53 -38.59 -13.40
N CYS J 15 11.69 -37.91 -13.41
CA CYS J 15 12.85 -38.46 -14.10
C CYS J 15 13.43 -39.62 -13.34
N SER J 16 13.74 -40.69 -14.06
CA SER J 16 14.32 -41.87 -13.45
C SER J 16 15.76 -41.96 -13.93
N GLY J 17 16.50 -42.88 -13.30
CA GLY J 17 17.89 -43.14 -13.62
C GLY J 17 18.76 -42.05 -14.24
N ALA J 18 18.98 -42.19 -15.55
CA ALA J 18 19.82 -41.28 -16.33
C ALA J 18 19.14 -40.05 -16.92
N GLN J 19 17.92 -39.73 -16.49
CA GLN J 19 17.23 -38.56 -17.03
C GLN J 19 17.43 -37.31 -16.22
N MET J 20 17.59 -36.20 -16.94
CA MET J 20 17.75 -34.88 -16.37
C MET J 20 16.40 -34.22 -16.61
N CYS J 21 15.90 -33.46 -15.63
CA CYS J 21 14.61 -32.80 -15.79
C CYS J 21 14.72 -31.40 -16.37
N GLU J 22 13.91 -31.13 -17.39
CA GLU J 22 13.89 -29.83 -18.03
C GLU J 22 12.50 -29.21 -17.85
N VAL J 23 12.42 -28.39 -16.80
CA VAL J 23 11.21 -27.67 -16.40
C VAL J 23 10.07 -28.63 -16.08
N ASP J 24 9.44 -29.19 -17.13
CA ASP J 24 8.31 -30.12 -16.98
C ASP J 24 8.46 -31.47 -17.70
N LYS J 25 9.61 -31.67 -18.34
CA LYS J 25 9.89 -32.91 -19.08
C LYS J 25 11.23 -33.52 -18.68
N CYS J 26 11.30 -34.84 -18.68
CA CYS J 26 12.53 -35.54 -18.37
C CYS J 26 13.25 -35.95 -19.67
N VAL J 27 14.48 -35.49 -19.88
CA VAL J 27 15.21 -35.84 -21.10
C VAL J 27 16.59 -36.41 -20.78
N CYS J 28 17.23 -37.01 -21.78
CA CYS J 28 18.57 -37.57 -21.61
C CYS J 28 19.55 -36.44 -21.79
N SER J 29 20.82 -36.70 -21.46
CA SER J 29 21.85 -35.68 -21.62
C SER J 29 22.99 -36.29 -22.39
N ASP J 30 23.83 -35.42 -22.96
CA ASP J 30 25.01 -35.83 -23.72
C ASP J 30 26.23 -35.67 -22.79
N LEU J 31 25.98 -35.18 -21.58
CA LEU J 31 26.99 -34.98 -20.56
C LEU J 31 27.62 -36.29 -20.14
N HIS J 32 28.94 -36.37 -20.26
CA HIS J 32 29.68 -37.57 -19.91
C HIS J 32 31.08 -37.24 -19.47
N CYS J 33 31.64 -38.07 -18.61
CA CYS J 33 33.00 -37.88 -18.17
C CYS J 33 33.75 -38.48 -19.35
N LYS J 34 35.04 -38.23 -19.48
CA LYS J 34 35.77 -38.76 -20.62
C LYS J 34 36.57 -40.05 -20.46
N VAL J 35 35.93 -41.11 -19.95
CA VAL J 35 36.63 -42.38 -19.76
C VAL J 35 36.60 -43.12 -21.05
N LYS J 36 36.99 -44.38 -21.02
CA LYS J 36 36.96 -45.24 -22.21
C LYS J 36 36.21 -46.52 -21.82
N CYS J 37 34.89 -46.52 -21.97
CA CYS J 37 34.08 -47.70 -21.66
C CYS J 37 34.34 -48.73 -22.76
N GLU J 38 34.67 -49.95 -22.37
CA GLU J 38 34.89 -50.99 -23.37
C GLU J 38 33.61 -51.12 -24.20
N HIS J 39 32.47 -51.22 -23.53
CA HIS J 39 31.21 -51.37 -24.24
C HIS J 39 30.34 -50.14 -24.29
N GLY J 40 30.88 -48.96 -24.00
CA GLY J 40 30.07 -47.77 -24.05
C GLY J 40 29.35 -47.51 -22.74
N PHE J 41 28.71 -46.34 -22.63
CA PHE J 41 28.02 -45.97 -21.39
C PHE J 41 26.73 -46.73 -21.14
N LYS J 42 26.51 -47.11 -19.88
CA LYS J 42 25.30 -47.83 -19.44
C LYS J 42 24.04 -47.02 -19.68
N LYS J 43 23.02 -47.67 -20.25
CA LYS J 43 21.74 -47.01 -20.56
C LYS J 43 20.61 -47.47 -19.68
N ASP J 44 19.76 -46.52 -19.29
CA ASP J 44 18.61 -46.81 -18.45
C ASP J 44 17.46 -47.38 -19.31
N ASP J 45 16.42 -47.85 -18.65
CA ASP J 45 15.24 -48.40 -19.32
C ASP J 45 14.59 -47.40 -20.26
N ASN J 46 14.84 -46.11 -20.03
CA ASN J 46 14.27 -45.04 -20.87
C ASN J 46 15.13 -44.73 -22.09
N GLY J 47 16.27 -45.37 -22.21
CA GLY J 47 17.12 -45.14 -23.36
C GLY J 47 18.27 -44.19 -23.12
N CYS J 48 18.22 -43.41 -22.06
CA CYS J 48 19.31 -42.49 -21.76
C CYS J 48 20.54 -43.24 -21.29
N GLU J 49 21.71 -42.65 -21.48
CA GLU J 49 22.98 -43.24 -21.06
C GLU J 49 23.41 -42.52 -19.76
N TYR J 50 23.90 -43.27 -18.77
CA TYR J 50 24.34 -42.62 -17.54
C TYR J 50 25.64 -41.86 -17.83
N ALA J 51 25.71 -40.67 -17.28
CA ALA J 51 26.84 -39.76 -17.44
C ALA J 51 28.21 -40.40 -17.38
N CYS J 52 28.47 -41.14 -16.32
CA CYS J 52 29.77 -41.74 -16.16
C CYS J 52 29.72 -43.14 -15.62
N ILE J 53 29.03 -44.00 -16.33
CA ILE J 53 28.92 -45.39 -15.93
C ILE J 53 28.95 -46.23 -17.20
N CYS J 54 29.85 -47.20 -17.23
CA CYS J 54 29.98 -48.05 -18.40
C CYS J 54 29.04 -49.25 -18.39
N ALA J 55 28.67 -49.68 -19.59
CA ALA J 55 27.82 -50.83 -19.78
C ALA J 55 28.70 -52.08 -19.63
N ASP J 56 28.12 -53.10 -18.99
CA ASP J 56 28.76 -54.38 -18.70
C ASP J 56 28.85 -55.34 -19.89
N ALA J 57 28.07 -55.06 -20.93
CA ALA J 57 28.03 -55.91 -22.10
C ALA J 57 27.54 -55.08 -23.28
N PRO J 58 27.91 -55.47 -24.51
CA PRO J 58 27.50 -54.74 -25.71
C PRO J 58 25.97 -54.76 -25.80
N GLN J 59 25.39 -53.63 -26.22
CA GLN J 59 23.94 -53.48 -26.34
C GLN J 59 23.41 -54.06 -27.65
N THR K 7 -19.38 -51.74 1.35
CA THR K 7 -19.42 -52.92 2.25
C THR K 7 -18.03 -53.15 2.85
N THR K 8 -17.97 -53.18 4.19
CA THR K 8 -16.70 -53.39 4.91
C THR K 8 -16.90 -53.37 6.43
N PRO K 9 -16.16 -54.22 7.16
CA PRO K 9 -16.29 -54.25 8.62
C PRO K 9 -15.84 -52.88 9.16
N CYS K 10 -16.61 -52.32 10.08
CA CYS K 10 -16.30 -50.99 10.61
C CYS K 10 -16.54 -50.86 12.11
N GLY K 11 -15.46 -50.78 12.89
CA GLY K 11 -15.60 -50.64 14.32
C GLY K 11 -16.55 -51.63 14.96
N PRO K 12 -17.64 -51.17 15.60
CA PRO K 12 -18.61 -52.05 16.27
C PRO K 12 -19.67 -52.56 15.28
N VAL K 13 -19.67 -51.98 14.09
CA VAL K 13 -20.64 -52.32 13.08
C VAL K 13 -19.96 -52.81 11.83
N THR K 14 -20.75 -53.05 10.80
CA THR K 14 -20.24 -53.53 9.52
C THR K 14 -21.01 -52.90 8.34
N CYS K 15 -20.30 -52.17 7.48
CA CYS K 15 -20.91 -51.53 6.33
C CYS K 15 -21.44 -52.55 5.35
N SER K 16 -22.67 -52.35 4.92
CA SER K 16 -23.27 -53.24 3.94
C SER K 16 -23.37 -52.44 2.64
N GLY K 17 -23.63 -53.15 1.56
CA GLY K 17 -23.78 -52.54 0.25
C GLY K 17 -23.07 -51.23 -0.09
N ALA K 18 -23.86 -50.17 -0.21
CA ALA K 18 -23.37 -48.84 -0.58
C ALA K 18 -22.86 -47.95 0.54
N GLN K 19 -22.53 -48.54 1.68
CA GLN K 19 -22.05 -47.80 2.81
C GLN K 19 -20.55 -47.74 2.91
N MET K 20 -20.06 -46.57 3.29
CA MET K 20 -18.64 -46.32 3.47
C MET K 20 -18.48 -46.15 4.98
N CYS K 21 -17.46 -46.79 5.54
CA CYS K 21 -17.20 -46.72 6.97
C CYS K 21 -16.41 -45.50 7.37
N GLU K 22 -16.91 -44.86 8.39
CA GLU K 22 -16.29 -43.66 8.93
C GLU K 22 -15.83 -43.93 10.37
N VAL K 23 -14.59 -44.38 10.53
CA VAL K 23 -14.00 -44.68 11.85
C VAL K 23 -14.74 -45.82 12.55
N ASP K 24 -15.88 -45.52 13.16
CA ASP K 24 -16.66 -46.51 13.87
C ASP K 24 -18.12 -46.60 13.41
N LYS K 25 -18.52 -45.76 12.46
CA LYS K 25 -19.90 -45.72 11.95
C LYS K 25 -19.99 -45.86 10.42
N CYS K 26 -21.04 -46.51 9.92
CA CYS K 26 -21.22 -46.69 8.47
C CYS K 26 -22.20 -45.65 7.92
N VAL K 27 -21.73 -44.84 6.97
CA VAL K 27 -22.54 -43.80 6.37
C VAL K 27 -22.64 -43.95 4.86
N CYS K 28 -23.59 -43.26 4.24
CA CYS K 28 -23.80 -43.26 2.79
C CYS K 28 -22.87 -42.17 2.25
N SER K 29 -22.56 -42.21 0.95
CA SER K 29 -21.70 -41.22 0.34
C SER K 29 -22.40 -40.52 -0.82
N ASP K 30 -21.86 -39.35 -1.21
CA ASP K 30 -22.40 -38.56 -2.32
C ASP K 30 -21.56 -38.81 -3.55
N LEU K 31 -20.57 -39.67 -3.37
CA LEU K 31 -19.62 -40.08 -4.40
C LEU K 31 -20.35 -40.78 -5.52
N HIS K 32 -20.26 -40.24 -6.73
CA HIS K 32 -20.94 -40.84 -7.86
C HIS K 32 -20.22 -40.61 -9.18
N CYS K 33 -20.32 -41.59 -10.06
CA CYS K 33 -19.73 -41.47 -11.38
C CYS K 33 -20.72 -40.55 -12.08
N LYS K 34 -20.32 -39.94 -13.19
CA LYS K 34 -21.22 -39.02 -13.89
C LYS K 34 -22.08 -39.53 -15.06
N VAL K 35 -22.71 -40.70 -14.92
CA VAL K 35 -23.57 -41.24 -15.96
C VAL K 35 -24.96 -40.64 -15.83
N LYS K 36 -25.89 -41.05 -16.67
CA LYS K 36 -27.26 -40.56 -16.53
C LYS K 36 -28.20 -41.76 -16.41
N CYS K 37 -28.52 -42.16 -15.19
CA CYS K 37 -29.43 -43.28 -15.03
C CYS K 37 -30.82 -42.76 -15.22
N GLU K 38 -31.59 -43.46 -16.04
CA GLU K 38 -32.96 -43.06 -16.31
C GLU K 38 -33.76 -42.96 -15.00
N HIS K 39 -33.59 -43.93 -14.09
CA HIS K 39 -34.33 -43.91 -12.83
C HIS K 39 -33.53 -43.47 -11.61
N GLY K 40 -32.32 -42.95 -11.82
CA GLY K 40 -31.50 -42.55 -10.69
C GLY K 40 -30.65 -43.69 -10.17
N PHE K 41 -29.77 -43.42 -9.21
CA PHE K 41 -28.89 -44.43 -8.67
C PHE K 41 -29.55 -45.46 -7.77
N LYS K 42 -29.08 -46.70 -7.87
CA LYS K 42 -29.63 -47.80 -7.09
C LYS K 42 -29.39 -47.62 -5.58
N LYS K 43 -30.43 -47.84 -4.76
CA LYS K 43 -30.29 -47.70 -3.30
C LYS K 43 -30.34 -49.01 -2.58
N ASP K 44 -29.45 -49.19 -1.62
CA ASP K 44 -29.40 -50.43 -0.82
C ASP K 44 -30.43 -50.37 0.31
N ASP K 45 -30.57 -51.50 1.01
CA ASP K 45 -31.54 -51.62 2.10
C ASP K 45 -31.44 -50.58 3.18
N ASN K 46 -30.28 -49.93 3.28
CA ASN K 46 -30.04 -48.90 4.28
C ASN K 46 -30.41 -47.49 3.81
N GLY K 47 -30.74 -47.33 2.54
CA GLY K 47 -31.11 -46.03 2.01
C GLY K 47 -30.03 -45.33 1.21
N CYS K 48 -28.81 -45.87 1.27
CA CYS K 48 -27.68 -45.30 0.56
C CYS K 48 -27.75 -45.63 -0.94
N GLU K 49 -27.22 -44.74 -1.77
CA GLU K 49 -27.21 -44.94 -3.23
C GLU K 49 -25.86 -45.53 -3.64
N TYR K 50 -25.87 -46.47 -4.58
CA TYR K 50 -24.65 -47.07 -5.06
C TYR K 50 -23.92 -46.04 -5.92
N ALA K 51 -22.62 -45.93 -5.71
CA ALA K 51 -21.77 -44.99 -6.43
C ALA K 51 -22.04 -44.93 -7.91
N CYS K 52 -21.89 -46.07 -8.56
CA CYS K 52 -22.03 -46.16 -10.02
C CYS K 52 -22.95 -47.29 -10.47
N ILE K 53 -24.19 -47.33 -9.98
CA ILE K 53 -25.13 -48.37 -10.35
C ILE K 53 -26.47 -47.70 -10.36
N CYS K 54 -27.21 -47.91 -11.45
CA CYS K 54 -28.52 -47.33 -11.63
C CYS K 54 -29.65 -48.25 -11.26
N ALA K 55 -30.73 -47.64 -10.82
CA ALA K 55 -31.96 -48.32 -10.43
C ALA K 55 -32.73 -48.77 -11.66
N ASP K 56 -33.27 -49.97 -11.56
CA ASP K 56 -34.06 -50.56 -12.64
C ASP K 56 -35.48 -50.03 -12.75
N ALA K 57 -35.97 -49.40 -11.70
CA ALA K 57 -37.31 -48.89 -11.67
C ALA K 57 -37.35 -47.66 -10.75
N PRO K 58 -38.28 -46.72 -11.02
CA PRO K 58 -38.37 -45.53 -10.16
C PRO K 58 -38.73 -45.96 -8.74
N GLN K 59 -38.17 -45.28 -7.74
CA GLN K 59 -38.41 -45.59 -6.31
C GLN K 59 -39.63 -44.91 -5.68
N THR L 7 8.55 12.97 -22.76
CA THR L 7 8.50 11.78 -23.66
C THR L 7 7.12 11.67 -24.29
N THR L 8 7.06 11.69 -25.62
CA THR L 8 5.80 11.61 -26.34
C THR L 8 6.00 11.62 -27.85
N PRO L 9 5.15 10.89 -28.59
CA PRO L 9 5.22 10.81 -30.06
C PRO L 9 4.94 12.22 -30.62
N CYS L 10 5.78 12.73 -31.51
CA CYS L 10 5.58 14.09 -32.04
C CYS L 10 5.85 14.19 -33.54
N GLY L 11 4.79 14.37 -34.32
CA GLY L 11 4.94 14.49 -35.76
C GLY L 11 5.82 13.42 -36.37
N PRO L 12 6.84 13.81 -37.13
CA PRO L 12 7.73 12.84 -37.74
C PRO L 12 8.79 12.30 -36.77
N VAL L 13 8.80 12.82 -35.54
CA VAL L 13 9.77 12.38 -34.55
C VAL L 13 9.08 11.96 -33.28
N THR L 14 9.87 11.61 -32.27
CA THR L 14 9.32 11.18 -30.99
C THR L 14 10.12 11.74 -29.80
N CYS L 15 9.46 12.52 -28.93
CA CYS L 15 10.11 13.11 -27.77
C CYS L 15 10.55 12.05 -26.79
N SER L 16 11.79 12.16 -26.34
CA SER L 16 12.33 11.22 -25.36
C SER L 16 12.47 11.97 -24.04
N GLY L 17 12.68 11.23 -22.97
CA GLY L 17 12.87 11.80 -21.64
C GLY L 17 12.28 13.15 -21.27
N ALA L 18 13.16 14.14 -21.19
CA ALA L 18 12.77 15.48 -20.81
C ALA L 18 12.34 16.45 -21.91
N GLN L 19 12.00 15.93 -23.07
CA GLN L 19 11.55 16.79 -24.18
C GLN L 19 10.06 16.92 -24.25
N MET L 20 9.64 18.11 -24.68
CA MET L 20 8.24 18.46 -24.86
C MET L 20 8.04 18.61 -26.36
N CYS L 21 6.93 18.10 -26.88
CA CYS L 21 6.64 18.17 -28.31
C CYS L 21 6.01 19.48 -28.70
N GLU L 22 6.58 20.10 -29.71
CA GLU L 22 6.10 21.35 -30.26
C GLU L 22 5.60 21.06 -31.70
N VAL L 23 4.32 20.72 -31.85
CA VAL L 23 3.71 20.45 -33.15
C VAL L 23 4.36 19.28 -33.87
N ASP L 24 5.54 19.49 -34.42
CA ASP L 24 6.25 18.45 -35.15
C ASP L 24 7.71 18.33 -34.74
N LYS L 25 8.12 19.13 -33.75
CA LYS L 25 9.51 19.14 -33.26
C LYS L 25 9.54 18.85 -31.78
N CYS L 26 10.59 18.18 -31.30
CA CYS L 26 10.71 17.92 -29.86
C CYS L 26 11.74 18.90 -29.28
N VAL L 27 11.35 19.71 -28.30
CA VAL L 27 12.27 20.68 -27.68
C VAL L 27 12.37 20.50 -26.18
N CYS L 28 13.34 21.20 -25.58
CA CYS L 28 13.55 21.18 -24.15
C CYS L 28 12.68 22.30 -23.56
N SER L 29 12.38 22.23 -22.25
CA SER L 29 11.56 23.27 -21.60
C SER L 29 12.31 23.92 -20.45
N ASP L 30 11.83 25.10 -20.07
CA ASP L 30 12.41 25.89 -18.98
C ASP L 30 11.58 25.65 -17.73
N LEU L 31 10.47 24.95 -17.93
CA LEU L 31 9.57 24.64 -16.86
C LEU L 31 10.23 23.77 -15.82
N HIS L 32 10.16 24.21 -14.57
CA HIS L 32 10.75 23.49 -13.46
C HIS L 32 10.00 23.81 -12.19
N CYS L 33 10.05 22.86 -11.26
CA CYS L 33 9.43 23.07 -9.96
C CYS L 33 10.54 23.90 -9.23
N LYS L 34 10.19 24.51 -8.11
CA LYS L 34 11.18 25.31 -7.43
C LYS L 34 11.98 24.73 -6.27
N VAL L 35 12.56 23.54 -6.40
CA VAL L 35 13.40 22.96 -5.33
C VAL L 35 14.82 23.43 -5.49
N LYS L 36 15.71 22.97 -4.61
CA LYS L 36 17.11 23.33 -4.77
C LYS L 36 17.95 22.07 -4.88
N CYS L 37 18.30 21.72 -6.11
CA CYS L 37 19.12 20.54 -6.37
C CYS L 37 20.54 20.93 -6.06
N GLU L 38 21.21 20.10 -5.28
CA GLU L 38 22.60 20.36 -4.94
C GLU L 38 23.37 20.53 -6.25
N HIS L 39 23.21 19.58 -7.18
CA HIS L 39 23.94 19.66 -8.43
C HIS L 39 23.16 20.09 -9.65
N GLY L 40 22.00 20.71 -9.45
CA GLY L 40 21.23 21.15 -10.59
C GLY L 40 20.29 20.08 -11.10
N PHE L 41 19.42 20.42 -12.05
CA PHE L 41 18.49 19.46 -12.58
C PHE L 41 19.07 18.41 -13.52
N LYS L 42 18.55 17.20 -13.40
CA LYS L 42 19.00 16.08 -14.21
C LYS L 42 18.79 16.28 -15.73
N LYS L 43 19.81 15.97 -16.52
CA LYS L 43 19.71 16.13 -17.98
C LYS L 43 19.65 14.81 -18.74
N ASP L 44 18.81 14.77 -19.75
CA ASP L 44 18.64 13.58 -20.59
C ASP L 44 19.69 13.56 -21.67
N ASP L 45 19.75 12.45 -22.40
CA ASP L 45 20.72 12.25 -23.47
C ASP L 45 20.67 13.33 -24.55
N ASN L 46 19.53 14.03 -24.61
CA ASN L 46 19.31 15.09 -25.59
C ASN L 46 19.79 16.46 -25.13
N GLY L 47 20.15 16.56 -23.86
CA GLY L 47 20.62 17.83 -23.32
C GLY L 47 19.58 18.59 -22.50
N CYS L 48 18.33 18.18 -22.59
CA CYS L 48 17.26 18.84 -21.85
C CYS L 48 17.35 18.49 -20.37
N GLU L 49 16.80 19.35 -19.51
CA GLU L 49 16.78 19.12 -18.06
C GLU L 49 15.40 18.64 -17.69
N TYR L 50 15.32 17.69 -16.77
CA TYR L 50 14.03 17.17 -16.32
C TYR L 50 13.39 18.25 -15.48
N ALA L 51 12.09 18.45 -15.65
CA ALA L 51 11.35 19.47 -14.91
C ALA L 51 11.57 19.48 -13.41
N CYS L 52 11.40 18.32 -12.77
CA CYS L 52 11.58 18.26 -11.31
C CYS L 52 12.41 17.06 -10.85
N ILE L 53 13.60 16.90 -11.42
CA ILE L 53 14.48 15.80 -11.03
C ILE L 53 15.88 16.34 -10.98
N CYS L 54 16.54 16.08 -9.85
CA CYS L 54 17.87 16.58 -9.64
C CYS L 54 18.97 15.60 -10.01
N ALA L 55 20.08 16.16 -10.47
CA ALA L 55 21.25 15.43 -10.88
C ALA L 55 21.97 14.85 -9.70
N ASP L 56 22.42 13.61 -9.84
CA ASP L 56 23.14 12.91 -8.77
C ASP L 56 24.61 13.34 -8.64
N ALA L 57 25.13 14.04 -9.64
CA ALA L 57 26.53 14.49 -9.64
C ALA L 57 26.67 15.72 -10.53
N PRO L 58 27.73 16.52 -10.32
CA PRO L 58 27.93 17.71 -11.14
C PRO L 58 28.22 17.26 -12.56
N GLN L 59 27.70 18.02 -13.53
CA GLN L 59 27.89 17.71 -14.97
C GLN L 59 29.23 18.18 -15.57
#